data_7JJ3
# 
_entry.id   7JJ3 
# 
_audit_conform.dict_name       mmcif_pdbx.dic 
_audit_conform.dict_version    5.380 
_audit_conform.dict_location   http://mmcif.pdb.org/dictionaries/ascii/mmcif_pdbx.dic 
# 
loop_
_database_2.database_id 
_database_2.database_code 
_database_2.pdbx_database_accession 
_database_2.pdbx_DOI 
PDB   7JJ3         pdb_00007jj3 10.2210/pdb7jj3/pdb 
WWPDB D_1000250815 ?            ?                   
# 
_pdbx_database_status.status_code                     REL 
_pdbx_database_status.status_code_sf                  REL 
_pdbx_database_status.status_code_mr                  ? 
_pdbx_database_status.entry_id                        7JJ3 
_pdbx_database_status.recvd_initial_deposition_date   2020-07-24 
_pdbx_database_status.SG_entry                        N 
_pdbx_database_status.deposit_site                    RCSB 
_pdbx_database_status.process_site                    RCSB 
_pdbx_database_status.status_code_cs                  ? 
_pdbx_database_status.status_code_nmr_data            ? 
_pdbx_database_status.methods_development_category    ? 
_pdbx_database_status.pdb_format_compatible           Y 
# 
loop_
_audit_author.name 
_audit_author.pdbx_ordinal 
_audit_author.identifier_ORCID 
'Simmons, C.R.'      1 0000-0002-2290-6132 
'MacCulloch, T.'     2 0000-0001-5875-3361 
'Stephanopoulos, N.' 3 0000-0001-7859-410X 
'Yan, H.'            4 0000-0001-7397-9852 
# 
_citation.abstract                  ? 
_citation.abstract_id_CAS           ? 
_citation.book_id_ISBN              ? 
_citation.book_publisher            ? 
_citation.book_publisher_city       ? 
_citation.book_title                ? 
_citation.coordinate_linkage        ? 
_citation.country                   UK 
_citation.database_id_Medline       ? 
_citation.details                   ? 
_citation.id                        primary 
_citation.journal_abbrev            'Nat Commun' 
_citation.journal_id_ASTM           ? 
_citation.journal_id_CSD            ? 
_citation.journal_id_ISSN           2041-1723 
_citation.journal_full              ? 
_citation.journal_issue             ? 
_citation.journal_volume            13 
_citation.language                  ? 
_citation.page_first                3112 
_citation.page_last                 3112 
_citation.title                     'The influence of Holliday junction sequence and dynamics on DNA crystal self-assembly.' 
_citation.year                      2022 
_citation.database_id_CSD           ? 
_citation.pdbx_database_id_DOI      10.1038/s41467-022-30779-6 
_citation.pdbx_database_id_PubMed   35662248 
_citation.unpublished_flag          ? 
# 
loop_
_citation_author.citation_id 
_citation_author.name 
_citation_author.ordinal 
_citation_author.identifier_ORCID 
primary 'Simmons, C.R.'      1  ?                   
primary 'MacCulloch, T.'     2  ?                   
primary 'Krepl, M.'          3  0000-0002-9833-4281 
primary 'Matthies, M.'       4  ?                   
primary 'Buchberger, A.'     5  ?                   
primary 'Crawford, I.'       6  ?                   
primary 'Sponer, J.'         7  0000-0001-6558-6186 
primary 'Sulc, P.'           8  0000-0003-1565-6769 
primary 'Stephanopoulos, N.' 9  0000-0001-7859-410X 
primary 'Yan, H.'            10 0000-0001-7397-9852 
# 
_cell.angle_alpha                  90.000 
_cell.angle_alpha_esd              ? 
_cell.angle_beta                   90.000 
_cell.angle_beta_esd               ? 
_cell.angle_gamma                  120.000 
_cell.angle_gamma_esd              ? 
_cell.entry_id                     7JJ3 
_cell.details                      ? 
_cell.formula_units_Z              ? 
_cell.length_a                     113.310 
_cell.length_a_esd                 ? 
_cell.length_b                     113.310 
_cell.length_b_esd                 ? 
_cell.length_c                     51.478 
_cell.length_c_esd                 ? 
_cell.volume                       ? 
_cell.volume_esd                   ? 
_cell.Z_PDB                        9 
_cell.reciprocal_angle_alpha       ? 
_cell.reciprocal_angle_beta        ? 
_cell.reciprocal_angle_gamma       ? 
_cell.reciprocal_angle_alpha_esd   ? 
_cell.reciprocal_angle_beta_esd    ? 
_cell.reciprocal_angle_gamma_esd   ? 
_cell.reciprocal_length_a          ? 
_cell.reciprocal_length_b          ? 
_cell.reciprocal_length_c          ? 
_cell.reciprocal_length_a_esd      ? 
_cell.reciprocal_length_b_esd      ? 
_cell.reciprocal_length_c_esd      ? 
_cell.pdbx_unique_axis             ? 
# 
_symmetry.entry_id                         7JJ3 
_symmetry.cell_setting                     ? 
_symmetry.Int_Tables_number                146 
_symmetry.space_group_name_Hall            ? 
_symmetry.space_group_name_H-M             'H 3' 
_symmetry.pdbx_full_space_group_name_H-M   ? 
# 
loop_
_entity.id 
_entity.type 
_entity.src_method 
_entity.pdbx_description 
_entity.formula_weight 
_entity.pdbx_number_of_molecules 
_entity.pdbx_ec 
_entity.pdbx_mutation 
_entity.pdbx_fragment 
_entity.details 
1 polymer     syn 
;DNA (5'-D(*GP*AP*AP*CP*GP*AP*CP*AP*GP*TP*GP*A)-3')
;
3720.456 1 ? ? ? ? 
2 polymer     syn 
;DNA (5'-D(P*CP*GP*CP*CP*GP*AP*CP*TP*C)-3')
;
2676.763 1 ? ? ? ? 
3 polymer     syn 
;DNA (5'-D(P*TP*CP*AP*GP*CP*G)-3')
;
1809.217 1 ? ? ? ? 
4 polymer     syn 
;DNA (5'-D(*TP*CP*GP*AP*GP*TP*CP*GP*CP*TP*GP*TP*CP*GP*T)-3')
;
4591.969 1 ? ? ? ? 
5 non-polymer syn 'MAGNESIUM ION'                                               24.305   3 ? ? ? ? 
6 non-polymer syn 'CACODYLATE ION'                                              136.989  2 ? ? ? ? 
# 
loop_
_entity_poly.entity_id 
_entity_poly.type 
_entity_poly.nstd_linkage 
_entity_poly.nstd_monomer 
_entity_poly.pdbx_seq_one_letter_code 
_entity_poly.pdbx_seq_one_letter_code_can 
_entity_poly.pdbx_strand_id 
_entity_poly.pdbx_target_identifier 
1 polydeoxyribonucleotide no no '(DG)(DA)(DA)(DC)(DG)(DA)(DC)(DA)(DG)(DT)(DG)(DA)'             GAACGACAGTGA    A ? 
2 polydeoxyribonucleotide no no '(DC)(DG)(DC)(DC)(DG)(DA)(DC)(DT)(DC)'                         CGCCGACTC       B ? 
3 polydeoxyribonucleotide no no '(DT)(DC)(DA)(DG)(DC)(DG)'                                     TCAGCG          C ? 
4 polydeoxyribonucleotide no no '(DT)(DC)(DG)(DA)(DG)(DT)(DC)(DG)(DC)(DT)(DG)(DT)(DC)(DG)(DT)' TCGAGTCGCTGTCGT D ? 
# 
loop_
_entity_poly_seq.entity_id 
_entity_poly_seq.num 
_entity_poly_seq.mon_id 
_entity_poly_seq.hetero 
1 1  DG n 
1 2  DA n 
1 3  DA n 
1 4  DC n 
1 5  DG n 
1 6  DA n 
1 7  DC n 
1 8  DA n 
1 9  DG n 
1 10 DT n 
1 11 DG n 
1 12 DA n 
2 1  DC n 
2 2  DG n 
2 3  DC n 
2 4  DC n 
2 5  DG n 
2 6  DA n 
2 7  DC n 
2 8  DT n 
2 9  DC n 
3 1  DT n 
3 2  DC n 
3 3  DA n 
3 4  DG n 
3 5  DC n 
3 6  DG n 
4 1  DT n 
4 2  DC n 
4 3  DG n 
4 4  DA n 
4 5  DG n 
4 6  DT n 
4 7  DC n 
4 8  DG n 
4 9  DC n 
4 10 DT n 
4 11 DG n 
4 12 DT n 
4 13 DC n 
4 14 DG n 
4 15 DT n 
# 
loop_
_pdbx_entity_src_syn.entity_id 
_pdbx_entity_src_syn.pdbx_src_id 
_pdbx_entity_src_syn.pdbx_alt_source_flag 
_pdbx_entity_src_syn.pdbx_beg_seq_num 
_pdbx_entity_src_syn.pdbx_end_seq_num 
_pdbx_entity_src_syn.organism_scientific 
_pdbx_entity_src_syn.organism_common_name 
_pdbx_entity_src_syn.ncbi_taxonomy_id 
_pdbx_entity_src_syn.details 
1 1 sample 1 12 'synthetic construct' ? 32630 ? 
2 1 sample 1 9  'synthetic construct' ? 32630 ? 
3 1 sample 1 6  'synthetic construct' ? 32630 ? 
4 1 sample 1 15 'synthetic construct' ? 32630 ? 
# 
loop_
_struct_ref.id 
_struct_ref.db_name 
_struct_ref.db_code 
_struct_ref.pdbx_db_accession 
_struct_ref.pdbx_db_isoform 
_struct_ref.entity_id 
_struct_ref.pdbx_seq_one_letter_code 
_struct_ref.pdbx_align_begin 
1 PDB 7JJ3 7JJ3 ? 1 ? 1 
2 PDB 7JJ3 7JJ3 ? 2 ? 1 
3 PDB 7JJ3 7JJ3 ? 3 ? 1 
4 PDB 7JJ3 7JJ3 ? 4 ? 1 
# 
loop_
_struct_ref_seq.align_id 
_struct_ref_seq.ref_id 
_struct_ref_seq.pdbx_PDB_id_code 
_struct_ref_seq.pdbx_strand_id 
_struct_ref_seq.seq_align_beg 
_struct_ref_seq.pdbx_seq_align_beg_ins_code 
_struct_ref_seq.seq_align_end 
_struct_ref_seq.pdbx_seq_align_end_ins_code 
_struct_ref_seq.pdbx_db_accession 
_struct_ref_seq.db_align_beg 
_struct_ref_seq.pdbx_db_align_beg_ins_code 
_struct_ref_seq.db_align_end 
_struct_ref_seq.pdbx_db_align_end_ins_code 
_struct_ref_seq.pdbx_auth_seq_align_beg 
_struct_ref_seq.pdbx_auth_seq_align_end 
1 1 7JJ3 A 1 ? 12 ? 7JJ3 1  ? 12 ? 1  12 
2 2 7JJ3 B 1 ? 9  ? 7JJ3 12 ? 20 ? 12 20 
3 3 7JJ3 C 1 ? 6  ? 7JJ3 0  ? 5  ? 0  5  
4 4 7JJ3 D 1 ? 15 ? 7JJ3 2  ? 16 ? 2  16 
# 
loop_
_chem_comp.id 
_chem_comp.type 
_chem_comp.mon_nstd_flag 
_chem_comp.name 
_chem_comp.pdbx_synonyms 
_chem_comp.formula 
_chem_comp.formula_weight 
CAC non-polymer   . 'CACODYLATE ION'                     dimethylarsinate 'C2 H6 As O2 -1'  136.989 
DA  'DNA linking' y "2'-DEOXYADENOSINE-5'-MONOPHOSPHATE" ?                'C10 H14 N5 O6 P' 331.222 
DC  'DNA linking' y "2'-DEOXYCYTIDINE-5'-MONOPHOSPHATE"  ?                'C9 H14 N3 O7 P'  307.197 
DG  'DNA linking' y "2'-DEOXYGUANOSINE-5'-MONOPHOSPHATE" ?                'C10 H14 N5 O7 P' 347.221 
DT  'DNA linking' y "THYMIDINE-5'-MONOPHOSPHATE"         ?                'C10 H15 N2 O8 P' 322.208 
MG  non-polymer   . 'MAGNESIUM ION'                      ?                'Mg 2'            24.305  
# 
_exptl.absorpt_coefficient_mu     ? 
_exptl.absorpt_correction_T_max   ? 
_exptl.absorpt_correction_T_min   ? 
_exptl.absorpt_correction_type    ? 
_exptl.absorpt_process_details    ? 
_exptl.entry_id                   7JJ3 
_exptl.crystals_number            1 
_exptl.details                    ? 
_exptl.method                     'X-RAY DIFFRACTION' 
_exptl.method_details             ? 
# 
_exptl_crystal.colour                      ? 
_exptl_crystal.density_diffrn              ? 
_exptl_crystal.density_Matthews            4.97 
_exptl_crystal.density_method              ? 
_exptl_crystal.density_percent_sol         75.25 
_exptl_crystal.description                 ? 
_exptl_crystal.F_000                       ? 
_exptl_crystal.id                          1 
_exptl_crystal.preparation                 ? 
_exptl_crystal.size_max                    ? 
_exptl_crystal.size_mid                    ? 
_exptl_crystal.size_min                    ? 
_exptl_crystal.size_rad                    ? 
_exptl_crystal.colour_lustre               ? 
_exptl_crystal.colour_modifier             ? 
_exptl_crystal.colour_primary              ? 
_exptl_crystal.density_meas                ? 
_exptl_crystal.density_meas_esd            ? 
_exptl_crystal.density_meas_gt             ? 
_exptl_crystal.density_meas_lt             ? 
_exptl_crystal.density_meas_temp           ? 
_exptl_crystal.density_meas_temp_esd       ? 
_exptl_crystal.density_meas_temp_gt        ? 
_exptl_crystal.density_meas_temp_lt        ? 
_exptl_crystal.pdbx_crystal_image_url      ? 
_exptl_crystal.pdbx_crystal_image_format   ? 
_exptl_crystal.pdbx_mosaicity              ? 
_exptl_crystal.pdbx_mosaicity_esd          ? 
# 
_exptl_crystal_grow.apparatus       ? 
_exptl_crystal_grow.atmosphere      ? 
_exptl_crystal_grow.crystal_id      1 
_exptl_crystal_grow.details         ? 
_exptl_crystal_grow.method          'VAPOR DIFFUSION, SITTING DROP' 
_exptl_crystal_grow.method_ref      ? 
_exptl_crystal_grow.pH              ? 
_exptl_crystal_grow.pressure        ? 
_exptl_crystal_grow.pressure_esd    ? 
_exptl_crystal_grow.seeding         ? 
_exptl_crystal_grow.seeding_ref     ? 
_exptl_crystal_grow.temp            298 
_exptl_crystal_grow.temp_details    'temperature gradient generated from 60 to 25 C at 0.3 degrees per hour' 
_exptl_crystal_grow.temp_esd        ? 
_exptl_crystal_grow.time            ? 
_exptl_crystal_grow.pdbx_details    
;0.5 mL of 0.05 M Cacodylate pH 7.0 with 18 mM MgCl2, 2.25 mM spermine, 0.9 mM CoH18N6, and 4.5% MPD was added to the reservoir with 2 uL added to the drop containing 4 uL of DNA stock
;
_exptl_crystal_grow.pdbx_pH_range   ? 
# 
_diffrn.ambient_environment              ? 
_diffrn.ambient_temp                     100 
_diffrn.ambient_temp_details             ? 
_diffrn.ambient_temp_esd                 ? 
_diffrn.crystal_id                       1 
_diffrn.crystal_support                  ? 
_diffrn.crystal_treatment                ? 
_diffrn.details                          ? 
_diffrn.id                               1 
_diffrn.ambient_pressure                 ? 
_diffrn.ambient_pressure_esd             ? 
_diffrn.ambient_pressure_gt              ? 
_diffrn.ambient_pressure_lt              ? 
_diffrn.ambient_temp_gt                  ? 
_diffrn.ambient_temp_lt                  ? 
_diffrn.pdbx_serial_crystal_experiment   N 
# 
_diffrn_detector.details                      ? 
_diffrn_detector.detector                     PIXEL 
_diffrn_detector.diffrn_id                    1 
_diffrn_detector.type                         'DECTRIS EIGER X 9M' 
_diffrn_detector.area_resol_mean              ? 
_diffrn_detector.dtime                        ? 
_diffrn_detector.pdbx_frames_total            ? 
_diffrn_detector.pdbx_collection_time_total   ? 
_diffrn_detector.pdbx_collection_date         2018-06-15 
_diffrn_detector.pdbx_frequency               ? 
# 
_diffrn_radiation.collimation                      ? 
_diffrn_radiation.diffrn_id                        1 
_diffrn_radiation.filter_edge                      ? 
_diffrn_radiation.inhomogeneity                    ? 
_diffrn_radiation.monochromator                    ? 
_diffrn_radiation.polarisn_norm                    ? 
_diffrn_radiation.polarisn_ratio                   ? 
_diffrn_radiation.probe                            ? 
_diffrn_radiation.type                             ? 
_diffrn_radiation.xray_symbol                      ? 
_diffrn_radiation.wavelength_id                    1 
_diffrn_radiation.pdbx_monochromatic_or_laue_m_l   M 
_diffrn_radiation.pdbx_wavelength_list             ? 
_diffrn_radiation.pdbx_wavelength                  ? 
_diffrn_radiation.pdbx_diffrn_protocol             'SINGLE WAVELENGTH' 
_diffrn_radiation.pdbx_analyzer                    ? 
_diffrn_radiation.pdbx_scattering_type             x-ray 
# 
_diffrn_radiation_wavelength.id           1 
_diffrn_radiation_wavelength.wavelength   1 
_diffrn_radiation_wavelength.wt           1.0 
# 
_diffrn_source.current                     ? 
_diffrn_source.details                     ? 
_diffrn_source.diffrn_id                   1 
_diffrn_source.power                       ? 
_diffrn_source.size                        ? 
_diffrn_source.source                      SYNCHROTRON 
_diffrn_source.target                      ? 
_diffrn_source.type                        'NSLS-II BEAMLINE 17-ID-2' 
_diffrn_source.voltage                     ? 
_diffrn_source.take-off_angle              ? 
_diffrn_source.pdbx_wavelength_list        1 
_diffrn_source.pdbx_wavelength             ? 
_diffrn_source.pdbx_synchrotron_beamline   17-ID-2 
_diffrn_source.pdbx_synchrotron_site       NSLS-II 
# 
_reflns.B_iso_Wilson_estimate            78.720 
_reflns.entry_id                         7JJ3 
_reflns.data_reduction_details           ? 
_reflns.data_reduction_method            ? 
_reflns.d_resolution_high                2.987 
_reflns.d_resolution_low                 50.000 
_reflns.details                          ? 
_reflns.limit_h_max                      ? 
_reflns.limit_h_min                      ? 
_reflns.limit_k_max                      ? 
_reflns.limit_k_min                      ? 
_reflns.limit_l_max                      ? 
_reflns.limit_l_min                      ? 
_reflns.number_all                       ? 
_reflns.number_obs                       4978 
_reflns.observed_criterion               ? 
_reflns.observed_criterion_F_max         ? 
_reflns.observed_criterion_F_min         ? 
_reflns.observed_criterion_I_max         ? 
_reflns.observed_criterion_I_min         ? 
_reflns.observed_criterion_sigma_F       ? 
_reflns.observed_criterion_sigma_I       ? 
_reflns.percent_possible_obs             99.500 
_reflns.R_free_details                   ? 
_reflns.Rmerge_F_all                     ? 
_reflns.Rmerge_F_obs                     ? 
_reflns.Friedel_coverage                 ? 
_reflns.number_gt                        ? 
_reflns.threshold_expression             ? 
_reflns.pdbx_redundancy                  9.700 
_reflns.pdbx_Rmerge_I_obs                0.086 
_reflns.pdbx_Rmerge_I_all                ? 
_reflns.pdbx_Rsym_value                  ? 
_reflns.pdbx_netI_over_av_sigmaI         ? 
_reflns.pdbx_netI_over_sigmaI            7.000 
_reflns.pdbx_res_netI_over_av_sigmaI_2   ? 
_reflns.pdbx_res_netI_over_sigmaI_2      ? 
_reflns.pdbx_chi_squared                 1.367 
_reflns.pdbx_scaling_rejects             ? 
_reflns.pdbx_d_res_high_opt              ? 
_reflns.pdbx_d_res_low_opt               ? 
_reflns.pdbx_d_res_opt_method            ? 
_reflns.phase_calculation_details        ? 
_reflns.pdbx_Rrim_I_all                  0.090 
_reflns.pdbx_Rpim_I_all                  0.029 
_reflns.pdbx_d_opt                       ? 
_reflns.pdbx_number_measured_all         ? 
_reflns.pdbx_diffrn_id                   1 
_reflns.pdbx_ordinal                     1 
_reflns.pdbx_CC_half                     1 
_reflns.pdbx_CC_star                     ? 
_reflns.pdbx_R_split                     ? 
# 
loop_
_reflns_shell.d_res_high 
_reflns_shell.d_res_low 
_reflns_shell.meanI_over_sigI_all 
_reflns_shell.meanI_over_sigI_obs 
_reflns_shell.number_measured_all 
_reflns_shell.number_measured_obs 
_reflns_shell.number_possible 
_reflns_shell.number_unique_all 
_reflns_shell.number_unique_obs 
_reflns_shell.percent_possible_all 
_reflns_shell.percent_possible_obs 
_reflns_shell.Rmerge_F_all 
_reflns_shell.Rmerge_F_obs 
_reflns_shell.Rmerge_I_all 
_reflns_shell.Rmerge_I_obs 
_reflns_shell.meanI_over_sigI_gt 
_reflns_shell.meanI_over_uI_all 
_reflns_shell.meanI_over_uI_gt 
_reflns_shell.number_measured_gt 
_reflns_shell.number_unique_gt 
_reflns_shell.percent_possible_gt 
_reflns_shell.Rmerge_F_gt 
_reflns_shell.Rmerge_I_gt 
_reflns_shell.pdbx_redundancy 
_reflns_shell.pdbx_Rsym_value 
_reflns_shell.pdbx_chi_squared 
_reflns_shell.pdbx_netI_over_sigmaI_all 
_reflns_shell.pdbx_netI_over_sigmaI_obs 
_reflns_shell.pdbx_Rrim_I_all 
_reflns_shell.pdbx_Rpim_I_all 
_reflns_shell.pdbx_rejects 
_reflns_shell.pdbx_ordinal 
_reflns_shell.pdbx_diffrn_id 
_reflns_shell.pdbx_CC_half 
_reflns_shell.pdbx_CC_star 
_reflns_shell.pdbx_R_split 
3.000 3.050  ? ? ? ? ? ? 231 92.800  ? ? ? ? 0.663 ? ? ? ? ? ? ? ? 7.500  ? 0.358 ? ? 0.706 0.236 ? 1  1 0.825 ? ? 
3.050 3.110  ? ? ? ? ? ? 253 98.100  ? ? ? ? 0.354 ? ? ? ? ? ? ? ? 7.400  ? 0.409 ? ? 0.378 0.130 ? 2  1 0.977 ? ? 
3.110 3.170  ? ? ? ? ? ? 236 99.600  ? ? ? ? 0.201 ? ? ? ? ? ? ? ? 7.600  ? 0.516 ? ? 0.214 0.074 ? 3  1 0.995 ? ? 
3.170 3.230  ? ? ? ? ? ? 273 100.000 ? ? ? ? 0.105 ? ? ? ? ? ? ? ? 8.200  ? 0.682 ? ? 0.112 0.038 ? 4  1 0.996 ? ? 
3.230 3.300  ? ? ? ? ? ? 231 100.000 ? ? ? ? 0.158 ? ? ? ? ? ? ? ? 9.400  ? 0.681 ? ? 0.167 0.053 ? 5  1 0.997 ? ? 
3.300 3.380  ? ? ? ? ? ? 269 100.000 ? ? ? ? 0.113 ? ? ? ? ? ? ? ? 9.200  ? 0.738 ? ? 0.120 0.040 ? 6  1 0.996 ? ? 
3.380 3.460  ? ? ? ? ? ? 232 100.000 ? ? ? ? 0.109 ? ? ? ? ? ? ? ? 9.000  ? 0.764 ? ? 0.116 0.040 ? 7  1 0.998 ? ? 
3.460 3.560  ? ? ? ? ? ? 244 100.000 ? ? ? ? 0.105 ? ? ? ? ? ? ? ? 10.200 ? 0.758 ? ? 0.111 0.035 ? 8  1 0.998 ? ? 
3.560 3.660  ? ? ? ? ? ? 264 100.000 ? ? ? ? 0.137 ? ? ? ? ? ? ? ? 10.300 ? 0.763 ? ? 0.144 0.045 ? 9  1 0.997 ? ? 
3.660 3.780  ? ? ? ? ? ? 249 100.000 ? ? ? ? 0.180 ? ? ? ? ? ? ? ? 10.100 ? 1.158 ? ? 0.190 0.059 ? 10 1 0.989 ? ? 
3.780 3.910  ? ? ? ? ? ? 253 100.000 ? ? ? ? 0.159 ? ? ? ? ? ? ? ? 10.800 ? 0.871 ? ? 0.167 0.051 ? 11 1 0.993 ? ? 
3.910 4.070  ? ? ? ? ? ? 239 100.000 ? ? ? ? 0.122 ? ? ? ? ? ? ? ? 10.700 ? 1.132 ? ? 0.129 0.039 ? 12 1 0.993 ? ? 
4.070 4.260  ? ? ? ? ? ? 257 100.000 ? ? ? ? 0.110 ? ? ? ? ? ? ? ? 10.600 ? 1.181 ? ? 0.115 0.036 ? 13 1 0.995 ? ? 
4.260 4.480  ? ? ? ? ? ? 248 100.000 ? ? ? ? 0.114 ? ? ? ? ? ? ? ? 10.400 ? 1.239 ? ? 0.120 0.037 ? 14 1 0.994 ? ? 
4.480 4.760  ? ? ? ? ? ? 250 100.000 ? ? ? ? 0.104 ? ? ? ? ? ? ? ? 10.700 ? 1.059 ? ? 0.110 0.034 ? 15 1 0.996 ? ? 
4.760 5.130  ? ? ? ? ? ? 245 100.000 ? ? ? ? 0.091 ? ? ? ? ? ? ? ? 10.300 ? 2.542 ? ? 0.096 0.030 ? 16 1 0.993 ? ? 
5.130 5.640  ? ? ? ? ? ? 263 100.000 ? ? ? ? 0.070 ? ? ? ? ? ? ? ? 9.700  ? 2.192 ? ? 0.075 0.024 ? 17 1 0.996 ? ? 
5.640 6.460  ? ? ? ? ? ? 237 100.000 ? ? ? ? 0.071 ? ? ? ? ? ? ? ? 9.500  ? 1.727 ? ? 0.076 0.025 ? 18 1 0.992 ? ? 
6.460 8.130  ? ? ? ? ? ? 256 100.000 ? ? ? ? 0.058 ? ? ? ? ? ? ? ? 10.300 ? 2.022 ? ? 0.061 0.019 ? 19 1 0.998 ? ? 
8.130 50.000 ? ? ? ? ? ? 248 100.000 ? ? ? ? 0.063 ? ? ? ? ? ? ? ? 11.300 ? 5.014 ? ? 0.066 0.021 ? 20 1 0.995 ? ? 
# 
_refine.aniso_B[1][1]                            ? 
_refine.aniso_B[1][2]                            ? 
_refine.aniso_B[1][3]                            ? 
_refine.aniso_B[2][2]                            ? 
_refine.aniso_B[2][3]                            ? 
_refine.aniso_B[3][3]                            ? 
_refine.B_iso_max                                139.920 
_refine.B_iso_mean                               68.5416 
_refine.B_iso_min                                32.630 
_refine.correlation_coeff_Fo_to_Fc               ? 
_refine.correlation_coeff_Fo_to_Fc_free          ? 
_refine.details                                  ? 
_refine.diff_density_max                         ? 
_refine.diff_density_max_esd                     ? 
_refine.diff_density_min                         ? 
_refine.diff_density_min_esd                     ? 
_refine.diff_density_rms                         ? 
_refine.diff_density_rms_esd                     ? 
_refine.entry_id                                 7JJ3 
_refine.pdbx_refine_id                           'X-RAY DIFFRACTION' 
_refine.ls_abs_structure_details                 ? 
_refine.ls_abs_structure_Flack                   ? 
_refine.ls_abs_structure_Flack_esd               ? 
_refine.ls_abs_structure_Rogers                  ? 
_refine.ls_abs_structure_Rogers_esd              ? 
_refine.ls_d_res_high                            2.9870 
_refine.ls_d_res_low                             35.5160 
_refine.ls_extinction_coef                       ? 
_refine.ls_extinction_coef_esd                   ? 
_refine.ls_extinction_expression                 ? 
_refine.ls_extinction_method                     ? 
_refine.ls_goodness_of_fit_all                   ? 
_refine.ls_goodness_of_fit_all_esd               ? 
_refine.ls_goodness_of_fit_obs                   ? 
_refine.ls_goodness_of_fit_obs_esd               ? 
_refine.ls_hydrogen_treatment                    ? 
_refine.ls_matrix_type                           ? 
_refine.ls_number_constraints                    ? 
_refine.ls_number_parameters                     ? 
_refine.ls_number_reflns_all                     ? 
_refine.ls_number_reflns_obs                     4869 
_refine.ls_number_reflns_R_free                  244 
_refine.ls_number_reflns_R_work                  4625 
_refine.ls_number_restraints                     ? 
_refine.ls_percent_reflns_obs                    97.3000 
_refine.ls_percent_reflns_R_free                 5.0100 
_refine.ls_R_factor_all                          ? 
_refine.ls_R_factor_obs                          0.2012 
_refine.ls_R_factor_R_free                       0.2259 
_refine.ls_R_factor_R_free_error                 ? 
_refine.ls_R_factor_R_free_error_details         ? 
_refine.ls_R_factor_R_work                       0.1998 
_refine.ls_R_Fsqd_factor_obs                     ? 
_refine.ls_R_I_factor_obs                        ? 
_refine.ls_redundancy_reflns_all                 ? 
_refine.ls_redundancy_reflns_obs                 ? 
_refine.ls_restrained_S_all                      ? 
_refine.ls_restrained_S_obs                      ? 
_refine.ls_shift_over_esd_max                    ? 
_refine.ls_shift_over_esd_mean                   ? 
_refine.ls_structure_factor_coef                 ? 
_refine.ls_weighting_details                     ? 
_refine.ls_weighting_scheme                      ? 
_refine.ls_wR_factor_all                         ? 
_refine.ls_wR_factor_obs                         ? 
_refine.ls_wR_factor_R_free                      ? 
_refine.ls_wR_factor_R_work                      ? 
_refine.occupancy_max                            ? 
_refine.occupancy_min                            ? 
_refine.solvent_model_details                    'FLAT BULK SOLVENT MODEL' 
_refine.solvent_model_param_bsol                 ? 
_refine.solvent_model_param_ksol                 ? 
_refine.pdbx_R_complete                          ? 
_refine.ls_R_factor_gt                           ? 
_refine.ls_goodness_of_fit_gt                    ? 
_refine.ls_goodness_of_fit_ref                   ? 
_refine.ls_shift_over_su_max                     ? 
_refine.ls_shift_over_su_max_lt                  ? 
_refine.ls_shift_over_su_mean                    ? 
_refine.ls_shift_over_su_mean_lt                 ? 
_refine.pdbx_ls_sigma_I                          ? 
_refine.pdbx_ls_sigma_F                          2.010 
_refine.pdbx_ls_sigma_Fsqd                       ? 
_refine.pdbx_data_cutoff_high_absF               ? 
_refine.pdbx_data_cutoff_high_rms_absF           ? 
_refine.pdbx_data_cutoff_low_absF                ? 
_refine.pdbx_isotropic_thermal_model             ? 
_refine.pdbx_ls_cross_valid_method               THROUGHOUT 
_refine.pdbx_method_to_determine_struct          'MOLECULAR REPLACEMENT' 
_refine.pdbx_starting_model                      6XNA 
_refine.pdbx_stereochemistry_target_values       ML 
_refine.pdbx_R_Free_selection_details            ? 
_refine.pdbx_stereochem_target_val_spec_case     ? 
_refine.pdbx_overall_ESU_R                       ? 
_refine.pdbx_overall_ESU_R_Free                  ? 
_refine.pdbx_solvent_vdw_probe_radii             1.1100 
_refine.pdbx_solvent_ion_probe_radii             ? 
_refine.pdbx_solvent_shrinkage_radii             0.9000 
_refine.pdbx_real_space_R                        ? 
_refine.pdbx_density_correlation                 ? 
_refine.pdbx_pd_number_of_powder_patterns        ? 
_refine.pdbx_pd_number_of_points                 ? 
_refine.pdbx_pd_meas_number_of_points            ? 
_refine.pdbx_pd_proc_ls_prof_R_factor            ? 
_refine.pdbx_pd_proc_ls_prof_wR_factor           ? 
_refine.pdbx_pd_Marquardt_correlation_coeff      ? 
_refine.pdbx_pd_Fsqrd_R_factor                   ? 
_refine.pdbx_pd_ls_matrix_band_width             ? 
_refine.pdbx_overall_phase_error                 24.6200 
_refine.pdbx_overall_SU_R_free_Cruickshank_DPI   ? 
_refine.pdbx_overall_SU_R_free_Blow_DPI          ? 
_refine.pdbx_overall_SU_R_Blow_DPI               ? 
_refine.pdbx_TLS_residual_ADP_flag               ? 
_refine.pdbx_diffrn_id                           1 
_refine.overall_SU_B                             ? 
_refine.overall_SU_ML                            0.3500 
_refine.overall_SU_R_Cruickshank_DPI             ? 
_refine.overall_SU_R_free                        ? 
_refine.overall_FOM_free_R_set                   ? 
_refine.overall_FOM_work_R_set                   ? 
_refine.pdbx_average_fsc_overall                 ? 
_refine.pdbx_average_fsc_work                    ? 
_refine.pdbx_average_fsc_free                    ? 
# 
_refine_hist.pdbx_refine_id                   'X-RAY DIFFRACTION' 
_refine_hist.cycle_id                         final 
_refine_hist.details                          ? 
_refine_hist.d_res_high                       2.9870 
_refine_hist.d_res_low                        35.5160 
_refine_hist.number_atoms_solvent             0 
_refine_hist.number_atoms_total               859 
_refine_hist.number_reflns_all                ? 
_refine_hist.number_reflns_obs                ? 
_refine_hist.number_reflns_R_free             ? 
_refine_hist.number_reflns_R_work             ? 
_refine_hist.R_factor_all                     ? 
_refine_hist.R_factor_obs                     ? 
_refine_hist.R_factor_R_free                  ? 
_refine_hist.R_factor_R_work                  ? 
_refine_hist.pdbx_number_residues_total       42 
_refine_hist.pdbx_B_iso_mean_ligand           80.56 
_refine_hist.pdbx_B_iso_mean_solvent          ? 
_refine_hist.pdbx_number_atoms_protein        0 
_refine_hist.pdbx_number_atoms_nucleic_acid   854 
_refine_hist.pdbx_number_atoms_ligand         5 
_refine_hist.pdbx_number_atoms_lipid          ? 
_refine_hist.pdbx_number_atoms_carb           ? 
_refine_hist.pdbx_pseudo_atom_details         ? 
# 
loop_
_refine_ls_restr.pdbx_refine_id 
_refine_ls_restr.criterion 
_refine_ls_restr.dev_ideal 
_refine_ls_restr.dev_ideal_target 
_refine_ls_restr.number 
_refine_ls_restr.rejects 
_refine_ls_restr.type 
_refine_ls_restr.weight 
_refine_ls_restr.pdbx_restraint_function 
'X-RAY DIFFRACTION' ? 0.007  ? 953  ? f_bond_d           ? ? 
'X-RAY DIFFRACTION' ? 0.905  ? 1461 ? f_angle_d          ? ? 
'X-RAY DIFFRACTION' ? 0.047  ? 166  ? f_chiral_restr     ? ? 
'X-RAY DIFFRACTION' ? 0.006  ? 42   ? f_plane_restr      ? ? 
'X-RAY DIFFRACTION' ? 33.711 ? 406  ? f_dihedral_angle_d ? ? 
# 
loop_
_refine_ls_shell.pdbx_refine_id 
_refine_ls_shell.d_res_high 
_refine_ls_shell.d_res_low 
_refine_ls_shell.number_reflns_all 
_refine_ls_shell.number_reflns_obs 
_refine_ls_shell.number_reflns_R_free 
_refine_ls_shell.number_reflns_R_work 
_refine_ls_shell.percent_reflns_obs 
_refine_ls_shell.percent_reflns_R_free 
_refine_ls_shell.R_factor_all 
_refine_ls_shell.R_factor_obs 
_refine_ls_shell.R_factor_R_free 
_refine_ls_shell.R_factor_R_free_error 
_refine_ls_shell.R_factor_R_work 
_refine_ls_shell.redundancy_reflns_all 
_refine_ls_shell.redundancy_reflns_obs 
_refine_ls_shell.wR_factor_all 
_refine_ls_shell.wR_factor_obs 
_refine_ls_shell.wR_factor_R_free 
_refine_ls_shell.wR_factor_R_work 
_refine_ls_shell.pdbx_R_complete 
_refine_ls_shell.pdbx_total_number_of_bins_used 
_refine_ls_shell.pdbx_phase_error 
_refine_ls_shell.pdbx_fsc_work 
_refine_ls_shell.pdbx_fsc_free 
'X-RAY DIFFRACTION' 2.9872 3.7629 . . 121 2254 95.0000  . . . 0.3007 0.0000 0.3004 . . . . . . . . . . . 
'X-RAY DIFFRACTION' 3.7629 35.516 . . 123 2371 100.0000 . . . 0.1997 0.0000 0.1631 . . . . . . . . . . . 
# 
_struct.entry_id                     7JJ3 
_struct.title                        
;Self-assembly of a 3D DNA crystal lattice (4x6 scramble junction version) containing the J16 immobile Holliday junction with R3 symmetry
;
_struct.pdbx_model_details           ? 
_struct.pdbx_formula_weight          ? 
_struct.pdbx_formula_weight_method   ? 
_struct.pdbx_model_type_details      ? 
_struct.pdbx_CASP_flag               N 
# 
_struct_keywords.entry_id        7JJ3 
_struct_keywords.text            
'Structural DNA nanotechnology, immobile Holliday junctions, 3D DNA self-assembly, designer DNA crystals, DNA' 
_struct_keywords.pdbx_keywords   DNA 
# 
loop_
_struct_asym.id 
_struct_asym.pdbx_blank_PDB_chainid_flag 
_struct_asym.pdbx_modified 
_struct_asym.entity_id 
_struct_asym.details 
A N N 1 ? 
B N N 2 ? 
C N N 3 ? 
D N N 4 ? 
E N N 5 ? 
F N N 6 ? 
G N N 6 ? 
H N N 5 ? 
I N N 5 ? 
# 
loop_
_struct_conn.id 
_struct_conn.conn_type_id 
_struct_conn.pdbx_leaving_atom_flag 
_struct_conn.pdbx_PDB_id 
_struct_conn.ptnr1_label_asym_id 
_struct_conn.ptnr1_label_comp_id 
_struct_conn.ptnr1_label_seq_id 
_struct_conn.ptnr1_label_atom_id 
_struct_conn.pdbx_ptnr1_label_alt_id 
_struct_conn.pdbx_ptnr1_PDB_ins_code 
_struct_conn.pdbx_ptnr1_standard_comp_id 
_struct_conn.ptnr1_symmetry 
_struct_conn.ptnr2_label_asym_id 
_struct_conn.ptnr2_label_comp_id 
_struct_conn.ptnr2_label_seq_id 
_struct_conn.ptnr2_label_atom_id 
_struct_conn.pdbx_ptnr2_label_alt_id 
_struct_conn.pdbx_ptnr2_PDB_ins_code 
_struct_conn.ptnr1_auth_asym_id 
_struct_conn.ptnr1_auth_comp_id 
_struct_conn.ptnr1_auth_seq_id 
_struct_conn.ptnr2_auth_asym_id 
_struct_conn.ptnr2_auth_comp_id 
_struct_conn.ptnr2_auth_seq_id 
_struct_conn.ptnr2_symmetry 
_struct_conn.pdbx_ptnr3_label_atom_id 
_struct_conn.pdbx_ptnr3_label_seq_id 
_struct_conn.pdbx_ptnr3_label_comp_id 
_struct_conn.pdbx_ptnr3_label_asym_id 
_struct_conn.pdbx_ptnr3_label_alt_id 
_struct_conn.pdbx_ptnr3_PDB_ins_code 
_struct_conn.details 
_struct_conn.pdbx_dist_value 
_struct_conn.pdbx_value_order 
_struct_conn.pdbx_role 
hydrog1  hydrog ? ? A DA 3  N1 ? ? ? 1_555 D DT 15 N3 ? ? A DA 3  D DT 16 1_555 ? ? ? ? ? ? WATSON-CRICK ? ? ? 
hydrog2  hydrog ? ? A DA 3  N6 ? ? ? 1_555 D DT 15 O4 ? ? A DA 3  D DT 16 1_555 ? ? ? ? ? ? WATSON-CRICK ? ? ? 
hydrog3  hydrog ? ? A DC 4  N3 ? ? ? 1_555 D DG 14 N1 ? ? A DC 4  D DG 15 1_555 ? ? ? ? ? ? WATSON-CRICK ? ? ? 
hydrog4  hydrog ? ? A DC 4  N4 ? ? ? 1_555 D DG 14 O6 ? ? A DC 4  D DG 15 1_555 ? ? ? ? ? ? WATSON-CRICK ? ? ? 
hydrog5  hydrog ? ? A DC 4  O2 ? ? ? 1_555 D DG 14 N2 ? ? A DC 4  D DG 15 1_555 ? ? ? ? ? ? WATSON-CRICK ? ? ? 
hydrog6  hydrog ? ? A DG 5  N1 ? ? ? 1_555 D DC 13 N3 ? ? A DG 5  D DC 14 1_555 ? ? ? ? ? ? WATSON-CRICK ? ? ? 
hydrog7  hydrog ? ? A DG 5  N2 ? ? ? 1_555 D DC 13 O2 ? ? A DG 5  D DC 14 1_555 ? ? ? ? ? ? WATSON-CRICK ? ? ? 
hydrog8  hydrog ? ? A DG 5  O6 ? ? ? 1_555 D DC 13 N4 ? ? A DG 5  D DC 14 1_555 ? ? ? ? ? ? WATSON-CRICK ? ? ? 
hydrog9  hydrog ? ? A DA 6  N1 ? ? ? 1_555 D DT 12 N3 ? ? A DA 6  D DT 13 1_555 ? ? ? ? ? ? WATSON-CRICK ? ? ? 
hydrog10 hydrog ? ? A DA 6  N6 ? ? ? 1_555 D DT 12 O4 ? ? A DA 6  D DT 13 1_555 ? ? ? ? ? ? WATSON-CRICK ? ? ? 
hydrog11 hydrog ? ? A DC 7  N3 ? ? ? 1_555 D DG 11 N1 ? ? A DC 7  D DG 12 1_555 ? ? ? ? ? ? WATSON-CRICK ? ? ? 
hydrog12 hydrog ? ? A DC 7  N4 ? ? ? 1_555 D DG 11 O6 ? ? A DC 7  D DG 12 1_555 ? ? ? ? ? ? WATSON-CRICK ? ? ? 
hydrog13 hydrog ? ? A DC 7  O2 ? ? ? 1_555 D DG 11 N2 ? ? A DC 7  D DG 12 1_555 ? ? ? ? ? ? WATSON-CRICK ? ? ? 
hydrog14 hydrog ? ? A DA 8  N1 ? ? ? 1_555 D DT 10 N3 ? ? A DA 8  D DT 11 1_555 ? ? ? ? ? ? WATSON-CRICK ? ? ? 
hydrog15 hydrog ? ? A DA 8  N6 ? ? ? 1_555 D DT 10 O4 ? ? A DA 8  D DT 11 1_555 ? ? ? ? ? ? WATSON-CRICK ? ? ? 
hydrog16 hydrog ? ? A DG 9  N1 ? ? ? 1_555 D DC 9  N3 ? ? A DG 9  D DC 10 1_555 ? ? ? ? ? ? WATSON-CRICK ? ? ? 
hydrog17 hydrog ? ? A DG 9  N2 ? ? ? 1_555 D DC 9  O2 ? ? A DG 9  D DC 10 1_555 ? ? ? ? ? ? WATSON-CRICK ? ? ? 
hydrog18 hydrog ? ? A DG 9  O6 ? ? ? 1_555 D DC 9  N4 ? ? A DG 9  D DC 10 1_555 ? ? ? ? ? ? WATSON-CRICK ? ? ? 
hydrog19 hydrog ? ? A DT 10 N3 ? ? ? 1_555 C DA 3  N1 ? ? A DT 10 C DA 2  1_555 ? ? ? ? ? ? WATSON-CRICK ? ? ? 
hydrog20 hydrog ? ? A DT 10 O4 ? ? ? 1_555 C DA 3  N6 ? ? A DT 10 C DA 2  1_555 ? ? ? ? ? ? WATSON-CRICK ? ? ? 
hydrog21 hydrog ? ? A DG 11 N1 ? ? ? 1_555 C DC 2  N3 ? ? A DG 11 C DC 1  1_555 ? ? ? ? ? ? WATSON-CRICK ? ? ? 
hydrog22 hydrog ? ? A DG 11 N2 ? ? ? 1_555 C DC 2  O2 ? ? A DG 11 C DC 1  1_555 ? ? ? ? ? ? WATSON-CRICK ? ? ? 
hydrog23 hydrog ? ? A DG 11 O6 ? ? ? 1_555 C DC 2  N4 ? ? A DG 11 C DC 1  1_555 ? ? ? ? ? ? WATSON-CRICK ? ? ? 
hydrog24 hydrog ? ? A DA 12 N1 ? ? ? 1_555 C DT 1  N3 ? ? A DA 12 C DT 0  1_555 ? ? ? ? ? ? WATSON-CRICK ? ? ? 
hydrog25 hydrog ? ? A DA 12 N6 ? ? ? 1_555 C DT 1  O4 ? ? A DA 12 C DT 0  1_555 ? ? ? ? ? ? WATSON-CRICK ? ? ? 
hydrog26 hydrog ? ? B DC 1  N3 ? ? ? 1_555 C DG 6  N1 ? ? B DC 12 C DG 5  1_555 ? ? ? ? ? ? WATSON-CRICK ? ? ? 
hydrog27 hydrog ? ? B DC 1  N4 ? ? ? 1_555 C DG 6  O6 ? ? B DC 12 C DG 5  1_555 ? ? ? ? ? ? WATSON-CRICK ? ? ? 
hydrog28 hydrog ? ? B DC 1  O2 ? ? ? 1_555 C DG 6  N2 ? ? B DC 12 C DG 5  1_555 ? ? ? ? ? ? WATSON-CRICK ? ? ? 
hydrog29 hydrog ? ? B DG 2  N1 ? ? ? 1_555 C DC 5  N3 ? ? B DG 13 C DC 4  1_555 ? ? ? ? ? ? WATSON-CRICK ? ? ? 
hydrog30 hydrog ? ? B DG 2  N2 ? ? ? 1_555 C DC 5  O2 ? ? B DG 13 C DC 4  1_555 ? ? ? ? ? ? WATSON-CRICK ? ? ? 
hydrog31 hydrog ? ? B DG 2  O6 ? ? ? 1_555 C DC 5  N4 ? ? B DG 13 C DC 4  1_555 ? ? ? ? ? ? WATSON-CRICK ? ? ? 
hydrog32 hydrog ? ? B DC 3  N3 ? ? ? 1_555 C DG 4  N1 ? ? B DC 14 C DG 3  1_555 ? ? ? ? ? ? WATSON-CRICK ? ? ? 
hydrog33 hydrog ? ? B DC 3  N4 ? ? ? 1_555 C DG 4  O6 ? ? B DC 14 C DG 3  1_555 ? ? ? ? ? ? WATSON-CRICK ? ? ? 
hydrog34 hydrog ? ? B DC 3  O2 ? ? ? 1_555 C DG 4  N2 ? ? B DC 14 C DG 3  1_555 ? ? ? ? ? ? WATSON-CRICK ? ? ? 
hydrog35 hydrog ? ? B DC 4  N3 ? ? ? 1_555 D DG 8  N1 ? ? B DC 15 D DG 9  1_555 ? ? ? ? ? ? WATSON-CRICK ? ? ? 
hydrog36 hydrog ? ? B DC 4  N4 ? ? ? 1_555 D DG 8  O6 ? ? B DC 15 D DG 9  1_555 ? ? ? ? ? ? WATSON-CRICK ? ? ? 
hydrog37 hydrog ? ? B DC 4  O2 ? ? ? 1_555 D DG 8  N2 ? ? B DC 15 D DG 9  1_555 ? ? ? ? ? ? WATSON-CRICK ? ? ? 
hydrog38 hydrog ? ? B DG 5  N1 ? ? ? 1_555 D DC 7  N3 ? ? B DG 16 D DC 8  1_555 ? ? ? ? ? ? WATSON-CRICK ? ? ? 
hydrog39 hydrog ? ? B DG 5  N2 ? ? ? 1_555 D DC 7  O2 ? ? B DG 16 D DC 8  1_555 ? ? ? ? ? ? WATSON-CRICK ? ? ? 
hydrog40 hydrog ? ? B DG 5  O6 ? ? ? 1_555 D DC 7  N4 ? ? B DG 16 D DC 8  1_555 ? ? ? ? ? ? WATSON-CRICK ? ? ? 
hydrog41 hydrog ? ? B DA 6  N1 ? ? ? 1_555 D DT 6  N3 ? ? B DA 17 D DT 7  1_555 ? ? ? ? ? ? WATSON-CRICK ? ? ? 
hydrog42 hydrog ? ? B DA 6  N6 ? ? ? 1_555 D DT 6  O4 ? ? B DA 17 D DT 7  1_555 ? ? ? ? ? ? WATSON-CRICK ? ? ? 
hydrog43 hydrog ? ? B DC 7  N3 ? ? ? 1_555 D DG 5  N1 ? ? B DC 18 D DG 6  1_555 ? ? ? ? ? ? WATSON-CRICK ? ? ? 
hydrog44 hydrog ? ? B DC 7  N4 ? ? ? 1_555 D DG 5  O6 ? ? B DC 18 D DG 6  1_555 ? ? ? ? ? ? WATSON-CRICK ? ? ? 
hydrog45 hydrog ? ? B DC 7  O2 ? ? ? 1_555 D DG 5  N2 ? ? B DC 18 D DG 6  1_555 ? ? ? ? ? ? WATSON-CRICK ? ? ? 
hydrog46 hydrog ? ? B DT 8  N3 ? ? ? 1_555 D DA 4  N1 ? ? B DT 19 D DA 5  1_555 ? ? ? ? ? ? WATSON-CRICK ? ? ? 
hydrog47 hydrog ? ? B DT 8  O4 ? ? ? 1_555 D DA 4  N6 ? ? B DT 19 D DA 5  1_555 ? ? ? ? ? ? WATSON-CRICK ? ? ? 
hydrog48 hydrog ? ? B DC 9  N3 ? ? ? 1_555 D DG 3  N1 ? ? B DC 20 D DG 4  1_555 ? ? ? ? ? ? WATSON-CRICK ? ? ? 
hydrog49 hydrog ? ? B DC 9  N4 ? ? ? 1_555 D DG 3  O6 ? ? B DC 20 D DG 4  1_555 ? ? ? ? ? ? WATSON-CRICK ? ? ? 
hydrog50 hydrog ? ? B DC 9  O2 ? ? ? 1_555 D DG 3  N2 ? ? B DC 20 D DG 4  1_555 ? ? ? ? ? ? WATSON-CRICK ? ? ? 
# 
_struct_conn_type.id          hydrog 
_struct_conn_type.criteria    ? 
_struct_conn_type.reference   ? 
# 
_atom_sites.entry_id                    7JJ3 
_atom_sites.Cartn_transf_matrix[1][1]   ? 
_atom_sites.Cartn_transf_matrix[1][2]   ? 
_atom_sites.Cartn_transf_matrix[1][3]   ? 
_atom_sites.Cartn_transf_matrix[2][1]   ? 
_atom_sites.Cartn_transf_matrix[2][2]   ? 
_atom_sites.Cartn_transf_matrix[2][3]   ? 
_atom_sites.Cartn_transf_matrix[3][1]   ? 
_atom_sites.Cartn_transf_matrix[3][2]   ? 
_atom_sites.Cartn_transf_matrix[3][3]   ? 
_atom_sites.Cartn_transf_vector[1]      ? 
_atom_sites.Cartn_transf_vector[2]      ? 
_atom_sites.Cartn_transf_vector[3]      ? 
_atom_sites.fract_transf_matrix[1][1]   0.00968560 
_atom_sites.fract_transf_matrix[1][2]   -0.00300981 
_atom_sites.fract_transf_matrix[1][3]   0.00098486 
_atom_sites.fract_transf_matrix[2][1]   0.00281583 
_atom_sites.fract_transf_matrix[2][2]   -0.00554911 
_atom_sites.fract_transf_matrix[2][3]   0.00807062 
_atom_sites.fract_transf_matrix[3][1]   -0.00406638 
_atom_sites.fract_transf_matrix[3][2]   -0.01628538 
_atom_sites.fract_transf_matrix[3][3]   -0.00977858 
_atom_sites.fract_transf_vector[1]      1.158623 
_atom_sites.fract_transf_vector[2]      1.321165 
_atom_sites.fract_transf_vector[3]      0.093219 
_atom_sites.solution_primary            ? 
_atom_sites.solution_secondary          ? 
_atom_sites.solution_hydrogens          ? 
_atom_sites.special_details             ? 
# 
loop_
_atom_type.symbol 
AS 
C  
MG 
N  
O  
P  
# 
loop_
_atom_site.group_PDB 
_atom_site.id 
_atom_site.type_symbol 
_atom_site.label_atom_id 
_atom_site.label_alt_id 
_atom_site.label_comp_id 
_atom_site.label_asym_id 
_atom_site.label_entity_id 
_atom_site.label_seq_id 
_atom_site.pdbx_PDB_ins_code 
_atom_site.Cartn_x 
_atom_site.Cartn_y 
_atom_site.Cartn_z 
_atom_site.occupancy 
_atom_site.B_iso_or_equiv 
_atom_site.pdbx_formal_charge 
_atom_site.auth_seq_id 
_atom_site.auth_comp_id 
_atom_site.auth_asym_id 
_atom_site.auth_atom_id 
_atom_site.pdbx_PDB_model_num 
ATOM   1   O  "O5'" . DG  A 1 1  ? 9.438   25.815  -3.767  1.00 108.93 ? 1   DG  A "O5'" 1 
ATOM   2   C  "C5'" . DG  A 1 1  ? 10.792  25.911  -4.214  1.00 107.34 ? 1   DG  A "C5'" 1 
ATOM   3   C  "C4'" . DG  A 1 1  ? 10.947  25.286  -5.592  1.00 106.46 ? 1   DG  A "C4'" 1 
ATOM   4   O  "O4'" . DG  A 1 1  ? 12.347  25.224  -5.950  1.00 105.36 ? 1   DG  A "O4'" 1 
ATOM   5   C  "C3'" . DG  A 1 1  ? 10.394  23.872  -5.711  1.00 101.60 ? 1   DG  A "C3'" 1 
ATOM   6   O  "O3'" . DG  A 1 1  ? 9.233   23.906  -6.490  1.00 103.45 ? 1   DG  A "O3'" 1 
ATOM   7   C  "C2'" . DG  A 1 1  ? 11.493  23.065  -6.402  1.00 96.44  ? 1   DG  A "C2'" 1 
ATOM   8   C  "C1'" . DG  A 1 1  ? 12.744  23.887  -6.161  1.00 96.70  ? 1   DG  A "C1'" 1 
ATOM   9   N  N9    . DG  A 1 1  ? 13.547  23.463  -5.022  1.00 85.46  ? 1   DG  A N9    1 
ATOM   10  C  C8    . DG  A 1 1  ? 13.692  24.123  -3.824  1.00 87.67  ? 1   DG  A C8    1 
ATOM   11  N  N7    . DG  A 1 1  ? 14.505  23.530  -3.000  1.00 85.82  ? 1   DG  A N7    1 
ATOM   12  C  C5    . DG  A 1 1  ? 14.935  22.409  -3.696  1.00 82.93  ? 1   DG  A C5    1 
ATOM   13  C  C6    . DG  A 1 1  ? 15.832  21.386  -3.308  1.00 82.86  ? 1   DG  A C6    1 
ATOM   14  O  O6    . DG  A 1 1  ? 16.441  21.266  -2.233  1.00 80.53  ? 1   DG  A O6    1 
ATOM   15  N  N1    . DG  A 1 1  ? 15.994  20.433  -4.315  1.00 79.58  ? 1   DG  A N1    1 
ATOM   16  C  C2    . DG  A 1 1  ? 15.367  20.468  -5.540  1.00 83.67  ? 1   DG  A C2    1 
ATOM   17  N  N2    . DG  A 1 1  ? 15.650  19.460  -6.381  1.00 80.12  ? 1   DG  A N2    1 
ATOM   18  N  N3    . DG  A 1 1  ? 14.524  21.426  -5.917  1.00 82.60  ? 1   DG  A N3    1 
ATOM   19  C  C4    . DG  A 1 1  ? 14.357  22.357  -4.947  1.00 80.85  ? 1   DG  A C4    1 
ATOM   20  P  P     . DA  A 1 2  ? 8.027   22.915  -6.144  1.00 116.62 ? 2   DA  A P     1 
ATOM   21  O  OP1   . DA  A 1 2  ? 6.811   23.429  -6.817  1.00 121.82 ? 2   DA  A OP1   1 
ATOM   22  O  OP2   . DA  A 1 2  ? 8.060   22.721  -4.674  1.00 108.38 ? 2   DA  A OP2   1 
ATOM   23  O  "O5'" . DA  A 1 2  ? 8.466   21.543  -6.832  1.00 104.19 ? 2   DA  A "O5'" 1 
ATOM   24  C  "C5'" . DA  A 1 2  ? 8.919   21.532  -8.173  1.00 95.39  ? 2   DA  A "C5'" 1 
ATOM   25  C  "C4'" . DA  A 1 2  ? 9.632   20.232  -8.466  1.00 97.81  ? 2   DA  A "C4'" 1 
ATOM   26  O  "O4'" . DA  A 1 2  ? 10.827  20.144  -7.650  1.00 91.39  ? 2   DA  A "O4'" 1 
ATOM   27  C  "C3'" . DA  A 1 2  ? 8.813   18.985  -8.156  1.00 102.83 ? 2   DA  A "C3'" 1 
ATOM   28  O  "O3'" . DA  A 1 2  ? 8.992   18.022  -9.160  1.00 103.31 ? 2   DA  A "O3'" 1 
ATOM   29  C  "C2'" . DA  A 1 2  ? 9.370   18.505  -6.819  1.00 95.48  ? 2   DA  A "C2'" 1 
ATOM   30  C  "C1'" . DA  A 1 2  ? 10.818  18.952  -6.898  1.00 88.67  ? 2   DA  A "C1'" 1 
ATOM   31  N  N9    . DA  A 1 2  ? 11.384  19.246  -5.593  1.00 90.89  ? 2   DA  A N9    1 
ATOM   32  C  C8    . DA  A 1 2  ? 11.010  20.252  -4.746  1.00 92.60  ? 2   DA  A C8    1 
ATOM   33  N  N7    . DA  A 1 2  ? 11.694  20.284  -3.626  1.00 89.58  ? 2   DA  A N7    1 
ATOM   34  C  C5    . DA  A 1 2  ? 12.572  19.219  -3.747  1.00 86.26  ? 2   DA  A C5    1 
ATOM   35  C  C6    . DA  A 1 2  ? 13.567  18.715  -2.891  1.00 83.71  ? 2   DA  A C6    1 
ATOM   36  N  N6    . DA  A 1 2  ? 13.844  19.248  -1.697  1.00 85.30  ? 2   DA  A N6    1 
ATOM   37  N  N1    . DA  A 1 2  ? 14.269  17.638  -3.311  1.00 81.30  ? 2   DA  A N1    1 
ATOM   38  C  C2    . DA  A 1 2  ? 13.986  17.110  -4.509  1.00 82.08  ? 2   DA  A C2    1 
ATOM   39  N  N3    . DA  A 1 2  ? 13.073  17.498  -5.401  1.00 83.80  ? 2   DA  A N3    1 
ATOM   40  C  C4    . DA  A 1 2  ? 12.395  18.568  -4.953  1.00 88.72  ? 2   DA  A C4    1 
ATOM   41  P  P     . DA  A 1 3  ? 8.203   16.631  -9.060  1.00 106.94 ? 3   DA  A P     1 
ATOM   42  O  OP1   . DA  A 1 3  ? 8.054   16.113  -10.439 1.00 105.89 ? 3   DA  A OP1   1 
ATOM   43  O  OP2   . DA  A 1 3  ? 7.023   16.843  -8.187  1.00 102.16 ? 3   DA  A OP2   1 
ATOM   44  O  "O5'" . DA  A 1 3  ? 9.214   15.681  -8.286  1.00 90.65  ? 3   DA  A "O5'" 1 
ATOM   45  C  "C5'" . DA  A 1 3  ? 10.322  15.170  -8.972  1.00 94.64  ? 3   DA  A "C5'" 1 
ATOM   46  C  "C4'" . DA  A 1 3  ? 10.829  13.914  -8.305  1.00 94.55  ? 3   DA  A "C4'" 1 
ATOM   47  O  "O4'" . DA  A 1 3  ? 11.502  14.261  -7.073  1.00 95.00  ? 3   DA  A "O4'" 1 
ATOM   48  C  "C3'" . DA  A 1 3  ? 9.759   12.899  -7.936  1.00 91.64  ? 3   DA  A "C3'" 1 
ATOM   49  O  "O3'" . DA  A 1 3  ? 10.276  11.611  -8.131  1.00 95.35  ? 3   DA  A "O3'" 1 
ATOM   50  C  "C2'" . DA  A 1 3  ? 9.508   13.184  -6.456  1.00 90.49  ? 3   DA  A "C2'" 1 
ATOM   51  C  "C1'" . DA  A 1 3  ? 10.892  13.609  -5.982  1.00 91.98  ? 3   DA  A "C1'" 1 
ATOM   52  N  N9    . DA  A 1 3  ? 10.863  14.550  -4.869  1.00 90.52  ? 3   DA  A N9    1 
ATOM   53  C  C8    . DA  A 1 3  ? 10.028  15.625  -4.722  1.00 94.05  ? 3   DA  A C8    1 
ATOM   54  N  N7    . DA  A 1 3  ? 10.234  16.311  -3.620  1.00 91.18  ? 3   DA  A N7    1 
ATOM   55  C  C5    . DA  A 1 3  ? 11.285  15.645  -3.007  1.00 88.02  ? 3   DA  A C5    1 
ATOM   56  C  C6    . DA  A 1 3  ? 11.976  15.875  -1.802  1.00 86.14  ? 3   DA  A C6    1 
ATOM   57  N  N6    . DA  A 1 3  ? 11.689  16.887  -0.973  1.00 84.77  ? 3   DA  A N6    1 
ATOM   58  N  N1    . DA  A 1 3  ? 12.977  15.022  -1.482  1.00 84.55  ? 3   DA  A N1    1 
ATOM   59  C  C2    . DA  A 1 3  ? 13.258  14.010  -2.317  1.00 81.45  ? 3   DA  A C2    1 
ATOM   60  N  N3    . DA  A 1 3  ? 12.677  13.693  -3.475  1.00 78.73  ? 3   DA  A N3    1 
ATOM   61  C  C4    . DA  A 1 3  ? 11.689  14.559  -3.766  1.00 85.34  ? 3   DA  A C4    1 
ATOM   62  P  P     . DC  A 1 4  ? 9.297   10.354  -8.300  1.00 110.58 ? 4   DC  A P     1 
ATOM   63  O  OP1   . DC  A 1 4  ? 9.577   9.764   -9.630  1.00 101.88 ? 4   DC  A OP1   1 
ATOM   64  O  OP2   . DC  A 1 4  ? 7.919   10.788  -7.967  1.00 102.69 ? 4   DC  A OP2   1 
ATOM   65  O  "O5'" . DC  A 1 4  ? 9.812   9.343   -7.174  1.00 98.00  ? 4   DC  A "O5'" 1 
ATOM   66  C  "C5'" . DC  A 1 4  ? 11.205  9.120   -7.030  1.00 91.79  ? 4   DC  A "C5'" 1 
ATOM   67  C  "C4'" . DC  A 1 4  ? 11.556  8.773   -5.597  1.00 92.61  ? 4   DC  A "C4'" 1 
ATOM   68  O  "O4'" . DC  A 1 4  ? 11.474  9.945   -4.767  1.00 88.03  ? 4   DC  A "O4'" 1 
ATOM   69  C  "C3'" . DC  A 1 4  ? 10.645  7.738   -4.942  1.00 93.23  ? 4   DC  A "C3'" 1 
ATOM   70  O  "O3'" . DC  A 1 4  ? 11.360  6.538   -4.773  1.00 97.30  ? 4   DC  A "O3'" 1 
ATOM   71  C  "C2'" . DC  A 1 4  ? 10.240  8.364   -3.588  1.00 87.95  ? 4   DC  A "C2'" 1 
ATOM   72  C  "C1'" . DC  A 1 4  ? 11.214  9.524   -3.453  1.00 87.62  ? 4   DC  A "C1'" 1 
ATOM   73  N  N1    . DC  A 1 4  ? 10.691  10.698  -2.693  1.00 84.90  ? 4   DC  A N1    1 
ATOM   74  C  C2    . DC  A 1 4  ? 11.264  11.032  -1.462  1.00 80.21  ? 4   DC  A C2    1 
ATOM   75  O  O2    . DC  A 1 4  ? 12.174  10.326  -1.008  1.00 80.18  ? 4   DC  A O2    1 
ATOM   76  N  N3    . DC  A 1 4  ? 10.799  12.118  -0.794  1.00 75.15  ? 4   DC  A N3    1 
ATOM   77  C  C4    . DC  A 1 4  ? 9.816   12.852  -1.316  1.00 75.29  ? 4   DC  A C4    1 
ATOM   78  N  N4    . DC  A 1 4  ? 9.391   13.912  -0.621  1.00 74.76  ? 4   DC  A N4    1 
ATOM   79  C  C5    . DC  A 1 4  ? 9.228   12.532  -2.575  1.00 78.84  ? 4   DC  A C5    1 
ATOM   80  C  C6    . DC  A 1 4  ? 9.695   11.462  -3.225  1.00 84.22  ? 4   DC  A C6    1 
ATOM   81  P  P     . DG  A 1 5  ? 10.609  5.227   -4.239  1.00 108.59 ? 5   DG  A P     1 
ATOM   82  O  OP1   . DG  A 1 5  ? 11.382  4.031   -4.654  1.00 101.95 ? 5   DG  A OP1   1 
ATOM   83  O  OP2   . DG  A 1 5  ? 9.177   5.362   -4.603  1.00 99.67  ? 5   DG  A OP2   1 
ATOM   84  O  "O5'" . DG  A 1 5  ? 10.739  5.366   -2.664  1.00 96.91  ? 5   DG  A "O5'" 1 
ATOM   85  C  "C5'" . DG  A 1 5  ? 12.013  5.505   -2.085  1.00 90.64  ? 5   DG  A "C5'" 1 
ATOM   86  C  "C4'" . DG  A 1 5  ? 11.902  5.509   -0.578  1.00 92.57  ? 5   DG  A "C4'" 1 
ATOM   87  O  "O4'" . DG  A 1 5  ? 11.398  6.793   -0.133  1.00 91.60  ? 5   DG  A "O4'" 1 
ATOM   88  C  "C3'" . DG  A 1 5  ? 10.951  4.467   0.000   1.00 90.13  ? 5   DG  A "C3'" 1 
ATOM   89  O  "O3'" . DG  A 1 5  ? 11.469  4.018   1.221   1.00 95.31  ? 5   DG  A "O3'" 1 
ATOM   90  C  "C2'" . DG  A 1 5  ? 9.665   5.260   0.205   1.00 76.26  ? 5   DG  A "C2'" 1 
ATOM   91  C  "C1'" . DG  A 1 5  ? 10.226  6.603   0.628   1.00 82.36  ? 5   DG  A "C1'" 1 
ATOM   92  N  N9    . DG  A 1 5  ? 9.336   7.721   0.364   1.00 81.12  ? 5   DG  A N9    1 
ATOM   93  C  C8    . DG  A 1 5  ? 8.442   7.846   -0.674  1.00 84.07  ? 5   DG  A C8    1 
ATOM   94  N  N7    . DG  A 1 5  ? 7.780   8.972   -0.654  1.00 76.83  ? 5   DG  A N7    1 
ATOM   95  C  C5    . DG  A 1 5  ? 8.273   9.632   0.464   1.00 74.26  ? 5   DG  A C5    1 
ATOM   96  C  C6    . DG  A 1 5  ? 7.938   10.899  0.994   1.00 72.63  ? 5   DG  A C6    1 
ATOM   97  O  O6    . DG  A 1 5  ? 7.113   11.715  0.564   1.00 72.42  ? 5   DG  A O6    1 
ATOM   98  N  N1    . DG  A 1 5  ? 8.675   11.187  2.141   1.00 72.77  ? 5   DG  A N1    1 
ATOM   99  C  C2    . DG  A 1 5  ? 9.619   10.353  2.701   1.00 75.64  ? 5   DG  A C2    1 
ATOM   100 N  N2    . DG  A 1 5  ? 10.228  10.801  3.808   1.00 77.22  ? 5   DG  A N2    1 
ATOM   101 N  N3    . DG  A 1 5  ? 9.942   9.165   2.212   1.00 71.45  ? 5   DG  A N3    1 
ATOM   102 C  C4    . DG  A 1 5  ? 9.231   8.873   1.099   1.00 75.29  ? 5   DG  A C4    1 
ATOM   103 P  P     . DA  A 1 6  ? 10.960  2.645   1.871   1.00 107.75 ? 6   DA  A P     1 
ATOM   104 O  OP1   . DA  A 1 6  ? 11.992  1.611   1.619   1.00 104.28 ? 6   DA  A OP1   1 
ATOM   105 O  OP2   . DA  A 1 6  ? 9.567   2.423   1.420   1.00 105.03 ? 6   DA  A OP2   1 
ATOM   106 O  "O5'" . DA  A 1 6  ? 10.954  2.978   3.430   1.00 84.23  ? 6   DA  A "O5'" 1 
ATOM   107 C  "C5'" . DA  A 1 6  ? 12.075  3.615   4.005   1.00 83.26  ? 6   DA  A "C5'" 1 
ATOM   108 C  "C4'" . DA  A 1 6  ? 11.659  4.420   5.212   1.00 84.71  ? 6   DA  A "C4'" 1 
ATOM   109 O  "O4'" . DA  A 1 6  ? 10.913  5.582   4.779   1.00 82.59  ? 6   DA  A "O4'" 1 
ATOM   110 C  "C3'" . DA  A 1 6  ? 10.772  3.666   6.195   1.00 82.80  ? 6   DA  A "C3'" 1 
ATOM   111 O  "O3'" . DA  A 1 6  ? 11.272  3.823   7.505   1.00 90.21  ? 6   DA  A "O3'" 1 
ATOM   112 C  "C2'" . DA  A 1 6  ? 9.389   4.300   6.029   1.00 81.89  ? 6   DA  A "C2'" 1 
ATOM   113 C  "C1'" . DA  A 1 6  ? 9.707   5.690   5.498   1.00 77.40  ? 6   DA  A "C1'" 1 
ATOM   114 N  N9    . DA  A 1 6  ? 8.692   6.197   4.580   1.00 69.52  ? 6   DA  A N9    1 
ATOM   115 C  C8    . DA  A 1 6  ? 8.178   5.554   3.489   1.00 74.51  ? 6   DA  A C8    1 
ATOM   116 N  N7    . DA  A 1 6  ? 7.277   6.251   2.841   1.00 72.26  ? 6   DA  A N7    1 
ATOM   117 C  C5    . DA  A 1 6  ? 7.198   7.434   3.554   1.00 68.19  ? 6   DA  A C5    1 
ATOM   118 C  C6    . DA  A 1 6  ? 6.422   8.595   3.378   1.00 68.70  ? 6   DA  A C6    1 
ATOM   119 N  N6    . DA  A 1 6  ? 5.546   8.747   2.382   1.00 74.79  ? 6   DA  A N6    1 
ATOM   120 N  N1    . DA  A 1 6  ? 6.580   9.594   4.267   1.00 65.97  ? 6   DA  A N1    1 
ATOM   121 C  C2    . DA  A 1 6  ? 7.461   9.435   5.261   1.00 70.81  ? 6   DA  A C2    1 
ATOM   122 N  N3    . DA  A 1 6  ? 8.246   8.391   5.527   1.00 68.75  ? 6   DA  A N3    1 
ATOM   123 C  C4    . DA  A 1 6  ? 8.064   7.417   4.628   1.00 66.69  ? 6   DA  A C4    1 
ATOM   124 P  P     . DC  A 1 7  ? 10.645  2.969   8.708   1.00 94.93  ? 7   DC  A P     1 
ATOM   125 O  OP1   . DC  A 1 7  ? 11.708  2.687   9.700   1.00 88.05  ? 7   DC  A OP1   1 
ATOM   126 O  OP2   . DC  A 1 7  ? 9.915   1.842   8.085   1.00 97.27  ? 7   DC  A OP2   1 
ATOM   127 O  "O5'" . DC  A 1 7  ? 9.597   3.983   9.355   1.00 80.55  ? 7   DC  A "O5'" 1 
ATOM   128 C  "C5'" . DC  A 1 7  ? 9.967   5.335   9.536   1.00 76.26  ? 7   DC  A "C5'" 1 
ATOM   129 C  "C4'" . DC  A 1 7  ? 8.741   6.195   9.739   1.00 84.00  ? 7   DC  A "C4'" 1 
ATOM   130 O  "O4'" . DC  A 1 7  ? 8.064   6.395   8.486   1.00 85.06  ? 7   DC  A "O4'" 1 
ATOM   131 C  "C3'" . DC  A 1 7  ? 7.687   5.603   10.675  1.00 82.50  ? 7   DC  A "C3'" 1 
ATOM   132 O  "O3'" . DC  A 1 7  ? 7.766   6.247   11.944  1.00 86.19  ? 7   DC  A "O3'" 1 
ATOM   133 C  "C2'" . DC  A 1 7  ? 6.341   5.876   9.963   1.00 77.00  ? 7   DC  A "C2'" 1 
ATOM   134 C  "C1'" . DC  A 1 7  ? 6.739   6.751   8.781   1.00 76.44  ? 7   DC  A "C1'" 1 
ATOM   135 N  N1    . DC  A 1 7  ? 5.897   6.547   7.561   1.00 68.44  ? 7   DC  A N1    1 
ATOM   136 C  C2    . DC  A 1 7  ? 5.081   7.589   7.099   1.00 67.06  ? 7   DC  A C2    1 
ATOM   137 O  O2    . DC  A 1 7  ? 5.069   8.666   7.709   1.00 65.78  ? 7   DC  A O2    1 
ATOM   138 N  N3    . DC  A 1 7  ? 4.326   7.388   5.989   1.00 62.17  ? 7   DC  A N3    1 
ATOM   139 C  C4    . DC  A 1 7  ? 4.370   6.213   5.358   1.00 62.64  ? 7   DC  A C4    1 
ATOM   140 N  N4    . DC  A 1 7  ? 3.610   6.061   4.271   1.00 62.15  ? 7   DC  A N4    1 
ATOM   141 C  C5    . DC  A 1 7  ? 5.193   5.143   5.814   1.00 63.67  ? 7   DC  A C5    1 
ATOM   142 C  C6    . DC  A 1 7  ? 5.933   5.350   6.908   1.00 66.55  ? 7   DC  A C6    1 
ATOM   143 P  P     . DA  A 1 8  ? 6.573   6.114   13.012  1.00 97.90  ? 8   DA  A P     1 
ATOM   144 O  OP1   . DA  A 1 8  ? 7.134   6.486   14.331  1.00 94.15  ? 8   DA  A OP1   1 
ATOM   145 O  OP2   . DA  A 1 8  ? 5.902   4.802   12.835  1.00 90.04  ? 8   DA  A OP2   1 
ATOM   146 O  "O5'" . DA  A 1 8  ? 5.556   7.259   12.577  1.00 75.70  ? 8   DA  A "O5'" 1 
ATOM   147 C  "C5'" . DA  A 1 8  ? 6.005   8.585   12.473  1.00 66.95  ? 8   DA  A "C5'" 1 
ATOM   148 C  "C4'" . DA  A 1 8  ? 4.839   9.515   12.255  1.00 68.38  ? 8   DA  A "C4'" 1 
ATOM   149 O  "O4'" . DA  A 1 8  ? 4.286   9.286   10.934  1.00 70.58  ? 8   DA  A "O4'" 1 
ATOM   150 C  "C3'" . DA  A 1 8  ? 3.682   9.326   13.229  1.00 67.82  ? 8   DA  A "C3'" 1 
ATOM   151 O  "O3'" . DA  A 1 8  ? 3.091   10.574  13.500  1.00 67.98  ? 8   DA  A "O3'" 1 
ATOM   152 C  "C2'" . DA  A 1 8  ? 2.731   8.428   12.445  1.00 74.75  ? 8   DA  A "C2'" 1 
ATOM   153 C  "C1'" . DA  A 1 8  ? 2.912   8.991   11.047  1.00 72.86  ? 8   DA  A "C1'" 1 
ATOM   154 N  N9    . DA  A 1 8  ? 2.542   8.066   9.977   1.00 63.91  ? 8   DA  A N9    1 
ATOM   155 C  C8    . DA  A 1 8  ? 3.030   6.809   9.764   1.00 63.27  ? 8   DA  A C8    1 
ATOM   156 N  N7    . DA  A 1 8  ? 2.513   6.216   8.715   1.00 61.80  ? 8   DA  A N7    1 
ATOM   157 C  C5    . DA  A 1 8  ? 1.631   7.151   8.204   1.00 56.76  ? 8   DA  A C5    1 
ATOM   158 C  C6    . DA  A 1 8  ? 0.769   7.134   7.091   1.00 58.02  ? 8   DA  A C6    1 
ATOM   159 N  N6    . DA  A 1 8  ? 0.658   6.092   6.263   1.00 58.78  ? 8   DA  A N6    1 
ATOM   160 N  N1    . DA  A 1 8  ? 0.020   8.232   6.862   1.00 58.68  ? 8   DA  A N1    1 
ATOM   161 C  C2    . DA  A 1 8  ? 0.131   9.272   7.695   1.00 60.23  ? 8   DA  A C2    1 
ATOM   162 N  N3    . DA  A 1 8  ? 0.906   9.404   8.770   1.00 59.19  ? 8   DA  A N3    1 
ATOM   163 C  C4    . DA  A 1 8  ? 1.637   8.296   8.970   1.00 58.05  ? 8   DA  A C4    1 
ATOM   164 P  P     . DG  A 1 9  ? 1.989   10.696  14.657  1.00 85.02  ? 9   DG  A P     1 
ATOM   165 O  OP1   . DG  A 1 9  ? 2.232   11.953  15.397  1.00 87.98  ? 9   DG  A OP1   1 
ATOM   166 O  OP2   . DG  A 1 9  ? 1.985   9.401   15.375  1.00 77.63  ? 9   DG  A OP2   1 
ATOM   167 O  "O5'" . DG  A 1 9  ? 0.627   10.911  13.860  1.00 59.82  ? 9   DG  A "O5'" 1 
ATOM   168 C  "C5'" . DG  A 1 9  ? 0.366   12.172  13.313  1.00 62.68  ? 9   DG  A "C5'" 1 
ATOM   169 C  "C4'" . DG  A 1 9  ? -0.725  12.098  12.273  1.00 69.06  ? 9   DG  A "C4'" 1 
ATOM   170 O  "O4'" . DG  A 1 9  ? -0.518  10.953  11.409  1.00 71.05  ? 9   DG  A "O4'" 1 
ATOM   171 C  "C3'" . DG  A 1 9  ? -2.132  11.956  12.833  1.00 66.44  ? 9   DG  A "C3'" 1 
ATOM   172 O  "O3'" . DG  A 1 9  ? -2.940  12.949  12.267  1.00 64.51  ? 9   DG  A "O3'" 1 
ATOM   173 C  "C2'" . DG  A 1 9  ? -2.566  10.547  12.393  1.00 75.53  ? 9   DG  A "C2'" 1 
ATOM   174 C  "C1'" . DG  A 1 9  ? -1.772  10.385  11.112  1.00 71.24  ? 9   DG  A "C1'" 1 
ATOM   175 N  N9    . DG  A 1 9  ? -1.557  8.997   10.677  1.00 65.90  ? 9   DG  A N9    1 
ATOM   176 C  C8    . DG  A 1 9  ? -0.693  8.086   11.234  1.00 65.29  ? 9   DG  A C8    1 
ATOM   177 N  N7    . DG  A 1 9  ? -0.684  6.933   10.622  1.00 61.96  ? 9   DG  A N7    1 
ATOM   178 C  C5    . DG  A 1 9  ? -1.587  7.091   9.582   1.00 57.73  ? 9   DG  A C5    1 
ATOM   179 C  C6    . DG  A 1 9  ? -1.986  6.176   8.586   1.00 53.70  ? 9   DG  A C6    1 
ATOM   180 O  O6    . DG  A 1 9  ? -1.603  5.013   8.426   1.00 55.09  ? 9   DG  A O6    1 
ATOM   181 N  N1    . DG  A 1 9  ? -2.924  6.727   7.719   1.00 49.25  ? 9   DG  A N1    1 
ATOM   182 C  C2    . DG  A 1 9  ? -3.416  8.005   7.808   1.00 57.15  ? 9   DG  A C2    1 
ATOM   183 N  N2    . DG  A 1 9  ? -4.320  8.356   6.879   1.00 55.12  ? 9   DG  A N2    1 
ATOM   184 N  N3    . DG  A 1 9  ? -3.050  8.880   8.740   1.00 60.39  ? 9   DG  A N3    1 
ATOM   185 C  C4    . DG  A 1 9  ? -2.139  8.354   9.597   1.00 59.96  ? 9   DG  A C4    1 
ATOM   186 P  P     . DT  A 1 10 ? -4.451  13.112  12.765  1.00 85.11  ? 10  DT  A P     1 
ATOM   187 O  OP1   . DT  A 1 10 ? -4.945  14.473  12.430  1.00 72.13  ? 10  DT  A OP1   1 
ATOM   188 O  OP2   . DT  A 1 10 ? -4.465  12.592  14.153  1.00 73.93  ? 10  DT  A OP2   1 
ATOM   189 O  "O5'" . DT  A 1 10 ? -5.245  12.085  11.851  1.00 69.48  ? 10  DT  A "O5'" 1 
ATOM   190 C  "C5'" . DT  A 1 10 ? -5.113  12.163  10.457  1.00 72.23  ? 10  DT  A "C5'" 1 
ATOM   191 C  "C4'" . DT  A 1 10 ? -6.382  11.691  9.803   1.00 74.72  ? 10  DT  A "C4'" 1 
ATOM   192 O  "O4'" . DT  A 1 10 ? -6.164  10.385  9.203   1.00 80.17  ? 10  DT  A "O4'" 1 
ATOM   193 C  "C3'" . DT  A 1 10 ? -7.541  11.531  10.767  1.00 67.41  ? 10  DT  A "C3'" 1 
ATOM   194 O  "O3'" . DT  A 1 10 ? -8.730  11.943  10.148  1.00 69.34  ? 10  DT  A "O3'" 1 
ATOM   195 C  "C2'" . DT  A 1 10 ? -7.539  10.030  11.073  1.00 73.04  ? 10  DT  A "C2'" 1 
ATOM   196 C  "C1'" . DT  A 1 10 ? -7.054  9.439   9.753   1.00 70.39  ? 10  DT  A "C1'" 1 
ATOM   197 N  N1    . DT  A 1 10 ? -6.317  8.126   9.893   1.00 60.17  ? 10  DT  A N1    1 
ATOM   198 C  C2    . DT  A 1 10 ? -6.542  7.119   8.973   1.00 60.67  ? 10  DT  A C2    1 
ATOM   199 O  O2    . DT  A 1 10 ? -7.318  7.221   8.037   1.00 63.27  ? 10  DT  A O2    1 
ATOM   200 N  N3    . DT  A 1 10 ? -5.822  5.978   9.188   1.00 56.29  ? 10  DT  A N3    1 
ATOM   201 C  C4    . DT  A 1 10 ? -4.920  5.741   10.201  1.00 58.16  ? 10  DT  A C4    1 
ATOM   202 O  O4    . DT  A 1 10 ? -4.319  4.673   10.306  1.00 56.55  ? 10  DT  A O4    1 
ATOM   203 C  C5    . DT  A 1 10 ? -4.728  6.832   11.126  1.00 56.71  ? 10  DT  A C5    1 
ATOM   204 C  C7    . DT  A 1 10 ? -3.769  6.689   12.266  1.00 58.39  ? 10  DT  A C7    1 
ATOM   205 C  C6    . DT  A 1 10 ? -5.426  7.959   10.929  1.00 56.46  ? 10  DT  A C6    1 
ATOM   206 P  P     . DG  A 1 11 ? -9.958  12.429  11.054  1.00 83.29  ? 11  DG  A P     1 
ATOM   207 O  OP1   . DG  A 1 11 ? -10.330 13.800  10.634  1.00 77.47  ? 11  DG  A OP1   1 
ATOM   208 O  OP2   . DG  A 1 11 ? -9.571  12.145  12.457  1.00 75.28  ? 11  DG  A OP2   1 
ATOM   209 O  "O5'" . DG  A 1 11 ? -11.140 11.436  10.648  1.00 65.70  ? 11  DG  A "O5'" 1 
ATOM   210 C  "C5'" . DG  A 1 11 ? -11.603 11.404  9.313   1.00 60.51  ? 11  DG  A "C5'" 1 
ATOM   211 C  "C4'" . DG  A 1 11 ? -12.329 10.104  9.033   1.00 65.02  ? 11  DG  A "C4'" 1 
ATOM   212 O  "O4'" . DG  A 1 11 ? -11.395 8.991   9.099   1.00 68.93  ? 11  DG  A "O4'" 1 
ATOM   213 C  "C3'" . DG  A 1 11 ? -13.452 9.757   10.011  1.00 64.20  ? 11  DG  A "C3'" 1 
ATOM   214 O  "O3'" . DG  A 1 11 ? -14.497 9.146   9.295   1.00 64.57  ? 11  DG  A "O3'" 1 
ATOM   215 C  "C2'" . DG  A 1 11 ? -12.781 8.763   10.952  1.00 58.28  ? 11  DG  A "C2'" 1 
ATOM   216 C  "C1'" . DG  A 1 11 ? -11.909 8.006   9.969   1.00 60.96  ? 11  DG  A "C1'" 1 
ATOM   217 N  N9    . DG  A 1 11 ? -10.791 7.315   10.590  1.00 55.43  ? 11  DG  A N9    1 
ATOM   218 C  C8    . DG  A 1 11 ? -10.058 7.742   11.667  1.00 57.91  ? 11  DG  A C8    1 
ATOM   219 N  N7    . DG  A 1 11 ? -9.107  6.917   12.005  1.00 58.91  ? 11  DG  A N7    1 
ATOM   220 C  C5    . DG  A 1 11 ? -9.218  5.874   11.094  1.00 54.45  ? 11  DG  A C5    1 
ATOM   221 C  C6    . DG  A 1 11 ? -8.451  4.690   10.967  1.00 53.00  ? 11  DG  A C6    1 
ATOM   222 O  O6    . DG  A 1 11 ? -7.490  4.318   11.660  1.00 50.45  ? 11  DG  A O6    1 
ATOM   223 N  N1    . DG  A 1 11 ? -8.896  3.900   9.909   1.00 51.50  ? 11  DG  A N1    1 
ATOM   224 C  C2    . DG  A 1 11 ? -9.951  4.217   9.080   1.00 49.41  ? 11  DG  A C2    1 
ATOM   225 N  N2    . DG  A 1 11 ? -10.235 3.329   8.116   1.00 44.51  ? 11  DG  A N2    1 
ATOM   226 N  N3    . DG  A 1 11 ? -10.674 5.326   9.189   1.00 49.91  ? 11  DG  A N3    1 
ATOM   227 C  C4    . DG  A 1 11 ? -10.252 6.103   10.215  1.00 52.89  ? 11  DG  A C4    1 
ATOM   228 P  P     . DA  A 1 12 ? -15.980 9.091   9.895   1.00 66.02  ? 12  DA  A P     1 
ATOM   229 O  OP1   . DA  A 1 12 ? -16.751 10.213  9.313   1.00 72.19  ? 12  DA  A OP1   1 
ATOM   230 O  OP2   . DA  A 1 12 ? -15.857 8.934   11.363  1.00 66.03  ? 12  DA  A OP2   1 
ATOM   231 O  "O5'" . DA  A 1 12 ? -16.563 7.747   9.272   1.00 59.79  ? 12  DA  A "O5'" 1 
ATOM   232 C  "C5'" . DA  A 1 12 ? -15.825 7.060   8.263   1.00 59.91  ? 12  DA  A "C5'" 1 
ATOM   233 C  "C4'" . DA  A 1 12 ? -15.934 5.565   8.470   1.00 58.89  ? 12  DA  A "C4'" 1 
ATOM   234 O  "O4'" . DA  A 1 12 ? -14.651 5.044   8.844   1.00 60.25  ? 12  DA  A "O4'" 1 
ATOM   235 C  "C3'" . DA  A 1 12 ? -16.869 5.188   9.595   1.00 59.87  ? 12  DA  A "C3'" 1 
ATOM   236 O  "O3'" . DA  A 1 12 ? -18.143 4.902   9.070   1.00 52.32  ? 12  DA  A "O3'" 1 
ATOM   237 C  "C2'" . DA  A 1 12 ? -16.235 3.954   10.229  1.00 54.92  ? 12  DA  A "C2'" 1 
ATOM   238 C  "C1'" . DA  A 1 12 ? -14.803 3.953   9.727   1.00 53.23  ? 12  DA  A "C1'" 1 
ATOM   239 N  N9    . DA  A 1 12 ? -13.830 4.119   10.787  1.00 50.90  ? 12  DA  A N9    1 
ATOM   240 C  C8    . DA  A 1 12 ? -13.736 5.168   11.654  1.00 51.94  ? 12  DA  A C8    1 
ATOM   241 N  N7    . DA  A 1 12 ? -12.735 5.070   12.494  1.00 50.94  ? 12  DA  A N7    1 
ATOM   242 C  C5    . DA  A 1 12 ? -12.124 3.878   12.145  1.00 47.67  ? 12  DA  A C5    1 
ATOM   243 C  C6    . DA  A 1 12 ? -10.999 3.205   12.656  1.00 45.88  ? 12  DA  A C6    1 
ATOM   244 N  N6    . DA  A 1 12 ? -10.264 3.663   13.674  1.00 44.26  ? 12  DA  A N6    1 
ATOM   245 N  N1    . DA  A 1 12 ? -10.659 2.034   12.080  1.00 46.36  ? 12  DA  A N1    1 
ATOM   246 C  C2    . DA  A 1 12 ? -11.403 1.578   11.063  1.00 50.12  ? 12  DA  A C2    1 
ATOM   247 N  N3    . DA  A 1 12 ? -12.483 2.123   10.499  1.00 46.81  ? 12  DA  A N3    1 
ATOM   248 C  C4    . DA  A 1 12 ? -12.790 3.282   11.093  1.00 48.04  ? 12  DA  A C4    1 
ATOM   249 P  P     . DC  B 2 1  ? -19.686 -13.908 1.524   1.00 66.44  ? 12  DC  B P     1 
ATOM   250 O  OP1   . DC  B 2 1  ? -19.927 -14.483 2.864   1.00 64.95  ? 12  DC  B OP1   1 
ATOM   251 O  OP2   . DC  B 2 1  ? -20.707 -13.026 0.938   1.00 66.34  ? 12  DC  B OP2   1 
ATOM   252 O  "O5'" . DC  B 2 1  ? -18.338 -13.058 1.590   1.00 57.30  ? 12  DC  B "O5'" 1 
ATOM   253 C  "C5'" . DC  B 2 1  ? -17.416 -13.036 0.487   1.00 68.90  ? 12  DC  B "C5'" 1 
ATOM   254 C  "C4'" . DC  B 2 1  ? -18.102 -13.188 -0.872  1.00 51.73  ? 12  DC  B "C4'" 1 
ATOM   255 O  "O4'" . DC  B 2 1  ? -18.672 -11.929 -1.284  1.00 48.92  ? 12  DC  B "O4'" 1 
ATOM   256 C  "C3'" . DC  B 2 1  ? -17.149 -13.624 -1.974  1.00 55.92  ? 12  DC  B "C3'" 1 
ATOM   257 O  "O3'" . DC  B 2 1  ? -17.479 -14.901 -2.414  1.00 57.93  ? 12  DC  B "O3'" 1 
ATOM   258 C  "C2'" . DC  B 2 1  ? -17.278 -12.603 -3.101  1.00 52.60  ? 12  DC  B "C2'" 1 
ATOM   259 C  "C1'" . DC  B 2 1  ? -18.192 -11.531 -2.555  1.00 49.61  ? 12  DC  B "C1'" 1 
ATOM   260 N  N1    . DC  B 2 1  ? -17.558 -10.168 -2.445  1.00 45.29  ? 12  DC  B N1    1 
ATOM   261 C  C2    . DC  B 2 1  ? -17.385 -9.384  -3.592  1.00 47.09  ? 12  DC  B C2    1 
ATOM   262 O  O2    . DC  B 2 1  ? -17.726 -9.835  -4.691  1.00 52.65  ? 12  DC  B O2    1 
ATOM   263 N  N3    . DC  B 2 1  ? -16.846 -8.151  -3.471  1.00 42.66  ? 12  DC  B N3    1 
ATOM   264 C  C4    . DC  B 2 1  ? -16.497 -7.697  -2.274  1.00 44.93  ? 12  DC  B C4    1 
ATOM   265 N  N4    . DC  B 2 1  ? -15.970 -6.472  -2.201  1.00 48.36  ? 12  DC  B N4    1 
ATOM   266 C  C5    . DC  B 2 1  ? -16.669 -8.472  -1.098  1.00 45.90  ? 12  DC  B C5    1 
ATOM   267 C  C6    . DC  B 2 1  ? -17.198 -9.689  -1.231  1.00 46.08  ? 12  DC  B C6    1 
ATOM   268 P  P     . DG  B 2 2  ? -16.308 -15.880 -2.883  1.00 62.24  ? 13  DG  B P     1 
ATOM   269 O  OP1   . DG  B 2 2  ? -16.945 -17.190 -3.150  1.00 59.76  ? 13  DG  B OP1   1 
ATOM   270 O  OP2   . DG  B 2 2  ? -15.211 -15.742 -1.894  1.00 62.93  ? 13  DG  B OP2   1 
ATOM   271 O  "O5'" . DG  B 2 2  ? -15.785 -15.230 -4.244  1.00 45.98  ? 13  DG  B "O5'" 1 
ATOM   272 C  "C5'" . DG  B 2 2  ? -16.591 -15.293 -5.395  1.00 47.97  ? 13  DG  B "C5'" 1 
ATOM   273 C  "C4'" . DG  B 2 2  ? -15.938 -14.539 -6.530  1.00 55.88  ? 13  DG  B "C4'" 1 
ATOM   274 O  "O4'" . DG  B 2 2  ? -15.873 -13.136 -6.186  1.00 60.96  ? 13  DG  B "O4'" 1 
ATOM   275 C  "C3'" . DG  B 2 2  ? -14.518 -14.990 -6.855  1.00 62.77  ? 13  DG  B "C3'" 1 
ATOM   276 O  "O3'" . DG  B 2 2  ? -14.435 -15.396 -8.224  1.00 67.57  ? 13  DG  B "O3'" 1 
ATOM   277 C  "C2'" . DG  B 2 2  ? -13.629 -13.776 -6.552  1.00 61.04  ? 13  DG  B "C2'" 1 
ATOM   278 C  "C1'" . DG  B 2 2  ? -14.604 -12.602 -6.473  1.00 57.09  ? 13  DG  B "C1'" 1 
ATOM   279 N  N9    . DG  B 2 2  ? -14.266 -11.656 -5.407  1.00 53.11  ? 13  DG  B N9    1 
ATOM   280 C  C8    . DG  B 2 2  ? -14.140 -11.944 -4.068  1.00 51.53  ? 13  DG  B C8    1 
ATOM   281 N  N7    . DG  B 2 2  ? -13.834 -10.911 -3.341  1.00 48.28  ? 13  DG  B N7    1 
ATOM   282 C  C5    . DG  B 2 2  ? -13.747 -9.878  -4.250  1.00 39.31  ? 13  DG  B C5    1 
ATOM   283 O  O6    . DG  B 2 2  ? -13.122 -7.508  -3.251  1.00 38.70  ? 13  DG  B O6    1 
ATOM   284 N  N1    . DG  B 2 2  ? -13.440 -7.608  -5.462  1.00 38.57  ? 13  DG  B N1    1 
ATOM   285 C  C2    . DG  B 2 2  ? -13.740 -8.296  -6.614  1.00 42.95  ? 13  DG  B C2    1 
ATOM   286 N  N2    . DG  B 2 2  ? -13.742 -7.560  -7.731  1.00 43.51  ? 13  DG  B N2    1 
ATOM   287 N  N3    . DG  B 2 2  ? -14.021 -9.608  -6.706  1.00 43.91  ? 13  DG  B N3    1 
ATOM   288 C  C4    . DG  B 2 2  ? -14.007 -10.307 -5.532  1.00 45.91  ? 13  DG  B C4    1 
ATOM   289 P  P     . DC  B 2 3  ? -13.080 -16.039 -8.805  1.00 68.25  ? 14  DC  B P     1 
ATOM   290 O  OP1   . DC  B 2 3  ? -13.448 -16.792 -10.028 1.00 62.22  ? 14  DC  B OP1   1 
ATOM   291 O  OP2   . DC  B 2 3  ? -12.342 -16.687 -7.693  1.00 62.99  ? 14  DC  B OP2   1 
ATOM   292 O  "O5'" . DC  B 2 3  ? -12.255 -14.766 -9.273  1.00 58.25  ? 14  DC  B "O5'" 1 
ATOM   293 C  "C5'" . DC  B 2 3  ? -12.917 -13.777 -10.028 1.00 65.38  ? 14  DC  B "C5'" 1 
ATOM   294 C  "C4'" . DC  B 2 3  ? -12.079 -12.526 -10.104 1.00 63.52  ? 14  DC  B "C4'" 1 
ATOM   295 O  "O4'" . DC  B 2 3  ? -12.186 -11.786 -8.867  1.00 59.28  ? 14  DC  B "O4'" 1 
ATOM   296 C  "C3'" . DC  B 2 3  ? -10.584 -12.784 -10.309 1.00 55.14  ? 14  DC  B "C3'" 1 
ATOM   297 O  "O3'" . DC  B 2 3  ? -10.190 -12.340 -11.589 1.00 62.36  ? 14  DC  B "O3'" 1 
ATOM   298 C  "C2'" . DC  B 2 3  ? -9.906  -11.970 -9.207  1.00 60.43  ? 14  DC  B "C2'" 1 
ATOM   299 C  "C1'" . DC  B 2 3  ? -11.016 -11.041 -8.738  1.00 54.75  ? 14  DC  B "C1'" 1 
ATOM   300 N  N1    . DC  B 2 3  ? -10.842 -10.625 -7.340  1.00 47.13  ? 14  DC  B N1    1 
ATOM   301 C  C2    . DC  B 2 3  ? -10.468 -9.308  -7.064  1.00 49.90  ? 14  DC  B C2    1 
ATOM   302 O  O2    . DC  B 2 3  ? -10.331 -8.509  -8.005  1.00 50.50  ? 14  DC  B O2    1 
ATOM   303 N  N3    . DC  B 2 3  ? -10.273 -8.939  -5.773  1.00 48.39  ? 14  DC  B N3    1 
ATOM   304 C  C4    . DC  B 2 3  ? -10.429 -9.834  -4.794  1.00 49.54  ? 14  DC  B C4    1 
ATOM   305 N  N4    . DC  B 2 3  ? -10.229 -9.426  -3.535  1.00 46.95  ? 14  DC  B N4    1 
ATOM   306 C  C5    . DC  B 2 3  ? -10.796 -11.187 -5.064  1.00 50.06  ? 14  DC  B C5    1 
ATOM   307 C  C6    . DC  B 2 3  ? -10.980 -11.536 -6.341  1.00 48.03  ? 14  DC  B C6    1 
ATOM   308 P  P     . DC  B 2 4  ? -8.688  -12.586 -12.106 1.00 67.45  ? 15  DC  B P     1 
ATOM   309 O  OP1   . DC  B 2 4  ? -8.793  -12.830 -13.566 1.00 60.86  ? 15  DC  B OP1   1 
ATOM   310 O  OP2   . DC  B 2 4  ? -8.026  -13.570 -11.213 1.00 48.45  ? 15  DC  B OP2   1 
ATOM   311 O  "O5'" . DC  B 2 4  ? -7.970  -11.180 -11.866 1.00 55.76  ? 15  DC  B "O5'" 1 
ATOM   312 C  "C5'" . DC  B 2 4  ? -8.435  -10.018 -12.540 1.00 59.92  ? 15  DC  B "C5'" 1 
ATOM   313 C  "C4'" . DC  B 2 4  ? -7.623  -8.821  -12.105 1.00 58.76  ? 15  DC  B "C4'" 1 
ATOM   314 O  "O4'" . DC  B 2 4  ? -7.978  -8.496  -10.756 1.00 53.18  ? 15  DC  B "O4'" 1 
ATOM   315 C  "C3'" . DC  B 2 4  ? -6.128  -9.080  -12.062 1.00 59.23  ? 15  DC  B "C3'" 1 
ATOM   316 O  "O3'" . DC  B 2 4  ? -5.530  -8.674  -13.275 1.00 65.96  ? 15  DC  B "O3'" 1 
ATOM   317 C  "C2'" . DC  B 2 4  ? -5.629  -8.229  -10.895 1.00 55.71  ? 15  DC  B "C2'" 1 
ATOM   318 C  "C1'" . DC  B 2 4  ? -6.888  -7.880  -10.116 1.00 50.09  ? 15  DC  B "C1'" 1 
ATOM   319 N  N1    . DC  B 2 4  ? -6.866  -8.326  -8.692  1.00 49.31  ? 15  DC  B N1    1 
ATOM   320 C  C2    . DC  B 2 4  ? -6.437  -7.438  -7.700  1.00 48.90  ? 15  DC  B C2    1 
ATOM   321 O  O2    . DC  B 2 4  ? -6.062  -6.304  -8.028  1.00 51.19  ? 15  DC  B O2    1 
ATOM   322 N  N3    . DC  B 2 4  ? -6.443  -7.847  -6.403  1.00 45.85  ? 15  DC  B N3    1 
ATOM   323 C  C4    . DC  B 2 4  ? -6.852  -9.079  -6.095  1.00 44.92  ? 15  DC  B C4    1 
ATOM   324 N  N4    . DC  B 2 4  ? -6.836  -9.440  -4.808  1.00 45.12  ? 15  DC  B N4    1 
ATOM   325 C  C5    . DC  B 2 4  ? -7.293  -9.995  -7.094  1.00 45.10  ? 15  DC  B C5    1 
ATOM   326 C  C6    . DC  B 2 4  ? -7.289  -9.579  -8.366  1.00 46.74  ? 15  DC  B C6    1 
ATOM   327 P  P     . DG  B 2 5  ? -3.989  -9.020  -13.563 1.00 74.39  ? 16  DG  B P     1 
ATOM   328 O  OP1   . DG  B 2 5  ? -3.772  -8.809  -15.013 1.00 71.06  ? 16  DG  B OP1   1 
ATOM   329 O  OP2   . DG  B 2 5  ? -3.672  -10.320 -12.913 1.00 64.11  ? 16  DG  B OP2   1 
ATOM   330 O  "O5'" . DG  B 2 5  ? -3.188  -7.893  -12.777 1.00 58.32  ? 16  DG  B "O5'" 1 
ATOM   331 C  "C5'" . DG  B 2 5  ? -3.307  -6.548  -13.178 1.00 59.20  ? 16  DG  B "C5'" 1 
ATOM   332 C  "C4'" . DG  B 2 5  ? -2.348  -5.681  -12.390 1.00 67.43  ? 16  DG  B "C4'" 1 
ATOM   333 O  "O4'" . DG  B 2 5  ? -2.654  -5.782  -10.979 1.00 66.65  ? 16  DG  B "O4'" 1 
ATOM   334 C  "C3'" . DG  B 2 5  ? -0.885  -6.062  -12.521 1.00 66.59  ? 16  DG  B "C3'" 1 
ATOM   335 O  "O3'" . DG  B 2 5  ? -0.091  -4.907  -12.452 1.00 65.15  ? 16  DG  B "O3'" 1 
ATOM   336 C  "C2'" . DG  B 2 5  ? -0.653  -6.973  -11.316 1.00 61.66  ? 16  DG  B "C2'" 1 
ATOM   337 C  "C1'" . DG  B 2 5  ? -1.577  -6.366  -10.276 1.00 54.69  ? 16  DG  B "C1'" 1 
ATOM   338 N  N9    . DG  B 2 5  ? -2.135  -7.352  -9.373  1.00 50.83  ? 16  DG  B N9    1 
ATOM   339 C  C8    . DG  B 2 5  ? -2.665  -8.565  -9.714  1.00 53.93  ? 16  DG  B C8    1 
ATOM   340 N  N7    . DG  B 2 5  ? -3.109  -9.243  -8.693  1.00 53.31  ? 16  DG  B N7    1 
ATOM   341 C  C5    . DG  B 2 5  ? -2.856  -8.422  -7.605  1.00 48.18  ? 16  DG  B C5    1 
ATOM   342 C  C6    . DG  B 2 5  ? -3.119  -8.626  -6.232  1.00 50.41  ? 16  DG  B C6    1 
ATOM   343 O  O6    . DG  B 2 5  ? -3.644  -9.607  -5.692  1.00 56.28  ? 16  DG  B O6    1 
ATOM   344 N  N1    . DG  B 2 5  ? -2.709  -7.546  -5.464  1.00 49.50  ? 16  DG  B N1    1 
ATOM   345 C  C2    . DG  B 2 5  ? -2.118  -6.410  -5.961  1.00 53.33  ? 16  DG  B C2    1 
ATOM   346 N  N2    . DG  B 2 5  ? -1.793  -5.471  -5.060  1.00 57.03  ? 16  DG  B N2    1 
ATOM   347 N  N3    . DG  B 2 5  ? -1.862  -6.206  -7.249  1.00 50.63  ? 16  DG  B N3    1 
ATOM   348 C  C4    . DG  B 2 5  ? -2.257  -7.252  -8.007  1.00 50.55  ? 16  DG  B C4    1 
ATOM   349 P  P     . DA  B 2 6  ? 1.495   -5.026  -12.644 1.00 81.05  ? 17  DA  B P     1 
ATOM   350 O  OP1   . DA  B 2 6  ? 1.919   -3.788  -13.343 1.00 74.02  ? 17  DA  B OP1   1 
ATOM   351 O  OP2   . DA  B 2 6  ? 1.785   -6.376  -13.190 1.00 67.27  ? 17  DA  B OP2   1 
ATOM   352 O  "O5'" . DA  B 2 6  ? 2.066   -4.965  -11.156 1.00 66.76  ? 17  DA  B "O5'" 1 
ATOM   353 C  "C5'" . DA  B 2 6  ? 1.973   -3.755  -10.442 1.00 63.69  ? 17  DA  B "C5'" 1 
ATOM   354 C  "C4'" . DA  B 2 6  ? 2.427   -3.942  -9.018  1.00 59.23  ? 17  DA  B "C4'" 1 
ATOM   355 O  "O4'" . DA  B 2 6  ? 1.606   -4.934  -8.366  1.00 62.18  ? 17  DA  B "O4'" 1 
ATOM   356 C  "C3'" . DA  B 2 6  ? 3.862   -4.416  -8.865  1.00 64.50  ? 17  DA  B "C3'" 1 
ATOM   357 O  "O3'" . DA  B 2 6  ? 4.496   -3.596  -7.934  1.00 69.99  ? 17  DA  B "O3'" 1 
ATOM   358 C  "C2'" . DA  B 2 6  ? 3.724   -5.859  -8.352  1.00 63.71  ? 17  DA  B "C2'" 1 
ATOM   359 C  "C1'" . DA  B 2 6  ? 2.423   -5.779  -7.592  1.00 59.79  ? 17  DA  B "C1'" 1 
ATOM   360 N  N9    . DA  B 2 6  ? 1.716   -7.046  -7.454  1.00 58.52  ? 17  DA  B N9    1 
ATOM   361 C  C8    . DA  B 2 6  ? 1.307   -7.876  -8.462  1.00 61.20  ? 17  DA  B C8    1 
ATOM   362 N  N7    . DA  B 2 6  ? 0.641   -8.931  -8.045  1.00 56.19  ? 17  DA  B N7    1 
ATOM   363 C  C5    . DA  B 2 6  ? 0.590   -8.765  -6.672  1.00 56.40  ? 17  DA  B C5    1 
ATOM   364 C  C6    . DA  B 2 6  ? 0.021   -9.543  -5.647  1.00 57.19  ? 17  DA  B C6    1 
ATOM   365 N  N6    . DA  B 2 6  ? -0.630  -10.687 -5.873  1.00 56.80  ? 17  DA  B N6    1 
ATOM   366 N  N1    . DA  B 2 6  ? 0.145   -9.096  -4.379  1.00 55.32  ? 17  DA  B N1    1 
ATOM   367 C  C2    . DA  B 2 6  ? 0.799   -7.945  -4.165  1.00 58.45  ? 17  DA  B C2    1 
ATOM   368 N  N3    . DA  B 2 6  ? 1.382   -7.130  -5.048  1.00 54.14  ? 17  DA  B N3    1 
ATOM   369 C  C4    . DA  B 2 6  ? 1.241   -7.604  -6.293  1.00 53.81  ? 17  DA  B C4    1 
ATOM   370 P  P     . DC  B 2 7  ? 6.092   -3.559  -7.855  1.00 73.46  ? 18  DC  B P     1 
ATOM   371 O  OP1   . DC  B 2 7  ? 6.451   -2.173  -7.487  1.00 73.02  ? 18  DC  B OP1   1 
ATOM   372 O  OP2   . DC  B 2 7  ? 6.626   -4.176  -9.094  1.00 72.00  ? 18  DC  B OP2   1 
ATOM   373 O  "O5'" . DC  B 2 7  ? 6.414   -4.495  -6.608  1.00 58.72  ? 18  DC  B "O5'" 1 
ATOM   374 C  "C5'" . DC  B 2 7  ? 5.912   -4.122  -5.352  1.00 70.38  ? 18  DC  B "C5'" 1 
ATOM   375 C  "C4'" . DC  B 2 7  ? 5.826   -5.310  -4.424  1.00 71.35  ? 18  DC  B "C4'" 1 
ATOM   376 O  "O4'" . DC  B 2 7  ? 4.866   -6.254  -4.911  1.00 65.17  ? 18  DC  B "O4'" 1 
ATOM   377 C  "C3'" . DC  B 2 7  ? 7.114   -6.105  -4.278  1.00 76.84  ? 18  DC  B "C3'" 1 
ATOM   378 O  "O3'" . DC  B 2 7  ? 7.761   -5.729  -3.086  1.00 80.85  ? 18  DC  B "O3'" 1 
ATOM   379 C  "C2'" . DC  B 2 7  ? 6.652   -7.579  -4.238  1.00 77.58  ? 18  DC  B "C2'" 1 
ATOM   380 C  "C1'" . DC  B 2 7  ? 5.133   -7.461  -4.259  1.00 69.54  ? 18  DC  B "C1'" 1 
ATOM   381 N  N1    . DC  B 2 7  ? 4.430   -8.561  -4.979  1.00 64.20  ? 18  DC  B N1    1 
ATOM   382 C  C2    . DC  B 2 7  ? 3.652   -9.465  -4.252  1.00 62.86  ? 18  DC  B C2    1 
ATOM   383 O  O2    . DC  B 2 7  ? 3.576   -9.339  -3.023  1.00 65.60  ? 18  DC  B O2    1 
ATOM   384 N  N3    . DC  B 2 7  ? 3.002   -10.452 -4.910  1.00 58.43  ? 18  DC  B N3    1 
ATOM   385 C  C4    . DC  B 2 7  ? 3.111   -10.549 -6.232  1.00 59.95  ? 18  DC  B C4    1 
ATOM   386 N  N4    . DC  B 2 7  ? 2.451   -11.539 -6.838  1.00 59.86  ? 18  DC  B N4    1 
ATOM   387 C  C5    . DC  B 2 7  ? 3.897   -9.633  -6.991  1.00 59.91  ? 18  DC  B C5    1 
ATOM   388 C  C6    . DC  B 2 7  ? 4.532   -8.663  -6.330  1.00 60.15  ? 18  DC  B C6    1 
ATOM   389 P  P     . DT  B 2 8  ? 9.168   -6.392  -2.697  1.00 100.90 ? 19  DT  B P     1 
ATOM   390 O  OP1   . DT  B 2 8  ? 9.927   -5.374  -1.937  1.00 100.91 ? 19  DT  B OP1   1 
ATOM   391 O  OP2   . DT  B 2 8  ? 9.745   -7.019  -3.913  1.00 84.74  ? 19  DT  B OP2   1 
ATOM   392 O  "O5'" . DT  B 2 8  ? 8.758   -7.567  -1.707  1.00 80.29  ? 19  DT  B "O5'" 1 
ATOM   393 C  "C5'" . DT  B 2 8  ? 7.730   -7.362  -0.769  1.00 80.12  ? 19  DT  B "C5'" 1 
ATOM   394 C  "C4'" . DT  B 2 8  ? 7.450   -8.642  -0.016  1.00 84.78  ? 19  DT  B "C4'" 1 
ATOM   395 O  "O4'" . DT  B 2 8  ? 6.593   -9.502  -0.810  1.00 84.55  ? 19  DT  B "O4'" 1 
ATOM   396 C  "C3'" . DT  B 2 8  ? 8.684   -9.473  0.305   1.00 87.32  ? 19  DT  B "C3'" 1 
ATOM   397 O  "O3'" . DT  B 2 8  ? 8.510   -10.075 1.560   1.00 92.98  ? 19  DT  B "O3'" 1 
ATOM   398 C  "C2'" . DT  B 2 8  ? 8.693   -10.515 -0.813  1.00 88.47  ? 19  DT  B "C2'" 1 
ATOM   399 C  "C1'" . DT  B 2 8  ? 7.205   -10.767 -0.966  1.00 83.12  ? 19  DT  B "C1'" 1 
ATOM   400 N  N1    . DT  B 2 8  ? 6.797   -11.310 -2.292  1.00 74.12  ? 19  DT  B N1    1 
ATOM   401 C  C2    . DT  B 2 8  ? 5.801   -12.259 -2.346  1.00 73.62  ? 19  DT  B C2    1 
ATOM   402 O  O2    . DT  B 2 8  ? 5.250   -12.707 -1.351  1.00 69.73  ? 19  DT  B O2    1 
ATOM   403 N  N3    . DT  B 2 8  ? 5.477   -12.677 -3.610  1.00 69.25  ? 19  DT  B N3    1 
ATOM   404 C  C4    . DT  B 2 8  ? 6.031   -12.244 -4.800  1.00 67.04  ? 19  DT  B C4    1 
ATOM   405 O  O4    . DT  B 2 8  ? 5.671   -12.681 -5.885  1.00 68.10  ? 19  DT  B O4    1 
ATOM   406 C  C5    . DT  B 2 8  ? 7.063   -11.243 -4.674  1.00 66.84  ? 19  DT  B C5    1 
ATOM   407 C  C7    . DT  B 2 8  ? 7.737   -10.699 -5.899  1.00 63.89  ? 19  DT  B C7    1 
ATOM   408 C  C6    . DT  B 2 8  ? 7.391   -10.826 -3.440  1.00 69.84  ? 19  DT  B C6    1 
ATOM   409 P  P     . DC  B 2 9  ? 9.788   -10.535 2.407   1.00 106.35 ? 20  DC  B P     1 
ATOM   410 O  OP1   . DC  B 2 9  ? 9.667   -9.894  3.740   1.00 103.35 ? 20  DC  B OP1   1 
ATOM   411 O  OP2   . DC  B 2 9  ? 10.977  -10.312 1.548   1.00 88.35  ? 20  DC  B OP2   1 
ATOM   412 O  "O5'" . DC  B 2 9  ? 9.589   -12.115 2.562   1.00 102.51 ? 20  DC  B "O5'" 1 
ATOM   413 C  "C5'" . DC  B 2 9  ? 8.441   -12.626 3.234   1.00 98.36  ? 20  DC  B "C5'" 1 
ATOM   414 C  "C4'" . DC  B 2 9  ? 8.225   -14.090 2.891   1.00 96.72  ? 20  DC  B "C4'" 1 
ATOM   415 O  "O4'" . DC  B 2 9  ? 7.847   -14.213 1.493   1.00 95.00  ? 20  DC  B "O4'" 1 
ATOM   416 C  "C3'" . DC  B 2 9  ? 9.455   -14.988 3.080   1.00 100.76 ? 20  DC  B "C3'" 1 
ATOM   417 O  "O3'" . DC  B 2 9  ? 9.080   -16.195 3.733   1.00 106.58 ? 20  DC  B "O3'" 1 
ATOM   418 C  "C2'" . DC  B 2 9  ? 9.926   -15.247 1.648   1.00 90.99  ? 20  DC  B "C2'" 1 
ATOM   419 C  "C1'" . DC  B 2 9  ? 8.601   -15.245 0.905   1.00 92.72  ? 20  DC  B "C1'" 1 
ATOM   420 N  N1    . DC  B 2 9  ? 8.729   -14.980 -0.558  1.00 85.37  ? 20  DC  B N1    1 
ATOM   421 C  C2    . DC  B 2 9  ? 7.794   -15.530 -1.444  1.00 79.33  ? 20  DC  B C2    1 
ATOM   422 O  O2    . DC  B 2 9  ? 6.869   -16.214 -0.992  1.00 79.80  ? 20  DC  B O2    1 
ATOM   423 N  N3    . DC  B 2 9  ? 7.928   -15.292 -2.772  1.00 74.58  ? 20  DC  B N3    1 
ATOM   424 C  C4    . DC  B 2 9  ? 8.941   -14.547 -3.217  1.00 77.78  ? 20  DC  B C4    1 
ATOM   425 N  N4    . DC  B 2 9  ? 9.032   -14.340 -4.536  1.00 76.93  ? 20  DC  B N4    1 
ATOM   426 C  C5    . DC  B 2 9  ? 9.907   -13.982 -2.332  1.00 78.91  ? 20  DC  B C5    1 
ATOM   427 C  C6    . DC  B 2 9  ? 9.765   -14.222 -1.024  1.00 83.82  ? 20  DC  B C6    1 
ATOM   428 P  P     . DT  C 3 1  ? -3.051  -4.335  14.338  1.00 89.05  ? 0   DT  C P     1 
ATOM   429 O  OP1   . DT  C 3 1  ? -2.892  -5.594  15.108  1.00 67.26  ? 0   DT  C OP1   1 
ATOM   430 O  OP2   . DT  C 3 1  ? -2.549  -3.046  14.884  1.00 68.90  ? 0   DT  C OP2   1 
ATOM   431 O  "O5'" . DT  C 3 1  ? -4.609  -4.157  14.008  1.00 60.60  ? 0   DT  C "O5'" 1 
ATOM   432 C  "C5'" . DT  C 3 1  ? -5.432  -5.306  13.842  1.00 55.81  ? 0   DT  C "C5'" 1 
ATOM   433 C  "C4'" . DT  C 3 1  ? -6.432  -5.090  12.735  1.00 54.67  ? 0   DT  C "C4'" 1 
ATOM   434 O  "O4'" . DT  C 3 1  ? -7.205  -3.889  13.004  1.00 53.10  ? 0   DT  C "O4'" 1 
ATOM   435 C  "C3'" . DT  C 3 1  ? -5.820  -4.888  11.352  1.00 55.03  ? 0   DT  C "C3'" 1 
ATOM   436 O  "O3'" . DT  C 3 1  ? -6.675  -5.501  10.379  1.00 59.66  ? 0   DT  C "O3'" 1 
ATOM   437 C  "C2'" . DT  C 3 1  ? -5.808  -3.360  11.229  1.00 51.90  ? 0   DT  C "C2'" 1 
ATOM   438 C  "C1'" . DT  C 3 1  ? -7.138  -3.041  11.878  1.00 49.16  ? 0   DT  C "C1'" 1 
ATOM   439 N  N1    . DT  C 3 1  ? -7.312  -1.640  12.345  1.00 47.59  ? 0   DT  C N1    1 
ATOM   440 C  C2    . DT  C 3 1  ? -8.400  -0.929  11.899  1.00 49.02  ? 0   DT  C C2    1 
ATOM   441 O  O2    . DT  C 3 1  ? -9.207  -1.378  11.109  1.00 51.14  ? 0   DT  C O2    1 
ATOM   442 N  N3    . DT  C 3 1  ? -8.507  0.340   12.404  1.00 48.63  ? 0   DT  C N3    1 
ATOM   443 C  C4    . DT  C 3 1  ? -7.657  0.953   13.308  1.00 50.71  ? 0   DT  C C4    1 
ATOM   444 O  O4    . DT  C 3 1  ? -7.834  2.102   13.705  1.00 49.97  ? 0   DT  C O4    1 
ATOM   445 C  C5    . DT  C 3 1  ? -6.543  0.151   13.749  1.00 49.68  ? 0   DT  C C5    1 
ATOM   446 C  C7    . DT  C 3 1  ? -5.558  0.719   14.725  1.00 44.85  ? 0   DT  C C7    1 
ATOM   447 C  C6    . DT  C 3 1  ? -6.427  -1.100  13.258  1.00 51.00  ? 0   DT  C C6    1 
ATOM   448 P  P     . DC  C 3 2  ? -6.116  -5.962  8.943   1.00 57.03  ? 1   DC  C P     1 
ATOM   449 O  OP1   . DC  C 3 2  ? -6.857  -7.181  8.546   1.00 48.51  ? 1   DC  C OP1   1 
ATOM   450 O  OP2   . DC  C 3 2  ? -4.632  -5.981  9.005   1.00 51.86  ? 1   DC  C OP2   1 
ATOM   451 O  "O5'" . DC  C 3 2  ? -6.612  -4.785  7.986   1.00 50.83  ? 1   DC  C "O5'" 1 
ATOM   452 C  "C5'" . DC  C 3 2  ? -7.648  -3.946  8.435   1.00 47.24  ? 1   DC  C "C5'" 1 
ATOM   453 C  "C4'" . DC  C 3 2  ? -8.556  -3.548  7.310   1.00 48.33  ? 1   DC  C "C4'" 1 
ATOM   454 O  "O4'" . DC  C 3 2  ? -8.992  -2.189  7.533   1.00 55.94  ? 1   DC  C "O4'" 1 
ATOM   455 C  "C3'" . DC  C 3 2  ? -7.898  -3.480  5.963   1.00 40.80  ? 1   DC  C "C3'" 1 
ATOM   456 O  "O3'" . DC  C 3 2  ? -8.909  -3.344  4.993   1.00 36.21  ? 1   DC  C "O3'" 1 
ATOM   457 C  "C2'" . DC  C 3 2  ? -7.102  -2.187  6.112   1.00 52.38  ? 1   DC  C "C2'" 1 
ATOM   458 C  "C1'" . DC  C 3 2  ? -8.107  -1.302  6.865   1.00 51.56  ? 1   DC  C "C1'" 1 
ATOM   459 N  N1    . DC  C 3 2  ? -7.506  -0.407  7.899   1.00 46.04  ? 1   DC  C N1    1 
ATOM   460 C  C2    . DC  C 3 2  ? -8.170  0.775   8.262   1.00 48.57  ? 1   DC  C C2    1 
ATOM   461 O  O2    . DC  C 3 2  ? -9.235  1.068   7.702   1.00 47.00  ? 1   DC  C O2    1 
ATOM   462 N  N3    . DC  C 3 2  ? -7.627  1.567   9.217   1.00 48.68  ? 1   DC  C N3    1 
ATOM   463 C  C4    . DC  C 3 2  ? -6.485  1.212   9.803   1.00 48.87  ? 1   DC  C C4    1 
ATOM   464 N  N4    . DC  C 3 2  ? -5.989  2.023   10.739  1.00 51.67  ? 1   DC  C N4    1 
ATOM   465 C  C5    . DC  C 3 2  ? -5.800  0.012   9.453   1.00 47.62  ? 1   DC  C C5    1 
ATOM   466 C  C6    . DC  C 3 2  ? -6.343  -0.762  8.510   1.00 46.56  ? 1   DC  C C6    1 
ATOM   467 P  P     . DA  C 3 3  ? -8.602  -3.632  3.452   1.00 45.96  ? 2   DA  C P     1 
ATOM   468 O  OP1   . DA  C 3 3  ? -9.862  -4.032  2.773   1.00 32.63  ? 2   DA  C OP1   1 
ATOM   469 O  OP2   . DA  C 3 3  ? -7.381  -4.474  3.404   1.00 42.77  ? 2   DA  C OP2   1 
ATOM   470 O  "O5'" . DA  C 3 3  ? -8.295  -2.194  2.860   1.00 44.72  ? 2   DA  C "O5'" 1 
ATOM   471 C  "C5'" . DA  C 3 3  ? -9.333  -1.510  2.196   1.00 46.03  ? 2   DA  C "C5'" 1 
ATOM   472 C  "C4'" . DA  C 3 3  ? -9.073  -0.029  2.197   1.00 42.94  ? 2   DA  C "C4'" 1 
ATOM   473 O  "O4'" . DA  C 3 3  ? -8.715  0.387   3.523   1.00 46.11  ? 2   DA  C "O4'" 1 
ATOM   474 C  "C3'" . DA  C 3 3  ? -7.884  0.394   1.387   1.00 43.29  ? 2   DA  C "C3'" 1 
ATOM   475 O  "O3'" . DA  C 3 3  ? -8.197  0.445   -0.003  1.00 46.33  ? 2   DA  C "O3'" 1 
ATOM   476 C  "C2'" . DA  C 3 3  ? -7.606  1.763   1.960   1.00 40.47  ? 2   DA  C "C2'" 1 
ATOM   477 C  "C1'" . DA  C 3 3  ? -7.986  1.596   3.423   1.00 44.84  ? 2   DA  C "C1'" 1 
ATOM   478 N  N9    . DA  C 3 3  ? -6.840  1.523   4.308   1.00 44.56  ? 2   DA  C N9    1 
ATOM   479 C  C8    . DA  C 3 3  ? -5.820  0.621   4.256   1.00 44.60  ? 2   DA  C C8    1 
ATOM   480 N  N7    . DA  C 3 3  ? -4.921  0.788   5.200   1.00 46.02  ? 2   DA  C N7    1 
ATOM   481 C  C5    . DA  C 3 3  ? -5.387  1.876   5.915   1.00 45.70  ? 2   DA  C C5    1 
ATOM   482 C  C6    . DA  C 3 3  ? -4.885  2.553   7.042   1.00 47.82  ? 2   DA  C C6    1 
ATOM   483 N  N6    . DA  C 3 3  ? -3.750  2.208   7.661   1.00 52.10  ? 2   DA  C N6    1 
ATOM   484 N  N1    . DA  C 3 3  ? -5.591  3.603   7.508   1.00 45.50  ? 2   DA  C N1    1 
ATOM   485 C  C2    . DA  C 3 3  ? -6.725  3.943   6.884   1.00 49.57  ? 2   DA  C C2    1 
ATOM   486 N  N3    . DA  C 3 3  ? -7.297  3.380   5.818   1.00 48.46  ? 2   DA  C N3    1 
ATOM   487 C  C4    . DA  C 3 3  ? -6.567  2.344   5.379   1.00 47.36  ? 2   DA  C C4    1 
ATOM   488 P  P     . DG  C 3 4  ? -9.486  1.219   -0.564  1.00 43.82  ? 3   DG  C P     1 
ATOM   489 O  OP1   . DG  C 3 4  ? -9.423  2.634   -0.152  1.00 50.07  ? 3   DG  C OP1   1 
ATOM   490 O  OP2   . DG  C 3 4  ? -10.688 0.392   -0.322  1.00 41.37  ? 3   DG  C OP2   1 
ATOM   491 O  "O5'" . DG  C 3 4  ? -9.236  1.225   -2.139  1.00 48.71  ? 3   DG  C "O5'" 1 
ATOM   492 C  "C5'" . DG  C 3 4  ? -7.898  1.329   -2.637  1.00 44.79  ? 3   DG  C "C5'" 1 
ATOM   493 C  "C4'" . DG  C 3 4  ? -7.732  0.542   -3.926  1.00 42.11  ? 3   DG  C "C4'" 1 
ATOM   494 O  "O4'" . DG  C 3 4  ? -7.215  -0.762  -3.621  1.00 40.58  ? 3   DG  C "O4'" 1 
ATOM   495 C  "C3'" . DG  C 3 4  ? -9.015  0.258   -4.667  1.00 43.02  ? 3   DG  C "C3'" 1 
ATOM   496 O  "O3'" . DG  C 3 4  ? -9.362  1.351   -5.468  1.00 44.67  ? 3   DG  C "O3'" 1 
ATOM   497 C  "C2'" . DG  C 3 4  ? -8.642  -0.955  -5.506  1.00 38.04  ? 3   DG  C "C2'" 1 
ATOM   498 C  "C1'" . DG  C 3 4  ? -7.674  -1.689  -4.587  1.00 41.83  ? 3   DG  C "C1'" 1 
ATOM   499 N  N9    . DG  C 3 4  ? -8.259  -2.812  -3.878  1.00 42.12  ? 3   DG  C N9    1 
ATOM   500 C  C8    . DG  C 3 4  ? -8.415  -2.929  -2.520  1.00 41.35  ? 3   DG  C C8    1 
ATOM   501 N  N7    . DG  C 3 4  ? -8.950  -4.055  -2.152  1.00 39.84  ? 3   DG  C N7    1 
ATOM   502 C  C5    . DG  C 3 4  ? -9.162  -4.729  -3.341  1.00 40.58  ? 3   DG  C C5    1 
ATOM   503 C  C6    . DG  C 3 4  ? -9.714  -5.999  -3.561  1.00 41.96  ? 3   DG  C C6    1 
ATOM   504 O  O6    . DG  C 3 4  ? -10.135 -6.800  -2.720  1.00 45.79  ? 3   DG  C O6    1 
ATOM   505 N  N1    . DG  C 3 4  ? -9.752  -6.317  -4.915  1.00 41.17  ? 3   DG  C N1    1 
ATOM   506 C  C2    . DG  C 3 4  ? -9.306  -5.501  -5.925  1.00 44.82  ? 3   DG  C C2    1 
ATOM   507 N  N2    . DG  C 3 4  ? -9.424  -5.983  -7.171  1.00 44.93  ? 3   DG  C N2    1 
ATOM   508 N  N3    . DG  C 3 4  ? -8.777  -4.297  -5.730  1.00 43.54  ? 3   DG  C N3    1 
ATOM   509 C  C4    . DG  C 3 4  ? -8.739  -3.980  -4.416  1.00 41.51  ? 3   DG  C C4    1 
ATOM   510 P  P     . DC  C 3 5  ? -10.910 1.647   -5.749  1.00 46.00  ? 4   DC  C P     1 
ATOM   511 O  OP1   . DC  C 3 5  ? -11.008 2.999   -6.350  1.00 43.47  ? 4   DC  C OP1   1 
ATOM   512 O  OP2   . DC  C 3 5  ? -11.663 1.242   -4.532  1.00 37.04  ? 4   DC  C OP2   1 
ATOM   513 O  "O5'" . DC  C 3 5  ? -11.275 0.612   -6.893  1.00 43.06  ? 4   DC  C "O5'" 1 
ATOM   514 C  "C5'" . DC  C 3 5  ? -10.427 0.499   -8.012  1.00 48.84  ? 4   DC  C "C5'" 1 
ATOM   515 C  "C4'" . DC  C 3 5  ? -10.990 -0.519  -8.955  1.00 54.06  ? 4   DC  C "C4'" 1 
ATOM   516 O  "O4'" . DC  C 3 5  ? -10.607 -1.841  -8.520  1.00 50.47  ? 4   DC  C "O4'" 1 
ATOM   517 C  "C3'" . DC  C 3 5  ? -12.498 -0.521  -8.977  1.00 50.00  ? 4   DC  C "C3'" 1 
ATOM   518 O  "O3'" . DC  C 3 5  ? -12.925 0.403   -9.952  1.00 55.27  ? 4   DC  C "O3'" 1 
ATOM   519 C  "C2'" . DC  C 3 5  ? -12.826 -1.961  -9.348  1.00 47.61  ? 4   DC  C "C2'" 1 
ATOM   520 C  "C1'" . DC  C 3 5  ? -11.691 -2.736  -8.688  1.00 47.15  ? 4   DC  C "C1'" 1 
ATOM   521 N  N1    . DC  C 3 5  ? -12.019 -3.299  -7.360  1.00 44.20  ? 4   DC  C N1    1 
ATOM   522 C  C2    . DC  C 3 5  ? -12.558 -4.582  -7.266  1.00 42.66  ? 4   DC  C C2    1 
ATOM   523 O  O2    . DC  C 3 5  ? -12.785 -5.216  -8.301  1.00 46.57  ? 4   DC  C O2    1 
ATOM   524 N  N3    . DC  C 3 5  ? -12.826 -5.089  -6.043  1.00 42.51  ? 4   DC  C N3    1 
ATOM   525 C  C4    . DC  C 3 5  ? -12.568 -4.370  -4.951  1.00 42.90  ? 4   DC  C C4    1 
ATOM   526 N  N4    . DC  C 3 5  ? -12.852 -4.910  -3.766  1.00 42.44  ? 4   DC  C N4    1 
ATOM   527 C  C5    . DC  C 3 5  ? -12.011 -3.064  -5.026  1.00 43.79  ? 4   DC  C C5    1 
ATOM   528 C  C6    . DC  C 3 5  ? -11.748 -2.573  -6.237  1.00 45.72  ? 4   DC  C C6    1 
ATOM   529 P  P     . DG  C 3 6  ? -14.419 0.365   -10.524 1.00 57.35  ? 5   DG  C P     1 
ATOM   530 O  OP1   . DG  C 3 6  ? -14.653 1.660   -11.206 1.00 64.85  ? 5   DG  C OP1   1 
ATOM   531 O  OP2   . DG  C 3 6  ? -15.346 -0.072  -9.459  1.00 57.93  ? 5   DG  C OP2   1 
ATOM   532 O  "O5'" . DG  C 3 6  ? -14.356 -0.781  -11.620 1.00 52.42  ? 5   DG  C "O5'" 1 
ATOM   533 C  "C5'" . DG  C 3 6  ? -15.521 -1.178  -12.247 1.00 59.78  ? 5   DG  C "C5'" 1 
ATOM   534 C  "C4'" . DG  C 3 6  ? -15.706 -2.668  -12.133 1.00 57.23  ? 5   DG  C "C4'" 1 
ATOM   535 O  "O4'" . DG  C 3 6  ? -15.305 -3.132  -10.824 1.00 49.04  ? 5   DG  C "O4'" 1 
ATOM   536 C  "C3'" . DG  C 3 6  ? -17.131 -3.120  -12.310 1.00 51.67  ? 5   DG  C "C3'" 1 
ATOM   537 O  "O3'" . DG  C 3 6  ? -17.139 -4.263  -13.109 1.00 62.13  ? 5   DG  C "O3'" 1 
ATOM   538 C  "C2'" . DG  C 3 6  ? -17.594 -3.416  -10.884 1.00 46.58  ? 5   DG  C "C2'" 1 
ATOM   539 C  "C1'" . DG  C 3 6  ? -16.319 -3.939  -10.279 1.00 43.68  ? 5   DG  C "C1'" 1 
ATOM   540 N  N9    . DG  C 3 6  ? -16.235 -3.798  -8.841  1.00 43.98  ? 5   DG  C N9    1 
ATOM   541 C  C8    . DG  C 3 6  ? -15.851 -2.676  -8.163  1.00 47.25  ? 5   DG  C C8    1 
ATOM   542 N  N7    . DG  C 3 6  ? -15.816 -2.831  -6.875  1.00 47.51  ? 5   DG  C N7    1 
ATOM   543 C  C5    . DG  C 3 6  ? -16.186 -4.145  -6.683  1.00 43.12  ? 5   DG  C C5    1 
ATOM   544 C  C6    . DG  C 3 6  ? -16.322 -4.876  -5.483  1.00 46.93  ? 5   DG  C C6    1 
ATOM   545 O  O6    . DG  C 3 6  ? -16.139 -4.485  -4.319  1.00 47.01  ? 5   DG  C O6    1 
ATOM   546 N  N1    . DG  C 3 6  ? -16.711 -6.187  -5.726  1.00 46.56  ? 5   DG  C N1    1 
ATOM   547 C  C2    . DG  C 3 6  ? -16.944 -6.717  -6.970  1.00 49.33  ? 5   DG  C C2    1 
ATOM   548 N  N2    . DG  C 3 6  ? -17.315 -8.005  -6.999  1.00 55.32  ? 5   DG  C N2    1 
ATOM   549 N  N3    . DG  C 3 6  ? -16.825 -6.036  -8.108  1.00 47.46  ? 5   DG  C N3    1 
ATOM   550 C  C4    . DG  C 3 6  ? -16.443 -4.761  -7.884  1.00 43.45  ? 5   DG  C C4    1 
ATOM   551 O  "O5'" . DT  D 4 1  ? 13.499  -16.248 -14.767 1.00 111.86 ? 2   DT  D "O5'" 1 
ATOM   552 C  "C5'" . DT  D 4 1  ? 12.294  -16.587 -14.090 1.00 108.24 ? 2   DT  D "C5'" 1 
ATOM   553 C  "C4'" . DT  D 4 1  ? 11.973  -18.064 -14.256 1.00 107.12 ? 2   DT  D "C4'" 1 
ATOM   554 O  "O4'" . DT  D 4 1  ? 12.622  -18.820 -13.190 1.00 96.27  ? 2   DT  D "O4'" 1 
ATOM   555 C  "C3'" . DT  D 4 1  ? 10.485  -18.401 -14.155 1.00 112.67 ? 2   DT  D "C3'" 1 
ATOM   556 O  "O3'" . DT  D 4 1  ? 10.157  -19.513 -15.006 1.00 115.67 ? 2   DT  D "O3'" 1 
ATOM   557 C  "C2'" . DT  D 4 1  ? 10.339  -18.739 -12.684 1.00 108.80 ? 2   DT  D "C2'" 1 
ATOM   558 C  "C1'" . DT  D 4 1  ? 11.645  -19.460 -12.400 1.00 94.11  ? 2   DT  D "C1'" 1 
ATOM   559 N  N1    . DT  D 4 1  ? 12.023  -19.363 -10.979 1.00 88.34  ? 2   DT  D N1    1 
ATOM   560 C  C2    . DT  D 4 1  ? 11.613  -20.350 -10.123 1.00 86.15  ? 2   DT  D C2    1 
ATOM   561 O  O2    . DT  D 4 1  ? 10.986  -21.325 -10.490 1.00 88.40  ? 2   DT  D O2    1 
ATOM   562 N  N3    . DT  D 4 1  ? 11.975  -20.166 -8.816  1.00 84.11  ? 2   DT  D N3    1 
ATOM   563 C  C4    . DT  D 4 1  ? 12.679  -19.100 -8.291  1.00 86.14  ? 2   DT  D C4    1 
ATOM   564 O  O4    . DT  D 4 1  ? 12.960  -19.023 -7.100  1.00 83.30  ? 2   DT  D O4    1 
ATOM   565 C  C5    . DT  D 4 1  ? 13.066  -18.085 -9.246  1.00 86.78  ? 2   DT  D C5    1 
ATOM   566 C  C7    . DT  D 4 1  ? 13.833  -16.879 -8.795  1.00 87.13  ? 2   DT  D C7    1 
ATOM   567 C  C6    . DT  D 4 1  ? 12.715  -18.259 -10.528 1.00 86.32  ? 2   DT  D C6    1 
ATOM   568 P  P     . DC  D 4 2  ? 8.963   -20.541 -14.644 1.00 124.17 ? 3   DC  D P     1 
ATOM   569 O  OP1   . DC  D 4 2  ? 9.462   -21.417 -13.553 1.00 110.81 ? 3   DC  D OP1   1 
ATOM   570 O  OP2   . DC  D 4 2  ? 8.585   -21.187 -15.920 1.00 133.13 ? 3   DC  D OP2   1 
ATOM   571 O  "O5'" . DC  D 4 2  ? 7.696   -19.614 -14.266 1.00 99.26  ? 3   DC  D "O5'" 1 
ATOM   572 C  "C5'" . DC  D 4 2  ? 7.083   -19.641 -12.957 1.00 99.92  ? 3   DC  D "C5'" 1 
ATOM   573 C  "C4'" . DC  D 4 2  ? 6.810   -21.054 -12.462 1.00 98.96  ? 3   DC  D "C4'" 1 
ATOM   574 O  "O4'" . DC  D 4 2  ? 7.742   -21.354 -11.385 1.00 97.48  ? 3   DC  D "O4'" 1 
ATOM   575 C  "C3'" . DC  D 4 2  ? 5.451   -21.240 -11.823 1.00 101.60 ? 3   DC  D "C3'" 1 
ATOM   576 O  "O3'" . DC  D 4 2  ? 5.141   -22.624 -11.714 1.00 107.63 ? 3   DC  D "O3'" 1 
ATOM   577 C  "C2'" . DC  D 4 2  ? 5.702   -20.635 -10.456 1.00 100.20 ? 3   DC  D "C2'" 1 
ATOM   578 C  "C1'" . DC  D 4 2  ? 7.086   -21.181 -10.135 1.00 92.35  ? 3   DC  D "C1'" 1 
ATOM   579 N  N1    . DC  D 4 2  ? 7.884   -20.252 -9.269  1.00 85.21  ? 3   DC  D N1    1 
ATOM   580 C  C2    . DC  D 4 2  ? 7.995   -20.511 -7.898  1.00 80.89  ? 3   DC  D C2    1 
ATOM   581 O  O2    . DC  D 4 2  ? 7.452   -21.520 -7.428  1.00 81.94  ? 3   DC  D O2    1 
ATOM   582 N  N3    . DC  D 4 2  ? 8.707   -19.654 -7.124  1.00 81.94  ? 3   DC  D N3    1 
ATOM   583 C  C4    . DC  D 4 2  ? 9.279   -18.577 -7.671  1.00 83.92  ? 3   DC  D C4    1 
ATOM   584 N  N4    . DC  D 4 2  ? 9.970   -17.762 -6.867  1.00 83.59  ? 3   DC  D N4    1 
ATOM   585 C  C5    . DC  D 4 2  ? 9.165   -18.289 -9.063  1.00 78.25  ? 3   DC  D C5    1 
ATOM   586 C  C6    . DC  D 4 2  ? 8.462   -19.140 -9.814  1.00 83.44  ? 3   DC  D C6    1 
ATOM   587 P  P     . DG  D 4 3  ? 3.647   -23.089 -11.333 1.00 118.89 ? 4   DG  D P     1 
ATOM   588 O  OP1   . DG  D 4 3  ? 3.694   -24.516 -10.937 1.00 109.44 ? 4   DG  D OP1   1 
ATOM   589 O  OP2   . DG  D 4 3  ? 2.741   -22.622 -12.409 1.00 107.61 ? 4   DG  D OP2   1 
ATOM   590 O  "O5'" . DG  D 4 3  ? 3.298   -22.239 -10.034 1.00 98.45  ? 4   DG  D "O5'" 1 
ATOM   591 C  "C5'" . DG  D 4 3  ? 2.112   -22.480 -9.342  1.00 97.50  ? 4   DG  D "C5'" 1 
ATOM   592 C  "C4'" . DG  D 4 3  ? 2.399   -22.699 -7.874  1.00 95.79  ? 4   DG  D "C4'" 1 
ATOM   593 O  "O4'" . DG  D 4 3  ? 3.619   -22.001 -7.501  1.00 88.70  ? 4   DG  D "O4'" 1 
ATOM   594 C  "C3'" . DG  D 4 3  ? 1.307   -22.194 -6.948  1.00 93.66  ? 4   DG  D "C3'" 1 
ATOM   595 O  "O3'" . DG  D 4 3  ? 1.043   -23.151 -5.946  1.00 95.21  ? 4   DG  D "O3'" 1 
ATOM   596 C  "C2'" . DG  D 4 3  ? 1.875   -20.896 -6.376  1.00 89.43  ? 4   DG  D "C2'" 1 
ATOM   597 C  "C1'" . DG  D 4 3  ? 3.377   -21.143 -6.406  1.00 84.89  ? 4   DG  D "C1'" 1 
ATOM   598 N  N9    . DG  D 4 3  ? 4.175   -19.922 -6.586  1.00 76.84  ? 4   DG  D N9    1 
ATOM   599 C  C8    . DG  D 4 3  ? 4.405   -19.245 -7.761  1.00 77.59  ? 4   DG  D C8    1 
ATOM   600 N  N7    . DG  D 4 3  ? 5.168   -18.196 -7.623  1.00 66.95  ? 4   DG  D N7    1 
ATOM   601 C  C5    . DG  D 4 3  ? 5.465   -18.170 -6.269  1.00 69.20  ? 4   DG  D C5    1 
ATOM   602 C  C6    . DG  D 4 3  ? 6.253   -17.259 -5.527  1.00 70.82  ? 4   DG  D C6    1 
ATOM   603 O  O6    . DG  D 4 3  ? 6.866   -16.264 -5.935  1.00 73.06  ? 4   DG  D O6    1 
ATOM   604 N  N1    . DG  D 4 3  ? 6.296   -17.596 -4.180  1.00 71.49  ? 4   DG  D N1    1 
ATOM   605 C  C2    . DG  D 4 3  ? 5.657   -18.677 -3.617  1.00 76.61  ? 4   DG  D C2    1 
ATOM   606 N  N2    . DG  D 4 3  ? 5.818   -18.840 -2.294  1.00 82.22  ? 4   DG  D N2    1 
ATOM   607 N  N3    . DG  D 4 3  ? 4.915   -19.541 -4.300  1.00 76.35  ? 4   DG  D N3    1 
ATOM   608 C  C4    . DG  D 4 3  ? 4.863   -19.227 -5.616  1.00 73.69  ? 4   DG  D C4    1 
ATOM   609 P  P     . DA  D 4 4  ? -0.436  -23.256 -5.335  1.00 108.76 ? 5   DA  D P     1 
ATOM   610 O  OP1   . DA  D 4 4  ? -0.639  -24.633 -4.827  1.00 101.95 ? 5   DA  D OP1   1 
ATOM   611 O  OP2   . DA  D 4 4  ? -1.357  -22.689 -6.350  1.00 95.65  ? 5   DA  D OP2   1 
ATOM   612 O  "O5'" . DA  D 4 4  ? -0.384  -22.259 -4.090  1.00 97.85  ? 5   DA  D "O5'" 1 
ATOM   613 C  "C5'" . DA  D 4 4  ? 0.703   -22.342 -3.181  1.00 94.31  ? 5   DA  D "C5'" 1 
ATOM   614 C  "C4'" . DA  D 4 4  ? 0.697   -21.170 -2.220  1.00 92.26  ? 5   DA  D "C4'" 1 
ATOM   615 O  "O4'" . DA  D 4 4  ? 1.571   -20.122 -2.711  1.00 82.90  ? 5   DA  D "O4'" 1 
ATOM   616 C  "C3'" . DA  D 4 4  ? -0.670  -20.525 -1.991  1.00 81.66  ? 5   DA  D "C3'" 1 
ATOM   617 O  "O3'" . DA  D 4 4  ? -0.866  -20.339 -0.602  1.00 86.37  ? 5   DA  D "O3'" 1 
ATOM   618 C  "C2'" . DA  D 4 4  ? -0.562  -19.193 -2.733  1.00 72.63  ? 5   DA  D "C2'" 1 
ATOM   619 C  "C1'" . DA  D 4 4  ? 0.919   -18.886 -2.594  1.00 73.59  ? 5   DA  D "C1'" 1 
ATOM   620 N  N9    . DA  D 4 4  ? 1.436   -18.016 -3.634  1.00 70.02  ? 5   DA  D N9    1 
ATOM   621 C  C8    . DA  D 4 4  ? 1.178   -18.091 -4.971  1.00 67.97  ? 5   DA  D C8    1 
ATOM   622 N  N7    . DA  D 4 4  ? 1.793   -17.177 -5.680  1.00 66.51  ? 5   DA  D N7    1 
ATOM   623 C  C5    . DA  D 4 4  ? 2.502   -16.451 -4.739  1.00 65.08  ? 5   DA  D C5    1 
ATOM   624 C  C6    . DA  D 4 4  ? 3.356   -15.340 -4.846  1.00 64.94  ? 5   DA  D C6    1 
ATOM   625 N  N6    . DA  D 4 4  ? 3.647   -14.749 -6.008  1.00 68.82  ? 5   DA  D N6    1 
ATOM   626 N  N1    . DA  D 4 4  ? 3.903   -14.858 -3.710  1.00 64.63  ? 5   DA  D N1    1 
ATOM   627 C  C2    . DA  D 4 4  ? 3.608   -15.455 -2.549  1.00 65.78  ? 5   DA  D C2    1 
ATOM   628 N  N3    . DA  D 4 4  ? 2.820   -16.506 -2.324  1.00 66.17  ? 5   DA  D N3    1 
ATOM   629 C  C4    . DA  D 4 4  ? 2.294   -16.959 -3.472  1.00 68.36  ? 5   DA  D C4    1 
ATOM   630 P  P     . DG  D 4 5  ? -2.344  -20.178 0.004   1.00 98.59  ? 6   DG  D P     1 
ATOM   631 O  OP1   . DG  D 4 5  ? -2.601  -21.337 0.887   1.00 98.07  ? 6   DG  D OP1   1 
ATOM   632 O  OP2   . DG  D 4 5  ? -3.270  -19.881 -1.117  1.00 79.52  ? 6   DG  D OP2   1 
ATOM   633 O  "O5'" . DG  D 4 5  ? -2.200  -18.875 0.905   1.00 79.54  ? 6   DG  D "O5'" 1 
ATOM   634 C  "C5'" . DG  D 4 5  ? -1.464  -17.800 0.395   1.00 75.01  ? 6   DG  D "C5'" 1 
ATOM   635 C  "C4'" . DG  D 4 5  ? -0.835  -16.980 1.492   1.00 73.55  ? 6   DG  D "C4'" 1 
ATOM   636 O  "O4'" . DG  D 4 5  ? 0.297   -16.269 0.943   1.00 71.15  ? 6   DG  D "O4'" 1 
ATOM   637 C  "C3'" . DG  D 4 5  ? -1.744  -15.903 2.052   1.00 72.45  ? 6   DG  D "C3'" 1 
ATOM   638 O  "O3'" . DG  D 4 5  ? -1.388  -15.572 3.378   1.00 75.84  ? 6   DG  D "O3'" 1 
ATOM   639 C  "C2'" . DG  D 4 5  ? -1.512  -14.729 1.108   1.00 69.06  ? 6   DG  D "C2'" 1 
ATOM   640 C  "C1'" . DG  D 4 5  ? -0.096  -14.962 0.570   1.00 66.45  ? 6   DG  D "C1'" 1 
ATOM   641 N  N9    . DG  D 4 5  ? -0.042  -14.837 -0.881  1.00 58.59  ? 6   DG  D N9    1 
ATOM   642 C  C8    . DG  D 4 5  ? -0.665  -15.638 -1.806  1.00 63.83  ? 6   DG  D C8    1 
ATOM   643 N  N7    . DG  D 4 5  ? -0.474  -15.259 -3.037  1.00 63.54  ? 6   DG  D N7    1 
ATOM   644 C  C5    . DG  D 4 5  ? 0.311   -14.126 -2.919  1.00 58.78  ? 6   DG  D C5    1 
ATOM   645 C  C6    . DG  D 4 5  ? 0.836   -13.282 -3.920  1.00 59.07  ? 6   DG  D C6    1 
ATOM   646 O  O6    . DG  D 4 5  ? 0.703   -13.379 -5.150  1.00 57.56  ? 6   DG  D O6    1 
ATOM   647 N  N1    . DG  D 4 5  ? 1.582   -12.239 -3.372  1.00 59.85  ? 6   DG  D N1    1 
ATOM   648 C  C2    . DG  D 4 5  ? 1.787   -12.043 -2.019  1.00 60.59  ? 6   DG  D C2    1 
ATOM   649 N  N2    . DG  D 4 5  ? 2.532   -10.982 -1.673  1.00 62.31  ? 6   DG  D N2    1 
ATOM   650 N  N3    . DG  D 4 5  ? 1.298   -12.833 -1.073  1.00 55.78  ? 6   DG  D N3    1 
ATOM   651 C  C4    . DG  D 4 5  ? 0.575   -13.847 -1.594  1.00 56.36  ? 6   DG  D C4    1 
ATOM   652 P  P     . DT  D 4 6  ? -2.300  -14.529 4.192   1.00 81.96  ? 7   DT  D P     1 
ATOM   653 O  OP1   . DT  D 4 6  ? -1.977  -14.662 5.632   1.00 73.78  ? 7   DT  D OP1   1 
ATOM   654 O  OP2   . DT  D 4 6  ? -3.692  -14.710 3.710   1.00 74.46  ? 7   DT  D OP2   1 
ATOM   655 O  "O5'" . DT  D 4 6  ? -1.808  -13.092 3.679   1.00 70.43  ? 7   DT  D "O5'" 1 
ATOM   656 C  "C5'" . DT  D 4 6  ? -0.463  -12.698 3.868   1.00 61.12  ? 7   DT  D "C5'" 1 
ATOM   657 C  "C4'" . DT  D 4 6  ? -0.235  -11.289 3.352   1.00 58.47  ? 7   DT  D "C4'" 1 
ATOM   658 O  "O4'" . DT  D 4 6  ? -0.104  -11.305 1.908   1.00 59.87  ? 7   DT  D "O4'" 1 
ATOM   659 C  "C3'" . DT  D 4 6  ? -1.347  -10.284 3.662   1.00 53.18  ? 7   DT  D "C3'" 1 
ATOM   660 O  "O3'" . DT  D 4 6  ? -0.762  -9.075  4.100   1.00 50.46  ? 7   DT  D "O3'" 1 
ATOM   661 C  "C2'" . DT  D 4 6  ? -2.032  -10.107 2.309   1.00 51.95  ? 7   DT  D "C2'" 1 
ATOM   662 C  "C1'" . DT  D 4 6  ? -0.841  -10.234 1.385   1.00 51.03  ? 7   DT  D "C1'" 1 
ATOM   663 N  N1    . DT  D 4 6  ? -1.187  -10.547 -0.014  1.00 47.23  ? 7   DT  D N1    1 
ATOM   664 C  C2    . DT  D 4 6  ? -0.693  -9.750  -1.019  1.00 49.62  ? 7   DT  D C2    1 
ATOM   665 O  O2    . DT  D 4 6  ? 0.013   -8.781  -0.812  1.00 46.27  ? 7   DT  D O2    1 
ATOM   666 N  N3    . DT  D 4 6  ? -1.061  -10.128 -2.283  1.00 51.28  ? 7   DT  D N3    1 
ATOM   667 C  C4    . DT  D 4 6  ? -1.856  -11.205 -2.629  1.00 51.96  ? 7   DT  D C4    1 
ATOM   668 O  O4    . DT  D 4 6  ? -2.139  -11.471 -3.791  1.00 51.89  ? 7   DT  D O4    1 
ATOM   669 C  C5    . DT  D 4 6  ? -2.333  -11.996 -1.528  1.00 48.77  ? 7   DT  D C5    1 
ATOM   670 C  C7    . DT  D 4 6  ? -3.201  -13.185 -1.790  1.00 56.34  ? 7   DT  D C7    1 
ATOM   671 C  C6    . DT  D 4 6  ? -1.980  -11.634 -0.287  1.00 47.16  ? 7   DT  D C6    1 
ATOM   672 P  P     . DC  D 4 7  ? -1.623  -7.988  4.907   1.00 58.51  ? 8   DC  D P     1 
ATOM   673 O  OP1   . DC  D 4 7  ? -0.901  -7.699  6.168   1.00 57.36  ? 8   DC  D OP1   1 
ATOM   674 O  OP2   . DC  D 4 7  ? -3.047  -8.408  4.927   1.00 54.00  ? 8   DC  D OP2   1 
ATOM   675 O  "O5'" . DC  D 4 7  ? -1.531  -6.696  3.984   1.00 53.72  ? 8   DC  D "O5'" 1 
ATOM   676 C  "C5'" . DC  D 4 7  ? -0.282  -6.280  3.486   1.00 46.91  ? 8   DC  D "C5'" 1 
ATOM   677 C  "C4'" . DC  D 4 7  ? -0.465  -5.357  2.295   1.00 50.35  ? 8   DC  D "C4'" 1 
ATOM   678 O  "O4'" . DC  D 4 7  ? -0.850  -6.119  1.127   1.00 47.08  ? 8   DC  D "O4'" 1 
ATOM   679 C  "C3'" . DC  D 4 7  ? -1.535  -4.278  2.462   1.00 50.20  ? 8   DC  D "C3'" 1 
ATOM   680 O  "O3'" . DC  D 4 7  ? -0.975  -3.031  2.155   1.00 50.45  ? 8   DC  D "O3'" 1 
ATOM   681 C  "C2'" . DC  D 4 7  ? -2.626  -4.672  1.450   1.00 47.09  ? 8   DC  D "C2'" 1 
ATOM   682 C  "C1'" . DC  D 4 7  ? -1.803  -5.386  0.398   1.00 43.15  ? 8   DC  D "C1'" 1 
ATOM   683 N  N1    . DC  D 4 7  ? -2.550  -6.353  -0.451  1.00 37.83  ? 8   DC  D N1    1 
ATOM   684 C  C2    . DC  D 4 7  ? -2.529  -6.211  -1.842  1.00 43.55  ? 8   DC  D C2    1 
ATOM   685 O  O2    . DC  D 4 7  ? -1.927  -5.250  -2.345  1.00 46.95  ? 8   DC  D O2    1 
ATOM   686 N  N3    . DC  D 4 7  ? -3.178  -7.123  -2.606  1.00 46.85  ? 8   DC  D N3    1 
ATOM   687 C  C4    . DC  D 4 7  ? -3.813  -8.143  -2.028  1.00 47.49  ? 8   DC  D C4    1 
ATOM   688 N  N4    . DC  D 4 7  ? -4.443  -9.019  -2.820  1.00 47.29  ? 8   DC  D N4    1 
ATOM   689 C  C5    . DC  D 4 7  ? -3.833  -8.310  -0.613  1.00 44.64  ? 8   DC  D C5    1 
ATOM   690 C  C6    . DC  D 4 7  ? -3.186  -7.404  0.128   1.00 40.42  ? 8   DC  D C6    1 
ATOM   691 P  P     . DG  D 4 8  ? -1.721  -1.695  2.618   1.00 49.58  ? 9   DG  D P     1 
ATOM   692 O  OP1   . DG  D 4 8  ? -0.679  -0.663  2.798   1.00 59.69  ? 9   DG  D OP1   1 
ATOM   693 O  OP2   . DG  D 4 8  ? -2.633  -2.048  3.734   1.00 43.17  ? 9   DG  D OP2   1 
ATOM   694 O  "O5'" . DG  D 4 8  ? -2.567  -1.287  1.341   1.00 37.39  ? 9   DG  D "O5'" 1 
ATOM   695 C  "C5'" . DG  D 4 8  ? -1.931  -0.628  0.289   1.00 41.83  ? 9   DG  D "C5'" 1 
ATOM   696 C  "C4'" . DG  D 4 8  ? -2.851  -0.555  -0.896  1.00 43.19  ? 9   DG  D "C4'" 1 
ATOM   697 O  "O4'" . DG  D 4 8  ? -3.207  -1.900  -1.286  1.00 42.08  ? 9   DG  D "O4'" 1 
ATOM   698 C  "C3'" . DG  D 4 8  ? -4.172  0.175   -0.619  1.00 42.74  ? 9   DG  D "C3'" 1 
ATOM   699 O  "O3'" . DG  D 4 8  ? -4.349  1.257   -1.529  1.00 43.65  ? 9   DG  D "O3'" 1 
ATOM   700 C  "C2'" . DG  D 4 8  ? -5.235  -0.904  -0.810  1.00 46.91  ? 9   DG  D "C2'" 1 
ATOM   701 C  "C1'" . DG  D 4 8  ? -4.529  -1.882  -1.729  1.00 43.33  ? 9   DG  D "C1'" 1 
ATOM   702 N  N9    . DG  D 4 8  ? -5.088  -3.225  -1.656  1.00 39.24  ? 9   DG  D N9    1 
ATOM   703 C  C8    . DG  D 4 8  ? -5.469  -3.899  -0.524  1.00 39.93  ? 9   DG  D C8    1 
ATOM   704 N  N7    . DG  D 4 8  ? -5.969  -5.075  -0.770  1.00 39.74  ? 9   DG  D N7    1 
ATOM   705 C  C5    . DG  D 4 8  ? -5.925  -5.183  -2.148  1.00 38.09  ? 9   DG  D C5    1 
ATOM   706 C  C6    . DG  D 4 8  ? -6.328  -6.241  -2.985  1.00 42.49  ? 9   DG  D C6    1 
ATOM   707 O  O6    . DG  D 4 8  ? -6.824  -7.327  -2.656  1.00 43.08  ? 9   DG  D O6    1 
ATOM   708 N  N1    . DG  D 4 8  ? -6.107  -5.949  -4.329  1.00 41.88  ? 9   DG  D N1    1 
ATOM   709 C  C2    . DG  D 4 8  ? -5.568  -4.775  -4.796  1.00 45.12  ? 9   DG  D C2    1 
ATOM   710 N  N2    . DG  D 4 8  ? -5.433  -4.669  -6.124  1.00 50.31  ? 9   DG  D N2    1 
ATOM   711 N  N3    . DG  D 4 8  ? -5.186  -3.772  -4.017  1.00 43.55  ? 9   DG  D N3    1 
ATOM   712 C  C4    . DG  D 4 8  ? -5.393  -4.048  -2.710  1.00 38.18  ? 9   DG  D C4    1 
ATOM   713 P  P     . DC  D 4 9  ? -3.479  2.590   -1.342  1.00 47.98  ? 10  DC  D P     1 
ATOM   714 O  OP1   . DC  D 4 9  ? -2.771  2.838   -2.619  1.00 50.95  ? 10  DC  D OP1   1 
ATOM   715 O  OP2   . DC  D 4 9  ? -2.754  2.439   -0.064  1.00 42.45  ? 10  DC  D OP2   1 
ATOM   716 O  "O5'" . DC  D 4 9  ? -4.533  3.783   -1.142  1.00 55.27  ? 10  DC  D "O5'" 1 
ATOM   717 C  "C5'" . DC  D 4 9  ? -5.835  3.533   -0.641  1.00 51.44  ? 10  DC  D "C5'" 1 
ATOM   718 C  "C4'" . DC  D 4 9  ? -6.205  4.524   0.456   1.00 45.93  ? 10  DC  D "C4'" 1 
ATOM   719 O  "O4'" . DC  D 4 9  ? -5.813  3.989   1.722   1.00 46.21  ? 10  DC  D "O4'" 1 
ATOM   720 C  "C3'" . DC  D 4 9  ? -5.500  5.858   0.415   1.00 48.41  ? 10  DC  D "C3'" 1 
ATOM   721 O  "O3'" . DC  D 4 9  ? -6.163  6.745   -0.471  1.00 43.36  ? 10  DC  D "O3'" 1 
ATOM   722 C  "C2'" . DC  D 4 9  ? -5.605  6.332   1.875   1.00 49.66  ? 10  DC  D "C2'" 1 
ATOM   723 C  "C1'" . DC  D 4 9  ? -5.771  5.025   2.665   1.00 41.34  ? 10  DC  D "C1'" 1 
ATOM   724 N  N1    . DC  D 4 9  ? -4.663  4.716   3.588   1.00 40.46  ? 10  DC  D N1    1 
ATOM   725 C  C2    . DC  D 4 9  ? -4.438  5.504   4.720   1.00 47.45  ? 10  DC  D C2    1 
ATOM   726 O  O2    . DC  D 4 9  ? -5.166  6.479   4.941   1.00 49.94  ? 10  DC  D O2    1 
ATOM   727 N  N3    . DC  D 4 9  ? -3.412  5.178   5.545   1.00 50.64  ? 10  DC  D N3    1 
ATOM   728 C  C4    . DC  D 4 9  ? -2.645  4.120   5.270   1.00 47.79  ? 10  DC  D C4    1 
ATOM   729 N  N4    . DC  D 4 9  ? -1.647  3.833   6.110   1.00 48.59  ? 10  DC  D N4    1 
ATOM   730 C  C5    . DC  D 4 9  ? -2.868  3.310   4.130   1.00 41.28  ? 10  DC  D C5    1 
ATOM   731 C  C6    . DC  D 4 9  ? -3.878  3.641   3.328   1.00 42.81  ? 10  DC  D C6    1 
ATOM   732 P  P     . DT  D 4 10 ? -5.344  7.965   -1.117  1.00 53.45  ? 11  DT  D P     1 
ATOM   733 O  OP1   . DT  D 4 10 ? -6.247  8.630   -2.089  1.00 41.68  ? 11  DT  D OP1   1 
ATOM   734 O  OP2   . DT  D 4 10 ? -4.005  7.474   -1.523  1.00 42.54  ? 11  DT  D OP2   1 
ATOM   735 O  "O5'" . DT  D 4 10 ? -5.102  8.953   0.110   1.00 41.11  ? 11  DT  D "O5'" 1 
ATOM   736 C  "C5'" . DT  D 4 10 ? -6.124  9.841   0.486   1.00 45.92  ? 11  DT  D "C5'" 1 
ATOM   737 C  "C4'" . DT  D 4 10 ? -5.691  10.657  1.675   1.00 48.41  ? 11  DT  D "C4'" 1 
ATOM   738 O  "O4'" . DT  D 4 10 ? -5.004  9.793   2.602   1.00 45.54  ? 11  DT  D "O4'" 1 
ATOM   739 C  "C3'" . DT  D 4 10 ? -4.729  11.793  1.353   1.00 58.43  ? 11  DT  D "C3'" 1 
ATOM   740 O  "O3'" . DT  D 4 10 ? -5.115  12.959  2.055   1.00 65.97  ? 11  DT  D "O3'" 1 
ATOM   741 C  "C2'" . DT  D 4 10 ? -3.373  11.270  1.823   1.00 57.10  ? 11  DT  D "C2'" 1 
ATOM   742 C  "C1'" . DT  D 4 10 ? -3.762  10.335  2.952   1.00 46.38  ? 11  DT  D "C1'" 1 
ATOM   743 N  N1    . DT  D 4 10 ? -2.824  9.212   3.127   1.00 46.63  ? 11  DT  D N1    1 
ATOM   744 C  C2    . DT  D 4 10 ? -2.068  9.146   4.270   1.00 51.59  ? 11  DT  D C2    1 
ATOM   745 O  O2    . DT  D 4 10 ? -2.124  9.979   5.151   1.00 57.28  ? 11  DT  D O2    1 
ATOM   746 N  N3    . DT  D 4 10 ? -1.237  8.063   4.350   1.00 50.84  ? 11  DT  D N3    1 
ATOM   747 C  C4    . DT  D 4 10 ? -1.092  7.057   3.417   1.00 50.05  ? 11  DT  D C4    1 
ATOM   748 O  O4    . DT  D 4 10 ? -0.315  6.120   3.578   1.00 48.99  ? 11  DT  D O4    1 
ATOM   749 C  C5    . DT  D 4 10 ? -1.919  7.184   2.240   1.00 46.85  ? 11  DT  D C5    1 
ATOM   750 C  C7    . DT  D 4 10 ? -1.846  6.151   1.161   1.00 48.52  ? 11  DT  D C7    1 
ATOM   751 C  C6    . DT  D 4 10 ? -2.737  8.243   2.152   1.00 43.78  ? 11  DT  D C6    1 
ATOM   752 P  P     . DG  D 4 11 ? -4.357  14.347  1.791   1.00 69.07  ? 12  DG  D P     1 
ATOM   753 O  OP1   . DG  D 4 11 ? -5.326  15.417  2.128   1.00 62.25  ? 12  DG  D OP1   1 
ATOM   754 O  OP2   . DG  D 4 11 ? -3.753  14.293  0.439   1.00 60.35  ? 12  DG  D OP2   1 
ATOM   755 O  "O5'" . DG  D 4 11 ? -3.195  14.345  2.888   1.00 55.86  ? 12  DG  D "O5'" 1 
ATOM   756 C  "C5'" . DG  D 4 11 ? -3.549  14.265  4.243   1.00 54.60  ? 12  DG  D "C5'" 1 
ATOM   757 C  "C4'" . DG  D 4 11 ? -2.337  14.348  5.144   1.00 61.68  ? 12  DG  D "C4'" 1 
ATOM   758 O  "O4'" . DG  D 4 11 ? -1.630  13.083  5.168   1.00 57.45  ? 12  DG  D "O4'" 1 
ATOM   759 C  "C3'" . DG  D 4 11 ? -1.304  15.403  4.769   1.00 75.38  ? 12  DG  D "C3'" 1 
ATOM   760 O  "O3'" . DG  D 4 11 ? -0.866  16.021  5.968   1.00 85.40  ? 12  DG  D "O3'" 1 
ATOM   761 C  "C2'" . DG  D 4 11 ? -0.192  14.568  4.120   1.00 70.64  ? 12  DG  D "C2'" 1 
ATOM   762 C  "C1'" . DG  D 4 11 ? -0.256  13.312  4.967   1.00 62.78  ? 12  DG  D "C1'" 1 
ATOM   763 N  N9    . DG  D 4 11 ? 0.310   12.118  4.345   1.00 62.97  ? 12  DG  D N9    1 
ATOM   764 C  C8    . DG  D 4 11 ? -0.011  11.585  3.117   1.00 61.52  ? 12  DG  D C8    1 
ATOM   765 N  N7    . DG  D 4 11 ? 0.640   10.487  2.841   1.00 55.92  ? 12  DG  D N7    1 
ATOM   766 C  C5    . DG  D 4 11 ? 1.431   10.272  3.962   1.00 55.31  ? 12  DG  D C5    1 
ATOM   767 C  C6    . DG  D 4 11 ? 2.347   9.235   4.241   1.00 56.60  ? 12  DG  D C6    1 
ATOM   768 O  O6    . DG  D 4 11 ? 2.651   8.272   3.531   1.00 60.16  ? 12  DG  D O6    1 
ATOM   769 N  N1    . DG  D 4 11 ? 2.938   9.391   5.488   1.00 56.29  ? 12  DG  D N1    1 
ATOM   770 C  C2    . DG  D 4 11 ? 2.681   10.426  6.353   1.00 60.68  ? 12  DG  D C2    1 
ATOM   771 N  N2    . DG  D 4 11 ? 3.344   10.406  7.514   1.00 67.69  ? 12  DG  D N2    1 
ATOM   772 N  N3    . DG  D 4 11 ? 1.817   11.403  6.109   1.00 56.49  ? 12  DG  D N3    1 
ATOM   773 C  C4    . DG  D 4 11 ? 1.234   11.262  4.899   1.00 56.96  ? 12  DG  D C4    1 
ATOM   774 P  P     . DT  D 4 12 ? -0.108  17.434  5.966   1.00 82.49  ? 13  DT  D P     1 
ATOM   775 O  OP1   . DT  D 4 12 ? -1.020  18.405  6.618   1.00 74.11  ? 13  DT  D OP1   1 
ATOM   776 O  OP2   . DT  D 4 12 ? 0.382   17.703  4.592   1.00 82.76  ? 13  DT  D OP2   1 
ATOM   777 O  "O5'" . DT  D 4 12 ? 1.150   17.132  6.907   1.00 62.89  ? 13  DT  D "O5'" 1 
ATOM   778 C  "C5'" . DT  D 4 12 ? 1.524   15.791  7.101   1.00 61.22  ? 13  DT  D "C5'" 1 
ATOM   779 C  "C4'" . DT  D 4 12 ? 2.786   15.668  7.915   1.00 73.30  ? 13  DT  D "C4'" 1 
ATOM   780 O  "O4'" . DT  D 4 12 ? 3.438   14.426  7.550   1.00 77.48  ? 13  DT  D "O4'" 1 
ATOM   781 C  "C3'" . DT  D 4 12 ? 3.837   16.731  7.645   1.00 87.62  ? 13  DT  D "C3'" 1 
ATOM   782 O  "O3'" . DT  D 4 12 ? 4.806   16.717  8.708   1.00 100.46 ? 13  DT  D "O3'" 1 
ATOM   783 C  "C2'" . DT  D 4 12 ? 4.440   16.195  6.363   1.00 84.77  ? 13  DT  D "C2'" 1 
ATOM   784 C  "C1'" . DT  D 4 12 ? 4.553   14.716  6.725   1.00 80.49  ? 13  DT  D "C1'" 1 
ATOM   785 N  N1    . DT  D 4 12 ? 4.547   13.809  5.546   1.00 71.70  ? 13  DT  D N1    1 
ATOM   786 C  C2    . DT  D 4 12 ? 5.171   12.586  5.638   1.00 72.91  ? 13  DT  D C2    1 
ATOM   787 O  O2    . DT  D 4 12 ? 5.717   12.188  6.655   1.00 77.69  ? 13  DT  D O2    1 
ATOM   788 N  N3    . DT  D 4 12 ? 5.125   11.835  4.499   1.00 66.21  ? 13  DT  D N3    1 
ATOM   789 C  C4    . DT  D 4 12 ? 4.536   12.179  3.300   1.00 67.56  ? 13  DT  D C4    1 
ATOM   790 O  O4    . DT  D 4 12 ? 4.547   11.432  2.330   1.00 73.53  ? 13  DT  D O4    1 
ATOM   791 C  C5    . DT  D 4 12 ? 3.907   13.477  3.267   1.00 65.11  ? 13  DT  D C5    1 
ATOM   792 C  C7    . DT  D 4 12 ? 3.237   13.958  2.015   1.00 66.19  ? 13  DT  D C7    1 
ATOM   793 C  C6    . DT  D 4 12 ? 3.946   14.223  4.378   1.00 67.95  ? 13  DT  D C6    1 
ATOM   794 P  P     . DC  D 4 13 ? 5.723   18.002  9.021   1.00 96.06  ? 14  DC  D P     1 
ATOM   795 O  OP1   . DC  D 4 13 ? 6.425   17.736  10.300  1.00 87.90  ? 14  DC  D OP1   1 
ATOM   796 O  OP2   . DC  D 4 13 ? 4.874   19.213  8.866   1.00 82.60  ? 14  DC  D OP2   1 
ATOM   797 O  "O5'" . DC  D 4 13 ? 6.830   17.980  7.865   1.00 92.95  ? 14  DC  D "O5'" 1 
ATOM   798 C  "C5'" . DC  D 4 13 ? 8.216   18.009  8.205   1.00 96.92  ? 14  DC  D "C5'" 1 
ATOM   799 C  "C4'" . DC  D 4 13 ? 8.744   16.606  8.446   1.00 97.90  ? 14  DC  D "C4'" 1 
ATOM   800 O  "O4'" . DC  D 4 13 ? 7.904   15.665  7.749   1.00 93.60  ? 14  DC  D "O4'" 1 
ATOM   801 C  "C3'" . DC  D 4 13 ? 10.169  16.370  7.953   1.00 107.36 ? 14  DC  D "C3'" 1 
ATOM   802 O  "O3'" . DC  D 4 13 ? 11.080  16.489  9.048   1.00 115.14 ? 14  DC  D "O3'" 1 
ATOM   803 C  "C2'" . DC  D 4 13 ? 10.151  14.938  7.411   1.00 100.05 ? 14  DC  D "C2'" 1 
ATOM   804 C  "C1'" . DC  D 4 13 ? 8.682   14.681  7.100   1.00 93.99  ? 14  DC  D "C1'" 1 
ATOM   805 N  N1    . DC  D 4 13 ? 8.326   14.665  5.632   1.00 90.72  ? 14  DC  D N1    1 
ATOM   806 C  C2    . DC  D 4 13 ? 8.630   13.533  4.861   1.00 86.33  ? 14  DC  D C2    1 
ATOM   807 O  O2    . DC  D 4 13 ? 9.227   12.584  5.392   1.00 81.64  ? 14  DC  D O2    1 
ATOM   808 N  N3    . DC  D 4 13 ? 8.269   13.514  3.549   1.00 78.47  ? 14  DC  D N3    1 
ATOM   809 C  C4    . DC  D 4 13 ? 7.625   14.558  3.016   1.00 80.93  ? 14  DC  D C4    1 
ATOM   810 N  N4    . DC  D 4 13 ? 7.291   14.492  1.721   1.00 77.78  ? 14  DC  D N4    1 
ATOM   811 C  C5    . DC  D 4 13 ? 7.296   15.715  3.790   1.00 80.51  ? 14  DC  D C5    1 
ATOM   812 C  C6    . DC  D 4 13 ? 7.657   15.724  5.080   1.00 82.56  ? 14  DC  D C6    1 
ATOM   813 P  P     . DG  D 4 14 ? 12.302  17.529  8.990   1.00 118.33 ? 15  DG  D P     1 
ATOM   814 O  OP1   . DG  D 4 14 ? 12.695  17.805  10.392  1.00 113.64 ? 15  DG  D OP1   1 
ATOM   815 O  OP2   . DG  D 4 14 ? 11.904  18.646  8.097   1.00 108.22 ? 15  DG  D OP2   1 
ATOM   816 O  "O5'" . DG  D 4 14 ? 13.489  16.695  8.315   1.00 106.75 ? 15  DG  D "O5'" 1 
ATOM   817 C  "C5'" . DG  D 4 14 ? 14.256  15.790  9.097   1.00 101.47 ? 15  DG  D "C5'" 1 
ATOM   818 C  "C4'" . DG  D 4 14 ? 14.726  14.622  8.254   1.00 103.56 ? 15  DG  D "C4'" 1 
ATOM   819 O  "O4'" . DG  D 4 14 ? 13.582  14.021  7.597   1.00 105.16 ? 15  DG  D "O4'" 1 
ATOM   820 C  "C3'" . DG  D 4 14 ? 15.674  14.981  7.121   1.00 104.96 ? 15  DG  D "C3'" 1 
ATOM   821 O  "O3'" . DG  D 4 14 ? 17.043  15.033  7.587   1.00 111.11 ? 15  DG  D "O3'" 1 
ATOM   822 C  "C2'" . DG  D 4 14 ? 15.433  13.843  6.142   1.00 102.17 ? 15  DG  D "C2'" 1 
ATOM   823 C  "C1'" . DG  D 4 14 ? 13.933  13.627  6.278   1.00 101.23 ? 15  DG  D "C1'" 1 
ATOM   824 N  N9    . DG  D 4 14 ? 13.134  14.397  5.318   1.00 99.05  ? 15  DG  D N9    1 
ATOM   825 C  C8    . DG  D 4 14 ? 12.602  15.655  5.494   1.00 98.86  ? 15  DG  D C8    1 
ATOM   826 N  N7    . DG  D 4 14 ? 11.920  16.086  4.466   1.00 94.86  ? 15  DG  D N7    1 
ATOM   827 C  C5    . DG  D 4 14 ? 12.015  15.054  3.541   1.00 90.24  ? 15  DG  D C5    1 
ATOM   828 C  C6    . DG  D 4 14 ? 11.479  14.950  2.234   1.00 86.37  ? 15  DG  D C6    1 
ATOM   829 O  O6    . DG  D 4 14 ? 10.794  15.780  1.617   1.00 84.77  ? 15  DG  D O6    1 
ATOM   830 N  N1    . DG  D 4 14 ? 11.812  13.733  1.635   1.00 84.15  ? 15  DG  D N1    1 
ATOM   831 C  C2    . DG  D 4 14 ? 12.566  12.743  2.226   1.00 84.56  ? 15  DG  D C2    1 
ATOM   832 N  N2    . DG  D 4 14 ? 12.781  11.638  1.491   1.00 78.79  ? 15  DG  D N2    1 
ATOM   833 N  N3    . DG  D 4 14 ? 13.074  12.827  3.452   1.00 85.55  ? 15  DG  D N3    1 
ATOM   834 C  C4    . DG  D 4 14 ? 12.760  14.006  4.048   1.00 90.44  ? 15  DG  D C4    1 
ATOM   835 P  P     . DT  D 4 15 ? 17.962  13.710  7.706   1.00 128.78 ? 16  DT  D P     1 
ATOM   836 O  OP1   . DT  D 4 15 ? 17.176  12.589  8.271   1.00 127.24 ? 16  DT  D OP1   1 
ATOM   837 O  OP2   . DT  D 4 15 ? 19.201  14.124  8.399   1.00 139.92 ? 16  DT  D OP2   1 
ATOM   838 O  "O5'" . DT  D 4 15 ? 18.381  13.360  6.202   1.00 109.79 ? 16  DT  D "O5'" 1 
ATOM   839 C  "C5'" . DT  D 4 15 ? 19.144  12.185  5.936   1.00 106.57 ? 16  DT  D "C5'" 1 
ATOM   840 C  "C4'" . DT  D 4 15 ? 18.615  11.458  4.709   1.00 111.62 ? 16  DT  D "C4'" 1 
ATOM   841 O  "O4'" . DT  D 4 15 ? 17.438  12.145  4.200   1.00 106.10 ? 16  DT  D "O4'" 1 
ATOM   842 C  "C3'" . DT  D 4 15 ? 19.591  11.371  3.529   1.00 106.53 ? 16  DT  D "C3'" 1 
ATOM   843 O  "O3'" . DT  D 4 15 ? 19.565  10.056  2.969   1.00 97.73  ? 16  DT  D "O3'" 1 
ATOM   844 C  "C2'" . DT  D 4 15 ? 19.041  12.408  2.551   1.00 98.24  ? 16  DT  D "C2'" 1 
ATOM   845 C  "C1'" . DT  D 4 15 ? 17.557  12.268  2.804   1.00 95.44  ? 16  DT  D "C1'" 1 
ATOM   846 N  N1    . DT  D 4 15 ? 16.741  13.429  2.363   1.00 91.94  ? 16  DT  D N1    1 
ATOM   847 C  C2    . DT  D 4 15 ? 16.138  13.397  1.127   1.00 94.52  ? 16  DT  D C2    1 
ATOM   848 O  O2    . DT  D 4 15 ? 16.255  12.463  0.349   1.00 96.00  ? 16  DT  D O2    1 
ATOM   849 N  N3    . DT  D 4 15 ? 15.392  14.508  0.827   1.00 87.45  ? 16  DT  D N3    1 
ATOM   850 C  C4    . DT  D 4 15 ? 15.189  15.618  1.629   1.00 87.46  ? 16  DT  D C4    1 
ATOM   851 O  O4    . DT  D 4 15 ? 14.502  16.573  1.274   1.00 84.37  ? 16  DT  D O4    1 
ATOM   852 C  C5    . DT  D 4 15 ? 15.845  15.579  2.912   1.00 89.07  ? 16  DT  D C5    1 
ATOM   853 C  C7    . DT  D 4 15 ? 15.703  16.726  3.865   1.00 92.06  ? 16  DT  D C7    1 
ATOM   854 C  C6    . DT  D 4 15 ? 16.585  14.501  3.209   1.00 88.27  ? 16  DT  D C6    1 
HETATM 855 MG MG    . MG  E 5 .  ? 4.186   10.637  -1.444  1.00 64.49  ? 101 MG  A MG    1 
HETATM 856 AS AS    . CAC F 6 .  ? -8.883  -8.002  0.673   1.00 102.46 ? 101 CAC C AS    1 
HETATM 857 AS AS    . CAC G 6 .  ? -16.199 -0.232  -3.408  1.00 109.96 ? 102 CAC C AS    1 
HETATM 858 MG MG    . MG  H 5 .  ? -6.872  -2.568  -9.076  1.00 65.70  ? 103 MG  C MG    1 
HETATM 859 MG MG    . MG  I 5 .  ? -1.084  -0.238  7.867   1.00 60.18  ? 104 MG  C MG    1 
# 
loop_
_pdbx_poly_seq_scheme.asym_id 
_pdbx_poly_seq_scheme.entity_id 
_pdbx_poly_seq_scheme.seq_id 
_pdbx_poly_seq_scheme.mon_id 
_pdbx_poly_seq_scheme.ndb_seq_num 
_pdbx_poly_seq_scheme.pdb_seq_num 
_pdbx_poly_seq_scheme.auth_seq_num 
_pdbx_poly_seq_scheme.pdb_mon_id 
_pdbx_poly_seq_scheme.auth_mon_id 
_pdbx_poly_seq_scheme.pdb_strand_id 
_pdbx_poly_seq_scheme.pdb_ins_code 
_pdbx_poly_seq_scheme.hetero 
A 1 1  DG 1  1  1  DG DG A . n 
A 1 2  DA 2  2  2  DA DA A . n 
A 1 3  DA 3  3  3  DA DA A . n 
A 1 4  DC 4  4  4  DC DC A . n 
A 1 5  DG 5  5  5  DG DG A . n 
A 1 6  DA 6  6  6  DA DA A . n 
A 1 7  DC 7  7  7  DC DC A . n 
A 1 8  DA 8  8  8  DA DA A . n 
A 1 9  DG 9  9  9  DG DG A . n 
A 1 10 DT 10 10 10 DT DT A . n 
A 1 11 DG 11 11 11 DG DG A . n 
A 1 12 DA 12 12 12 DA DA A . n 
B 2 1  DC 1  12 12 DC DC B . n 
B 2 2  DG 2  13 13 DG DG B . n 
B 2 3  DC 3  14 14 DC DC B . n 
B 2 4  DC 4  15 15 DC DC B . n 
B 2 5  DG 5  16 16 DG DG B . n 
B 2 6  DA 6  17 17 DA DA B . n 
B 2 7  DC 7  18 18 DC DC B . n 
B 2 8  DT 8  19 19 DT DT B . n 
B 2 9  DC 9  20 20 DC DC B . n 
C 3 1  DT 1  0  0  DT DT C . n 
C 3 2  DC 2  1  1  DC DC C . n 
C 3 3  DA 3  2  2  DA DA C . n 
C 3 4  DG 4  3  3  DG DG C . n 
C 3 5  DC 5  4  4  DC DC C . n 
C 3 6  DG 6  5  5  DG DG C . n 
D 4 1  DT 1  2  2  DT DT D . n 
D 4 2  DC 2  3  3  DC DC D . n 
D 4 3  DG 3  4  4  DG DG D . n 
D 4 4  DA 4  5  5  DA DA D . n 
D 4 5  DG 5  6  6  DG DG D . n 
D 4 6  DT 6  7  7  DT DT D . n 
D 4 7  DC 7  8  8  DC DC D . n 
D 4 8  DG 8  9  9  DG DG D . n 
D 4 9  DC 9  10 10 DC DC D . n 
D 4 10 DT 10 11 11 DT DT D . n 
D 4 11 DG 11 12 12 DG DG D . n 
D 4 12 DT 12 13 13 DT DT D . n 
D 4 13 DC 13 14 14 DC DC D . n 
D 4 14 DG 14 15 15 DG DG D . n 
D 4 15 DT 15 16 16 DT DT D . n 
# 
loop_
_pdbx_nonpoly_scheme.asym_id 
_pdbx_nonpoly_scheme.entity_id 
_pdbx_nonpoly_scheme.mon_id 
_pdbx_nonpoly_scheme.ndb_seq_num 
_pdbx_nonpoly_scheme.pdb_seq_num 
_pdbx_nonpoly_scheme.auth_seq_num 
_pdbx_nonpoly_scheme.pdb_mon_id 
_pdbx_nonpoly_scheme.auth_mon_id 
_pdbx_nonpoly_scheme.pdb_strand_id 
_pdbx_nonpoly_scheme.pdb_ins_code 
E 5 MG  1 101 2 MG  MG A . 
F 6 CAC 1 101 1 CAC AS C . 
G 6 CAC 1 102 2 CAC AS C . 
H 5 MG  1 103 3 MG  MG C . 
I 5 MG  1 104 4 MG  MG C . 
# 
_pdbx_struct_assembly.id                   1 
_pdbx_struct_assembly.details              author_and_software_defined_assembly 
_pdbx_struct_assembly.method_details       PISA 
_pdbx_struct_assembly.oligomeric_details   tetrameric 
_pdbx_struct_assembly.oligomeric_count     4 
# 
_pdbx_struct_assembly_gen.assembly_id       1 
_pdbx_struct_assembly_gen.oper_expression   1 
_pdbx_struct_assembly_gen.asym_id_list      A,B,C,D,E,F,G,H,I 
# 
loop_
_pdbx_struct_assembly_prop.biol_id 
_pdbx_struct_assembly_prop.type 
_pdbx_struct_assembly_prop.value 
_pdbx_struct_assembly_prop.details 
1 'ABSA (A^2)' 3000 ? 
1 MORE         -33  ? 
1 'SSA (A^2)'  7790 ? 
# 
_pdbx_struct_oper_list.id                   1 
_pdbx_struct_oper_list.type                 'identity operation' 
_pdbx_struct_oper_list.name                 1_555 
_pdbx_struct_oper_list.symmetry_operation   x,y,z 
_pdbx_struct_oper_list.matrix[1][1]         1.0000000000 
_pdbx_struct_oper_list.matrix[1][2]         0.0000000000 
_pdbx_struct_oper_list.matrix[1][3]         0.0000000000 
_pdbx_struct_oper_list.vector[1]            0.0000000000 
_pdbx_struct_oper_list.matrix[2][1]         0.0000000000 
_pdbx_struct_oper_list.matrix[2][2]         1.0000000000 
_pdbx_struct_oper_list.matrix[2][3]         0.0000000000 
_pdbx_struct_oper_list.vector[2]            0.0000000000 
_pdbx_struct_oper_list.matrix[3][1]         0.0000000000 
_pdbx_struct_oper_list.matrix[3][2]         0.0000000000 
_pdbx_struct_oper_list.matrix[3][3]         1.0000000000 
_pdbx_struct_oper_list.vector[3]            0.0000000000 
# 
loop_
_pdbx_audit_revision_history.ordinal 
_pdbx_audit_revision_history.data_content_type 
_pdbx_audit_revision_history.major_revision 
_pdbx_audit_revision_history.minor_revision 
_pdbx_audit_revision_history.revision_date 
1 'Structure model' 1 0 2021-07-14 
2 'Structure model' 1 1 2022-07-06 
3 'Structure model' 1 2 2023-10-18 
# 
_pdbx_audit_revision_details.ordinal             1 
_pdbx_audit_revision_details.revision_ordinal    1 
_pdbx_audit_revision_details.data_content_type   'Structure model' 
_pdbx_audit_revision_details.provider            repository 
_pdbx_audit_revision_details.type                'Initial release' 
_pdbx_audit_revision_details.description         ? 
_pdbx_audit_revision_details.details             ? 
# 
loop_
_pdbx_audit_revision_group.ordinal 
_pdbx_audit_revision_group.revision_ordinal 
_pdbx_audit_revision_group.data_content_type 
_pdbx_audit_revision_group.group 
1 2 'Structure model' 'Database references'    
2 3 'Structure model' 'Data collection'        
3 3 'Structure model' 'Refinement description' 
# 
loop_
_pdbx_audit_revision_category.ordinal 
_pdbx_audit_revision_category.revision_ordinal 
_pdbx_audit_revision_category.data_content_type 
_pdbx_audit_revision_category.category 
1 2 'Structure model' citation                      
2 2 'Structure model' citation_author               
3 2 'Structure model' database_2                    
4 3 'Structure model' chem_comp_atom                
5 3 'Structure model' chem_comp_bond                
6 3 'Structure model' pdbx_initial_refinement_model 
# 
loop_
_pdbx_audit_revision_item.ordinal 
_pdbx_audit_revision_item.revision_ordinal 
_pdbx_audit_revision_item.data_content_type 
_pdbx_audit_revision_item.item 
1  2 'Structure model' '_citation.country'                   
2  2 'Structure model' '_citation.journal_abbrev'            
3  2 'Structure model' '_citation.journal_id_CSD'            
4  2 'Structure model' '_citation.journal_id_ISSN'           
5  2 'Structure model' '_citation.journal_volume'            
6  2 'Structure model' '_citation.page_first'                
7  2 'Structure model' '_citation.page_last'                 
8  2 'Structure model' '_citation.pdbx_database_id_DOI'      
9  2 'Structure model' '_citation.pdbx_database_id_PubMed'   
10 2 'Structure model' '_citation.title'                     
11 2 'Structure model' '_citation.year'                      
12 2 'Structure model' '_database_2.pdbx_DOI'                
13 2 'Structure model' '_database_2.pdbx_database_accession' 
# 
loop_
_software.citation_id 
_software.classification 
_software.compiler_name 
_software.compiler_version 
_software.contact_author 
_software.contact_author_email 
_software.date 
_software.description 
_software.dependencies 
_software.hardware 
_software.language 
_software.location 
_software.mods 
_software.name 
_software.os 
_software.os_version 
_software.type 
_software.version 
_software.pdbx_ordinal 
? 'data reduction'  ? ? ? ? ? ? ? ? ? ? ? HKL-2000    ? ? ? .           1 
? 'data scaling'    ? ? ? ? ? ? ? ? ? ? ? HKL-2000    ? ? ? .           2 
? refinement        ? ? ? ? ? ? ? ? ? ? ? PHENIX      ? ? ? 1.11.1_2575 3 
? 'data extraction' ? ? ? ? ? ? ? ? ? ? ? PDB_EXTRACT ? ? ? 3.25        4 
? phasing           ? ? ? ? ? ? ? ? ? ? ? PHASER      ? ? ? .           5 
# 
_pdbx_entry_details.entry_id                 7JJ3 
_pdbx_entry_details.has_ligand_of_interest   N 
_pdbx_entry_details.compound_details         ? 
_pdbx_entry_details.source_details           ? 
_pdbx_entry_details.nonpolymer_details       ? 
_pdbx_entry_details.sequence_details         ? 
# 
_pdbx_validate_rmsd_angle.id                         1 
_pdbx_validate_rmsd_angle.PDB_model_num              1 
_pdbx_validate_rmsd_angle.auth_atom_id_1             C2 
_pdbx_validate_rmsd_angle.auth_asym_id_1             B 
_pdbx_validate_rmsd_angle.auth_comp_id_1             DG 
_pdbx_validate_rmsd_angle.auth_seq_id_1              13 
_pdbx_validate_rmsd_angle.PDB_ins_code_1             ? 
_pdbx_validate_rmsd_angle.label_alt_id_1             ? 
_pdbx_validate_rmsd_angle.auth_atom_id_2             N3 
_pdbx_validate_rmsd_angle.auth_asym_id_2             B 
_pdbx_validate_rmsd_angle.auth_comp_id_2             DG 
_pdbx_validate_rmsd_angle.auth_seq_id_2              13 
_pdbx_validate_rmsd_angle.PDB_ins_code_2             ? 
_pdbx_validate_rmsd_angle.label_alt_id_2             ? 
_pdbx_validate_rmsd_angle.auth_atom_id_3             C4 
_pdbx_validate_rmsd_angle.auth_asym_id_3             B 
_pdbx_validate_rmsd_angle.auth_comp_id_3             DG 
_pdbx_validate_rmsd_angle.auth_seq_id_3              13 
_pdbx_validate_rmsd_angle.PDB_ins_code_3             ? 
_pdbx_validate_rmsd_angle.label_alt_id_3             ? 
_pdbx_validate_rmsd_angle.angle_value                115.99 
_pdbx_validate_rmsd_angle.angle_target_value         111.90 
_pdbx_validate_rmsd_angle.angle_deviation            4.09 
_pdbx_validate_rmsd_angle.angle_standard_deviation   0.50 
_pdbx_validate_rmsd_angle.linker_flag                N 
# 
loop_
_pdbx_unobs_or_zero_occ_atoms.id 
_pdbx_unobs_or_zero_occ_atoms.PDB_model_num 
_pdbx_unobs_or_zero_occ_atoms.polymer_flag 
_pdbx_unobs_or_zero_occ_atoms.occupancy_flag 
_pdbx_unobs_or_zero_occ_atoms.auth_asym_id 
_pdbx_unobs_or_zero_occ_atoms.auth_comp_id 
_pdbx_unobs_or_zero_occ_atoms.auth_seq_id 
_pdbx_unobs_or_zero_occ_atoms.PDB_ins_code 
_pdbx_unobs_or_zero_occ_atoms.auth_atom_id 
_pdbx_unobs_or_zero_occ_atoms.label_alt_id 
_pdbx_unobs_or_zero_occ_atoms.label_asym_id 
_pdbx_unobs_or_zero_occ_atoms.label_comp_id 
_pdbx_unobs_or_zero_occ_atoms.label_seq_id 
_pdbx_unobs_or_zero_occ_atoms.label_atom_id 
1 1 Y 1 B DG  13  ? C6 ? B DG  2 C6 
2 1 N 1 C CAC 101 ? O1 ? F CAC 1 O1 
3 1 N 1 C CAC 101 ? O2 ? F CAC 1 O2 
4 1 N 1 C CAC 101 ? C1 ? F CAC 1 C1 
5 1 N 1 C CAC 101 ? C2 ? F CAC 1 C2 
6 1 N 1 C CAC 102 ? O1 ? G CAC 1 O1 
7 1 N 1 C CAC 102 ? O2 ? G CAC 1 O2 
8 1 N 1 C CAC 102 ? C1 ? G CAC 1 C1 
9 1 N 1 C CAC 102 ? C2 ? G CAC 1 C2 
# 
loop_
_chem_comp_atom.comp_id 
_chem_comp_atom.atom_id 
_chem_comp_atom.type_symbol 
_chem_comp_atom.pdbx_aromatic_flag 
_chem_comp_atom.pdbx_stereo_config 
_chem_comp_atom.pdbx_ordinal 
CAC AS     AS N N 1   
CAC O1     O  N N 2   
CAC O2     O  N N 3   
CAC C1     C  N N 4   
CAC C2     C  N N 5   
CAC H11    H  N N 6   
CAC H12    H  N N 7   
CAC H13    H  N N 8   
CAC H21    H  N N 9   
CAC H22    H  N N 10  
CAC H23    H  N N 11  
DA  OP3    O  N N 12  
DA  P      P  N N 13  
DA  OP1    O  N N 14  
DA  OP2    O  N N 15  
DA  "O5'"  O  N N 16  
DA  "C5'"  C  N N 17  
DA  "C4'"  C  N R 18  
DA  "O4'"  O  N N 19  
DA  "C3'"  C  N S 20  
DA  "O3'"  O  N N 21  
DA  "C2'"  C  N N 22  
DA  "C1'"  C  N R 23  
DA  N9     N  Y N 24  
DA  C8     C  Y N 25  
DA  N7     N  Y N 26  
DA  C5     C  Y N 27  
DA  C6     C  Y N 28  
DA  N6     N  N N 29  
DA  N1     N  Y N 30  
DA  C2     C  Y N 31  
DA  N3     N  Y N 32  
DA  C4     C  Y N 33  
DA  HOP3   H  N N 34  
DA  HOP2   H  N N 35  
DA  "H5'"  H  N N 36  
DA  "H5''" H  N N 37  
DA  "H4'"  H  N N 38  
DA  "H3'"  H  N N 39  
DA  "HO3'" H  N N 40  
DA  "H2'"  H  N N 41  
DA  "H2''" H  N N 42  
DA  "H1'"  H  N N 43  
DA  H8     H  N N 44  
DA  H61    H  N N 45  
DA  H62    H  N N 46  
DA  H2     H  N N 47  
DC  OP3    O  N N 48  
DC  P      P  N N 49  
DC  OP1    O  N N 50  
DC  OP2    O  N N 51  
DC  "O5'"  O  N N 52  
DC  "C5'"  C  N N 53  
DC  "C4'"  C  N R 54  
DC  "O4'"  O  N N 55  
DC  "C3'"  C  N S 56  
DC  "O3'"  O  N N 57  
DC  "C2'"  C  N N 58  
DC  "C1'"  C  N R 59  
DC  N1     N  N N 60  
DC  C2     C  N N 61  
DC  O2     O  N N 62  
DC  N3     N  N N 63  
DC  C4     C  N N 64  
DC  N4     N  N N 65  
DC  C5     C  N N 66  
DC  C6     C  N N 67  
DC  HOP3   H  N N 68  
DC  HOP2   H  N N 69  
DC  "H5'"  H  N N 70  
DC  "H5''" H  N N 71  
DC  "H4'"  H  N N 72  
DC  "H3'"  H  N N 73  
DC  "HO3'" H  N N 74  
DC  "H2'"  H  N N 75  
DC  "H2''" H  N N 76  
DC  "H1'"  H  N N 77  
DC  H41    H  N N 78  
DC  H42    H  N N 79  
DC  H5     H  N N 80  
DC  H6     H  N N 81  
DG  OP3    O  N N 82  
DG  P      P  N N 83  
DG  OP1    O  N N 84  
DG  OP2    O  N N 85  
DG  "O5'"  O  N N 86  
DG  "C5'"  C  N N 87  
DG  "C4'"  C  N R 88  
DG  "O4'"  O  N N 89  
DG  "C3'"  C  N S 90  
DG  "O3'"  O  N N 91  
DG  "C2'"  C  N N 92  
DG  "C1'"  C  N R 93  
DG  N9     N  Y N 94  
DG  C8     C  Y N 95  
DG  N7     N  Y N 96  
DG  C5     C  Y N 97  
DG  C6     C  N N 98  
DG  O6     O  N N 99  
DG  N1     N  N N 100 
DG  C2     C  N N 101 
DG  N2     N  N N 102 
DG  N3     N  N N 103 
DG  C4     C  Y N 104 
DG  HOP3   H  N N 105 
DG  HOP2   H  N N 106 
DG  "H5'"  H  N N 107 
DG  "H5''" H  N N 108 
DG  "H4'"  H  N N 109 
DG  "H3'"  H  N N 110 
DG  "HO3'" H  N N 111 
DG  "H2'"  H  N N 112 
DG  "H2''" H  N N 113 
DG  "H1'"  H  N N 114 
DG  H8     H  N N 115 
DG  H1     H  N N 116 
DG  H21    H  N N 117 
DG  H22    H  N N 118 
DT  OP3    O  N N 119 
DT  P      P  N N 120 
DT  OP1    O  N N 121 
DT  OP2    O  N N 122 
DT  "O5'"  O  N N 123 
DT  "C5'"  C  N N 124 
DT  "C4'"  C  N R 125 
DT  "O4'"  O  N N 126 
DT  "C3'"  C  N S 127 
DT  "O3'"  O  N N 128 
DT  "C2'"  C  N N 129 
DT  "C1'"  C  N R 130 
DT  N1     N  N N 131 
DT  C2     C  N N 132 
DT  O2     O  N N 133 
DT  N3     N  N N 134 
DT  C4     C  N N 135 
DT  O4     O  N N 136 
DT  C5     C  N N 137 
DT  C7     C  N N 138 
DT  C6     C  N N 139 
DT  HOP3   H  N N 140 
DT  HOP2   H  N N 141 
DT  "H5'"  H  N N 142 
DT  "H5''" H  N N 143 
DT  "H4'"  H  N N 144 
DT  "H3'"  H  N N 145 
DT  "HO3'" H  N N 146 
DT  "H2'"  H  N N 147 
DT  "H2''" H  N N 148 
DT  "H1'"  H  N N 149 
DT  H3     H  N N 150 
DT  H71    H  N N 151 
DT  H72    H  N N 152 
DT  H73    H  N N 153 
DT  H6     H  N N 154 
MG  MG     MG N N 155 
# 
loop_
_chem_comp_bond.comp_id 
_chem_comp_bond.atom_id_1 
_chem_comp_bond.atom_id_2 
_chem_comp_bond.value_order 
_chem_comp_bond.pdbx_aromatic_flag 
_chem_comp_bond.pdbx_stereo_config 
_chem_comp_bond.pdbx_ordinal 
CAC AS    O1     doub N N 1   
CAC AS    O2     sing N N 2   
CAC AS    C1     sing N N 3   
CAC AS    C2     sing N N 4   
CAC C1    H11    sing N N 5   
CAC C1    H12    sing N N 6   
CAC C1    H13    sing N N 7   
CAC C2    H21    sing N N 8   
CAC C2    H22    sing N N 9   
CAC C2    H23    sing N N 10  
DA  OP3   P      sing N N 11  
DA  OP3   HOP3   sing N N 12  
DA  P     OP1    doub N N 13  
DA  P     OP2    sing N N 14  
DA  P     "O5'"  sing N N 15  
DA  OP2   HOP2   sing N N 16  
DA  "O5'" "C5'"  sing N N 17  
DA  "C5'" "C4'"  sing N N 18  
DA  "C5'" "H5'"  sing N N 19  
DA  "C5'" "H5''" sing N N 20  
DA  "C4'" "O4'"  sing N N 21  
DA  "C4'" "C3'"  sing N N 22  
DA  "C4'" "H4'"  sing N N 23  
DA  "O4'" "C1'"  sing N N 24  
DA  "C3'" "O3'"  sing N N 25  
DA  "C3'" "C2'"  sing N N 26  
DA  "C3'" "H3'"  sing N N 27  
DA  "O3'" "HO3'" sing N N 28  
DA  "C2'" "C1'"  sing N N 29  
DA  "C2'" "H2'"  sing N N 30  
DA  "C2'" "H2''" sing N N 31  
DA  "C1'" N9     sing N N 32  
DA  "C1'" "H1'"  sing N N 33  
DA  N9    C8     sing Y N 34  
DA  N9    C4     sing Y N 35  
DA  C8    N7     doub Y N 36  
DA  C8    H8     sing N N 37  
DA  N7    C5     sing Y N 38  
DA  C5    C6     sing Y N 39  
DA  C5    C4     doub Y N 40  
DA  C6    N6     sing N N 41  
DA  C6    N1     doub Y N 42  
DA  N6    H61    sing N N 43  
DA  N6    H62    sing N N 44  
DA  N1    C2     sing Y N 45  
DA  C2    N3     doub Y N 46  
DA  C2    H2     sing N N 47  
DA  N3    C4     sing Y N 48  
DC  OP3   P      sing N N 49  
DC  OP3   HOP3   sing N N 50  
DC  P     OP1    doub N N 51  
DC  P     OP2    sing N N 52  
DC  P     "O5'"  sing N N 53  
DC  OP2   HOP2   sing N N 54  
DC  "O5'" "C5'"  sing N N 55  
DC  "C5'" "C4'"  sing N N 56  
DC  "C5'" "H5'"  sing N N 57  
DC  "C5'" "H5''" sing N N 58  
DC  "C4'" "O4'"  sing N N 59  
DC  "C4'" "C3'"  sing N N 60  
DC  "C4'" "H4'"  sing N N 61  
DC  "O4'" "C1'"  sing N N 62  
DC  "C3'" "O3'"  sing N N 63  
DC  "C3'" "C2'"  sing N N 64  
DC  "C3'" "H3'"  sing N N 65  
DC  "O3'" "HO3'" sing N N 66  
DC  "C2'" "C1'"  sing N N 67  
DC  "C2'" "H2'"  sing N N 68  
DC  "C2'" "H2''" sing N N 69  
DC  "C1'" N1     sing N N 70  
DC  "C1'" "H1'"  sing N N 71  
DC  N1    C2     sing N N 72  
DC  N1    C6     sing N N 73  
DC  C2    O2     doub N N 74  
DC  C2    N3     sing N N 75  
DC  N3    C4     doub N N 76  
DC  C4    N4     sing N N 77  
DC  C4    C5     sing N N 78  
DC  N4    H41    sing N N 79  
DC  N4    H42    sing N N 80  
DC  C5    C6     doub N N 81  
DC  C5    H5     sing N N 82  
DC  C6    H6     sing N N 83  
DG  OP3   P      sing N N 84  
DG  OP3   HOP3   sing N N 85  
DG  P     OP1    doub N N 86  
DG  P     OP2    sing N N 87  
DG  P     "O5'"  sing N N 88  
DG  OP2   HOP2   sing N N 89  
DG  "O5'" "C5'"  sing N N 90  
DG  "C5'" "C4'"  sing N N 91  
DG  "C5'" "H5'"  sing N N 92  
DG  "C5'" "H5''" sing N N 93  
DG  "C4'" "O4'"  sing N N 94  
DG  "C4'" "C3'"  sing N N 95  
DG  "C4'" "H4'"  sing N N 96  
DG  "O4'" "C1'"  sing N N 97  
DG  "C3'" "O3'"  sing N N 98  
DG  "C3'" "C2'"  sing N N 99  
DG  "C3'" "H3'"  sing N N 100 
DG  "O3'" "HO3'" sing N N 101 
DG  "C2'" "C1'"  sing N N 102 
DG  "C2'" "H2'"  sing N N 103 
DG  "C2'" "H2''" sing N N 104 
DG  "C1'" N9     sing N N 105 
DG  "C1'" "H1'"  sing N N 106 
DG  N9    C8     sing Y N 107 
DG  N9    C4     sing Y N 108 
DG  C8    N7     doub Y N 109 
DG  C8    H8     sing N N 110 
DG  N7    C5     sing Y N 111 
DG  C5    C6     sing N N 112 
DG  C5    C4     doub Y N 113 
DG  C6    O6     doub N N 114 
DG  C6    N1     sing N N 115 
DG  N1    C2     sing N N 116 
DG  N1    H1     sing N N 117 
DG  C2    N2     sing N N 118 
DG  C2    N3     doub N N 119 
DG  N2    H21    sing N N 120 
DG  N2    H22    sing N N 121 
DG  N3    C4     sing N N 122 
DT  OP3   P      sing N N 123 
DT  OP3   HOP3   sing N N 124 
DT  P     OP1    doub N N 125 
DT  P     OP2    sing N N 126 
DT  P     "O5'"  sing N N 127 
DT  OP2   HOP2   sing N N 128 
DT  "O5'" "C5'"  sing N N 129 
DT  "C5'" "C4'"  sing N N 130 
DT  "C5'" "H5'"  sing N N 131 
DT  "C5'" "H5''" sing N N 132 
DT  "C4'" "O4'"  sing N N 133 
DT  "C4'" "C3'"  sing N N 134 
DT  "C4'" "H4'"  sing N N 135 
DT  "O4'" "C1'"  sing N N 136 
DT  "C3'" "O3'"  sing N N 137 
DT  "C3'" "C2'"  sing N N 138 
DT  "C3'" "H3'"  sing N N 139 
DT  "O3'" "HO3'" sing N N 140 
DT  "C2'" "C1'"  sing N N 141 
DT  "C2'" "H2'"  sing N N 142 
DT  "C2'" "H2''" sing N N 143 
DT  "C1'" N1     sing N N 144 
DT  "C1'" "H1'"  sing N N 145 
DT  N1    C2     sing N N 146 
DT  N1    C6     sing N N 147 
DT  C2    O2     doub N N 148 
DT  C2    N3     sing N N 149 
DT  N3    C4     sing N N 150 
DT  N3    H3     sing N N 151 
DT  C4    O4     doub N N 152 
DT  C4    C5     sing N N 153 
DT  C5    C7     sing N N 154 
DT  C5    C6     doub N N 155 
DT  C7    H71    sing N N 156 
DT  C7    H72    sing N N 157 
DT  C7    H73    sing N N 158 
DT  C6    H6     sing N N 159 
# 
loop_
_ndb_struct_conf_na.entry_id 
_ndb_struct_conf_na.feature 
7JJ3 'double helix'        
7JJ3 'a-form double helix' 
7JJ3 'b-form double helix' 
# 
loop_
_ndb_struct_na_base_pair.model_number 
_ndb_struct_na_base_pair.i_label_asym_id 
_ndb_struct_na_base_pair.i_label_comp_id 
_ndb_struct_na_base_pair.i_label_seq_id 
_ndb_struct_na_base_pair.i_symmetry 
_ndb_struct_na_base_pair.j_label_asym_id 
_ndb_struct_na_base_pair.j_label_comp_id 
_ndb_struct_na_base_pair.j_label_seq_id 
_ndb_struct_na_base_pair.j_symmetry 
_ndb_struct_na_base_pair.shear 
_ndb_struct_na_base_pair.stretch 
_ndb_struct_na_base_pair.stagger 
_ndb_struct_na_base_pair.buckle 
_ndb_struct_na_base_pair.propeller 
_ndb_struct_na_base_pair.opening 
_ndb_struct_na_base_pair.pair_number 
_ndb_struct_na_base_pair.pair_name 
_ndb_struct_na_base_pair.i_auth_asym_id 
_ndb_struct_na_base_pair.i_auth_seq_id 
_ndb_struct_na_base_pair.i_PDB_ins_code 
_ndb_struct_na_base_pair.j_auth_asym_id 
_ndb_struct_na_base_pair.j_auth_seq_id 
_ndb_struct_na_base_pair.j_PDB_ins_code 
_ndb_struct_na_base_pair.hbond_type_28 
_ndb_struct_na_base_pair.hbond_type_12 
1 A DA 3  1_555 D DT 15 1_555 1.046  0.351  0.703  9.330  -9.095  0.200  1  A_DA3:DT16_D A 3  ? D 16 ? 20 1 
1 A DC 4  1_555 D DG 14 1_555 -0.773 0.027  0.608  4.265  -13.215 0.320  2  A_DC4:DG15_D A 4  ? D 15 ? 19 1 
1 A DG 5  1_555 D DC 13 1_555 -0.044 -0.210 0.407  9.478  -18.093 3.338  3  A_DG5:DC14_D A 5  ? D 14 ? 19 1 
1 A DA 6  1_555 D DT 12 1_555 0.274  -0.272 -0.234 -1.879 -17.434 1.250  4  A_DA6:DT13_D A 6  ? D 13 ? 20 1 
1 A DC 7  1_555 D DG 11 1_555 0.398  -0.615 0.156  4.202  -14.010 -1.548 5  A_DC7:DG12_D A 7  ? D 12 ? 19 1 
1 A DA 8  1_555 D DT 10 1_555 -0.427 -0.303 0.314  -3.600 -10.082 -3.733 6  A_DA8:DT11_D A 8  ? D 11 ? 20 1 
1 A DG 9  1_555 D DC 9  1_555 -0.119 -0.373 0.204  -7.312 -15.048 -6.350 7  A_DG9:DC10_D A 9  ? D 10 ? 19 1 
1 A DT 10 1_555 C DA 3  1_555 -0.896 0.030  0.312  -7.819 -17.981 14.435 8  A_DT10:DA2_C A 10 ? C 2  ? 20 1 
1 A DG 11 1_555 C DC 2  1_555 -0.033 -0.222 0.097  -2.242 -7.981  2.863  9  A_DG11:DC1_C A 11 ? C 1  ? 19 1 
1 A DA 12 1_555 C DT 1  1_555 0.577  -0.219 0.396  1.897  -9.969  -1.947 10 A_DA12:DT0_C A 12 ? C 0  ? 20 1 
1 B DC 1  1_555 C DG 6  1_555 -0.114 -0.059 0.410  -2.263 -7.108  -3.773 11 B_DC12:DG5_C B 12 ? C 5  ? 19 1 
1 B DG 2  1_555 C DC 5  1_555 0.475  -0.113 0.428  12.845 -7.629  3.502  12 B_DG13:DC4_C B 13 ? C 4  ? 19 1 
1 B DC 3  1_555 C DG 4  1_555 -0.180 -0.248 0.385  5.964  -11.554 -4.360 13 B_DC14:DG3_C B 14 ? C 3  ? 19 1 
1 B DC 4  1_555 D DG 8  1_555 -0.052 -0.175 0.606  -5.177 -8.735  2.080  14 B_DC15:DG9_D B 15 ? D 9  ? 19 1 
1 B DG 5  1_555 D DC 7  1_555 0.329  -0.094 0.747  9.669  -7.679  0.335  15 B_DG16:DC8_D B 16 ? D 8  ? 19 1 
1 B DA 6  1_555 D DT 6  1_555 0.323  -0.379 0.556  4.939  -8.831  -4.635 16 B_DA17:DT7_D B 17 ? D 7  ? 20 1 
1 B DC 7  1_555 D DG 5  1_555 0.134  -0.182 0.054  6.204  -6.834  6.714  17 B_DC18:DG6_D B 18 ? D 6  ? 19 1 
1 B DT 8  1_555 D DA 4  1_555 -0.021 -0.261 -0.309 6.505  -11.141 2.037  18 B_DT19:DA5_D B 19 ? D 5  ? 20 1 
1 B DC 9  1_555 D DG 3  1_555 0.883  -0.062 -0.644 10.701 -17.993 3.260  19 B_DC20:DG4_D B 20 ? D 4  ? 19 1 
# 
loop_
_ndb_struct_na_base_pair_step.model_number 
_ndb_struct_na_base_pair_step.i_label_asym_id_1 
_ndb_struct_na_base_pair_step.i_label_comp_id_1 
_ndb_struct_na_base_pair_step.i_label_seq_id_1 
_ndb_struct_na_base_pair_step.i_symmetry_1 
_ndb_struct_na_base_pair_step.j_label_asym_id_1 
_ndb_struct_na_base_pair_step.j_label_comp_id_1 
_ndb_struct_na_base_pair_step.j_label_seq_id_1 
_ndb_struct_na_base_pair_step.j_symmetry_1 
_ndb_struct_na_base_pair_step.i_label_asym_id_2 
_ndb_struct_na_base_pair_step.i_label_comp_id_2 
_ndb_struct_na_base_pair_step.i_label_seq_id_2 
_ndb_struct_na_base_pair_step.i_symmetry_2 
_ndb_struct_na_base_pair_step.j_label_asym_id_2 
_ndb_struct_na_base_pair_step.j_label_comp_id_2 
_ndb_struct_na_base_pair_step.j_label_seq_id_2 
_ndb_struct_na_base_pair_step.j_symmetry_2 
_ndb_struct_na_base_pair_step.shift 
_ndb_struct_na_base_pair_step.slide 
_ndb_struct_na_base_pair_step.rise 
_ndb_struct_na_base_pair_step.tilt 
_ndb_struct_na_base_pair_step.roll 
_ndb_struct_na_base_pair_step.twist 
_ndb_struct_na_base_pair_step.x_displacement 
_ndb_struct_na_base_pair_step.y_displacement 
_ndb_struct_na_base_pair_step.helical_rise 
_ndb_struct_na_base_pair_step.inclination 
_ndb_struct_na_base_pair_step.tip 
_ndb_struct_na_base_pair_step.helical_twist 
_ndb_struct_na_base_pair_step.step_number 
_ndb_struct_na_base_pair_step.step_name 
_ndb_struct_na_base_pair_step.i_auth_asym_id_1 
_ndb_struct_na_base_pair_step.i_auth_seq_id_1 
_ndb_struct_na_base_pair_step.i_PDB_ins_code_1 
_ndb_struct_na_base_pair_step.j_auth_asym_id_1 
_ndb_struct_na_base_pair_step.j_auth_seq_id_1 
_ndb_struct_na_base_pair_step.j_PDB_ins_code_1 
_ndb_struct_na_base_pair_step.i_auth_asym_id_2 
_ndb_struct_na_base_pair_step.i_auth_seq_id_2 
_ndb_struct_na_base_pair_step.i_PDB_ins_code_2 
_ndb_struct_na_base_pair_step.j_auth_asym_id_2 
_ndb_struct_na_base_pair_step.j_auth_seq_id_2 
_ndb_struct_na_base_pair_step.j_PDB_ins_code_2 
1 A DA 3  1_555 D DT 15 1_555 A DC 4  1_555 D DG 14 1_555 0.022  -0.695 3.414 -1.820 1.445  26.436 -1.910 -0.545 3.363 3.153  
3.971  26.536 1  AA_DA3DC4:DG15DT16_DD A 3  ? D 16 ? A 4  ? D 15 ? 
1 A DC 4  1_555 D DG 14 1_555 A DG 5  1_555 D DC 13 1_555 0.375  0.608  3.449 1.685  4.445  39.784 0.346  -0.343 3.506 6.503  
-2.465 40.056 2  AA_DC4DG5:DC14DG15_DD A 4  ? D 15 ? A 5  ? D 14 ? 
1 A DG 5  1_555 D DC 13 1_555 A DA 6  1_555 D DT 12 1_555 -0.819 0.637  3.625 1.461  -1.457 38.255 1.172  1.449  3.567 -2.222 
-2.227 38.308 3  AA_DG5DA6:DT13DC14_DD A 5  ? D 14 ? A 6  ? D 13 ? 
1 A DA 6  1_555 D DT 12 1_555 A DC 7  1_555 D DG 11 1_555 0.456  -0.521 3.249 -3.700 -2.772 33.787 -0.451 -1.360 3.214 -4.743 
6.329  34.093 4  AA_DA6DC7:DG12DT13_DD A 6  ? D 13 ? A 7  ? D 12 ? 
1 A DC 7  1_555 D DG 11 1_555 A DA 8  1_555 D DT 10 1_555 -0.098 -0.847 3.314 -1.578 0.121  33.309 -1.497 -0.095 3.312 0.211  
2.750  33.345 5  AA_DC7DA8:DT11DG12_DD A 7  ? D 12 ? A 8  ? D 11 ? 
1 A DA 8  1_555 D DT 10 1_555 A DG 9  1_555 D DC 9  1_555 -0.003 -0.628 3.355 -3.970 1.195  40.851 -1.029 -0.437 3.322 1.706  
5.670  41.052 6  AA_DA8DG9:DC10DT11_DD A 8  ? D 11 ? A 9  ? D 10 ? 
1 A DG 9  1_555 D DC 9  1_555 A DT 10 1_555 C DA 3  1_555 -0.365 -1.573 3.144 -0.687 3.658  19.778 -6.050 0.754  2.820 10.529 
1.979  20.122 7  AA_DG9DT10:DA2DC10_CD A 9  ? D 10 ? A 10 ? C 2  ? 
1 A DT 10 1_555 C DA 3  1_555 A DG 11 1_555 C DC 2  1_555 -0.857 1.355  3.246 -1.847 4.831  37.967 1.445  1.069  3.423 7.383  
2.822  38.305 8  AA_DT10DG11:DC1DA2_CC A 10 ? C 2  ? A 11 ? C 1  ? 
1 A DG 11 1_555 C DC 2  1_555 A DA 12 1_555 C DT 1  1_555 -0.137 0.079  3.173 -2.981 3.336  41.543 -0.230 -0.113 3.171 4.687  
4.188  41.773 9  AA_DG11DA12:DT0DC1_CC A 11 ? C 1  ? A 12 ? C 0  ? 
1 B DC 1  1_555 C DG 6  1_555 B DG 2  1_555 C DC 5  1_555 0.180  -0.102 3.097 0.690  3.309  35.462 -0.621 -0.199 3.078 5.418  
-1.129 35.618 10 BB_DC12DG13:DC4DG5_CC B 12 ? C 5  ? B 13 ? C 4  ? 
1 B DG 2  1_555 C DC 5  1_555 B DC 3  1_555 C DG 4  1_555 0.346  -1.226 3.363 -1.731 2.717  31.652 -2.738 -0.952 3.227 4.965  
3.163  31.811 11 BB_DG13DC14:DG3DC4_CC B 13 ? C 4  ? B 14 ? C 3  ? 
1 B DC 3  1_555 C DG 4  1_555 B DC 4  1_555 D DG 8  1_555 -0.658 -1.336 3.427 -2.605 0.638  30.737 -2.643 0.704  3.442 1.200  
4.902  30.851 12 BB_DC14DC15:DG9DG3_DC B 14 ? C 3  ? B 15 ? D 9  ? 
1 B DC 4  1_555 D DG 8  1_555 B DG 5  1_555 D DC 7  1_555 -0.547 0.358  2.993 0.214  7.959  35.298 -0.464 0.909  2.997 12.922 
-0.348 36.157 13 BB_DC15DG16:DC8DG9_DD B 15 ? D 9  ? B 16 ? D 8  ? 
1 B DG 5  1_555 D DC 7  1_555 B DA 6  1_555 D DT 6  1_555 -0.191 -0.410 3.361 0.283  4.026  35.500 -1.262 0.352  3.295 6.576  
-0.463 35.722 14 BB_DG16DA17:DT7DC8_DD B 16 ? D 8  ? B 17 ? D 7  ? 
1 B DA 6  1_555 D DT 6  1_555 B DC 7  1_555 D DG 5  1_555 0.759  -0.774 3.180 2.392  1.045  29.626 -1.722 -0.988 3.201 2.039  
-4.666 29.738 15 BB_DA17DC18:DG6DT7_DD B 17 ? D 7  ? B 18 ? D 6  ? 
1 B DC 7  1_555 D DG 5  1_555 B DT 8  1_555 D DA 4  1_555 0.018  -0.172 3.242 5.940  4.416  35.619 -0.884 0.791  3.161 7.124  
-9.583 36.356 16 BB_DC18DT19:DA5DG6_DD B 18 ? D 6  ? B 19 ? D 5  ? 
1 B DT 8  1_555 D DA 4  1_555 B DC 9  1_555 D DG 3  1_555 0.115  0.440  3.404 5.432  3.722  38.539 0.188  0.514  3.415 5.589  
-8.157 39.077 17 BB_DT19DC20:DG4DA5_DD B 19 ? D 5  ? B 20 ? D 4  ? 
# 
loop_
_pdbx_audit_support.funding_organization 
_pdbx_audit_support.country 
_pdbx_audit_support.grant_number 
_pdbx_audit_support.ordinal 
'National Science Foundation (NSF, United States)'                                         'United States' 1360635     1 
'National Institutes of Health/National Institute of General Medical Sciences (NIH/NIGMS)' 'United States' R01GM104960 2 
'National Science Foundation (NSF, United States)'                                         'United States' NSF2004250  3 
# 
loop_
_pdbx_entity_nonpoly.entity_id 
_pdbx_entity_nonpoly.name 
_pdbx_entity_nonpoly.comp_id 
5 'MAGNESIUM ION'  MG  
6 'CACODYLATE ION' CAC 
# 
_pdbx_initial_refinement_model.id               1 
_pdbx_initial_refinement_model.entity_id_list   ? 
_pdbx_initial_refinement_model.type             'experimental model' 
_pdbx_initial_refinement_model.source_name      PDB 
_pdbx_initial_refinement_model.accession_code   6XNA 
_pdbx_initial_refinement_model.details          ? 
# 
_pdbx_struct_assembly_auth_evidence.id                     1 
_pdbx_struct_assembly_auth_evidence.assembly_id            1 
_pdbx_struct_assembly_auth_evidence.experimental_support   none 
_pdbx_struct_assembly_auth_evidence.details                ? 
# 
